data_6I6X
#
_entry.id   6I6X
#
_cell.length_a   259.184
_cell.length_b   259.184
_cell.length_c   71.010
_cell.angle_alpha   90.00
_cell.angle_beta   90.00
_cell.angle_gamma   120.00
#
_symmetry.space_group_name_H-M   'H 3'
#
loop_
_entity.id
_entity.type
_entity.pdbx_description
1 polymer Alpha-L-iduronidase
2 polymer Alpha-L-iduronidase
3 branched 2-acetamido-2-deoxy-beta-D-glucopyranose-(1-4)-2-acetamido-2-deoxy-beta-D-glucopyranose
4 branched alpha-D-mannopyranose-(1-3)-[alpha-D-mannopyranose-(1-6)]beta-D-mannopyranose-(1-4)-2-acetamido-2-deoxy-beta-D-glucopyranose-(1-4)-2-acetamido-2-deoxy-beta-D-glucopyranose
5 branched alpha-D-mannopyranose-(1-3)-alpha-D-mannopyranose-(1-6)-[alpha-D-mannopyranose-(1-3)]beta-D-mannopyranose-(1-4)-2-acetamido-2-deoxy-beta-D-glucopyranose-(1-4)-2-acetamido-2-deoxy-beta-D-glucopyranose
6 non-polymer 2-acetamido-2-deoxy-beta-D-glucopyranose
7 non-polymer '(1~{R},2~{R},3~{R},4~{S},5~{S},6~{R})-7-methyl-3,4,5-tris(oxidanyl)-7-azabicyclo[4.1.0]heptane-2-carboxylic acid'
8 non-polymer GLYCEROL
9 non-polymer 'L(+)-TARTARIC ACID'
10 non-polymer 'CHLORIDE ION'
11 water water
#
loop_
_entity_poly.entity_id
_entity_poly.type
_entity_poly.pdbx_seq_one_letter_code
_entity_poly.pdbx_strand_id
1 'polypeptide(L)'
;EAPHLVQVDAARALWPLRRFWRSTGFCPPLPHSQADPYVLSWDQQLNLAYVGAVPHRGIKQVRTHWLLELVTTRGSTGRG
LSYNFTHLDGYLDLLRENQLLPGFELMGSASGHFTDFEDKQQVFEWKDLVSSLARRYIGRYGLAHVSKWNFETWNEPDHH
DFDNVSMTMQGFLNYYDACSEGLRAASPALRLGGPGDSFHTPPRSPLSWGLLRHCHDGTNFFTGEAGVRLDYISLHRKGA
RSSISILEQEKVVAQQIRQLFPKFADTPIYNDEADPLVGWSLPQPWRADVTYAAMVVKVIAQHQNLLLANTTSAFPYALL
SNDNAFLSYHPHPFAQRTLTARFQVNNTRPPHVQLLRKPVLTAMGLLALLDEEQLWAEVSQAGTVLDSNHTVGVLASAHR
PQGPADAWRAAVLIYASDDTRAHPNRSVAVTLRLRGVPPGPGLVYVTRYLDNGLCSPDGEWRRLGRPVFPTAEQFRRMRA
AEDPVAAAPRPLPAGGRLTLRPALRLPSLLLVHVCARPEKPPGQVTRLRALPLTQGQLVLVWSDEHVGSKCLWTYEIQFS
QDGKAYTPVSRKPSTFNLFVFSPDTGAVSGSYRVRALDYWARPGPFSDPVPYLEVPVPRGPPSPGNP
;
A
2 'polypeptide(L)'
;EAPHLVQVDAARALWPLRRFWRSTGFCPPLPHSQADPYVLSWDQQLNLAYVGAVPHRGIKQVRTHWLLELVTTRGSTGQG
LSYNFTHLDGYLDLLRENQLLPGFELMGSASGHFTDFEDKQQVFEWKDLVSSLARRYIGRYGLAHVSKWNFETWNEPDHH
DFDNVSMTMQGFLNYYDACSEGLRAASPALRLGGPGDSFHTPPRSPLSWGLLRHCHDGTNFFTGEAGVRLDYISLHRKGA
RSSISILEQEKVVAQQIRQLFPKFADTPIYNDEADPLVGWSLPQPWRADVTYAAMVVKVIAQHQNLLLANTTSAFPYALL
SNDNAFLSYHPHPFAQRTLTARFQVNNTRPPHVQLLRKPVLTAMGLLALLDEEQLWAEVSQAGTVLDSNHTVGVLASAHR
PQGPADAWRAAVLIYASDDTRAHPNRSVAVTLRLRGVPPGPGLVYVTRYLDNGLCSPDGEWRRLGRPVFPTAEQFRRMRA
AEDPVAAAPRPLPAGGRLTLRPALRLPSLLLVHVCARPEKPPGQVTRLRALPLTQGQLVLVWSDEHVGSKCLWTYEIQFS
QDGKAYTPVSRKPSTFNLFVFSPDTGAVSGSYRVRALDYWARPGPFSDPVPYLEVPVPRGPPSPGNP
;
B
#
loop_
_chem_comp.id
_chem_comp.type
_chem_comp.name
_chem_comp.formula
BMA D-saccharide, beta linking beta-D-mannopyranose 'C6 H12 O6'
CL non-polymer 'CHLORIDE ION' 'Cl -1'
GOL non-polymer GLYCEROL 'C3 H8 O3'
H6B non-polymer '(1~{R},2~{R},3~{R},4~{S},5~{S},6~{R})-7-methyl-3,4,5-tris(oxidanyl)-7-azabicyclo[4.1.0]heptane-2-carboxylic acid' 'C8 H13 N O5'
MAN D-saccharide, alpha linking alpha-D-mannopyranose 'C6 H12 O6'
NAG D-saccharide, beta linking 2-acetamido-2-deoxy-beta-D-glucopyranose 'C8 H15 N O6'
TLA non-polymer 'L(+)-TARTARIC ACID' 'C4 H6 O6'
#
# COMPACT_ATOMS: atom_id res chain seq x y z
N GLU A 1 18.67 -12.38 46.77
CA GLU A 1 18.26 -11.14 46.03
C GLU A 1 17.88 -10.03 46.99
N ALA A 2 18.87 -9.22 47.40
CA ALA A 2 18.63 -8.14 48.36
C ALA A 2 17.82 -7.05 47.67
N PRO A 3 16.92 -6.37 48.43
CA PRO A 3 16.09 -5.34 47.84
C PRO A 3 16.91 -4.14 47.38
N HIS A 4 16.39 -3.39 46.40
CA HIS A 4 17.01 -2.13 46.01
C HIS A 4 16.57 -1.08 47.00
N LEU A 5 17.50 -0.28 47.47
CA LEU A 5 17.19 0.79 48.39
C LEU A 5 17.28 2.09 47.61
N VAL A 6 16.22 2.89 47.67
CA VAL A 6 16.20 4.20 47.02
C VAL A 6 15.98 5.26 48.07
N GLN A 7 17.03 6.02 48.38
CA GLN A 7 16.96 7.10 49.36
C GLN A 7 16.89 8.43 48.63
N VAL A 8 16.01 9.30 49.09
CA VAL A 8 15.84 10.63 48.56
C VAL A 8 15.81 11.64 49.71
N ASP A 9 16.56 12.73 49.54
CA ASP A 9 16.66 13.79 50.52
C ASP A 9 16.02 15.05 49.97
N ALA A 10 14.84 15.38 50.49
CA ALA A 10 14.02 16.49 50.00
C ALA A 10 14.42 17.83 50.60
N ALA A 11 15.42 17.82 51.48
CA ALA A 11 16.00 19.06 51.99
C ALA A 11 17.16 19.51 51.10
N ARG A 12 17.87 18.55 50.53
CA ARG A 12 19.06 18.81 49.69
C ARG A 12 18.69 19.01 48.20
N ALA A 13 18.26 20.24 47.89
CA ALA A 13 18.03 20.66 46.52
C ALA A 13 19.37 21.00 45.89
N LEU A 14 19.85 20.19 44.94
CA LEU A 14 21.26 20.28 44.47
C LEU A 14 21.58 21.34 43.40
N TRP A 15 20.75 21.42 42.37
CA TRP A 15 20.95 22.32 41.24
C TRP A 15 19.69 22.33 40.39
N PRO A 16 19.61 23.22 39.41
CA PRO A 16 18.50 23.18 38.48
C PRO A 16 18.35 21.83 37.78
N LEU A 17 17.10 21.47 37.51
CA LEU A 17 16.74 20.35 36.62
C LEU A 17 16.02 20.95 35.41
N ARG A 18 16.61 20.75 34.23
CA ARG A 18 15.98 21.21 33.00
C ARG A 18 15.28 20.08 32.32
N ARG A 19 14.10 20.37 31.78
CA ARG A 19 13.31 19.40 31.08
C ARG A 19 13.76 19.39 29.61
N PHE A 20 14.92 18.77 29.41
CA PHE A 20 15.65 18.78 28.12
C PHE A 20 15.16 17.79 27.06
N TRP A 21 14.16 17.00 27.42
CA TRP A 21 13.70 15.85 26.62
C TRP A 21 12.34 16.08 25.96
N ARG A 22 11.81 17.30 25.99
CA ARG A 22 10.41 17.55 25.59
C ARG A 22 10.28 17.77 24.08
N SER A 23 10.74 16.77 23.34
CA SER A 23 10.77 16.80 21.88
C SER A 23 10.39 15.43 21.31
N THR A 24 9.70 15.47 20.17
CA THR A 24 9.53 14.30 19.34
C THR A 24 9.80 14.73 17.89
N GLY A 25 9.65 13.79 16.95
CA GLY A 25 9.73 14.14 15.53
C GLY A 25 9.26 13.04 14.60
N PHE A 26 9.17 13.35 13.31
CA PHE A 26 8.80 12.35 12.31
C PHE A 26 9.09 12.83 10.89
N CYS A 27 8.92 11.92 9.94
CA CYS A 27 9.10 12.17 8.51
C CYS A 27 7.81 11.81 7.79
N PRO A 28 7.26 12.71 6.95
CA PRO A 28 6.17 12.26 6.08
C PRO A 28 6.62 11.17 5.09
N PRO A 29 5.70 10.29 4.64
CA PRO A 29 6.07 9.24 3.69
C PRO A 29 6.29 9.77 2.26
N LEU A 30 6.75 8.89 1.37
CA LEU A 30 6.81 9.17 -0.08
C LEU A 30 5.40 9.13 -0.71
N PRO A 31 5.11 9.98 -1.71
CA PRO A 31 6.05 10.97 -2.22
C PRO A 31 5.95 12.23 -1.38
N HIS A 32 6.90 13.15 -1.53
CA HIS A 32 6.92 14.38 -0.73
C HIS A 32 5.99 15.45 -1.38
N SER A 33 4.74 15.47 -0.90
CA SER A 33 3.59 16.12 -1.57
C SER A 33 3.48 15.74 -3.05
N TYR A 38 -0.45 14.49 3.79
CA TYR A 38 -0.29 13.59 4.93
C TYR A 38 -0.25 14.38 6.23
N VAL A 39 0.63 15.38 6.31
CA VAL A 39 0.74 16.22 7.51
C VAL A 39 -0.57 16.98 7.85
N LEU A 40 -1.47 17.18 6.89
CA LEU A 40 -2.79 17.82 7.15
C LEU A 40 -4.00 16.84 7.18
N SER A 41 -3.73 15.53 7.15
CA SER A 41 -4.82 14.54 7.21
C SER A 41 -5.42 14.49 8.60
N TRP A 42 -6.65 13.96 8.70
CA TRP A 42 -7.27 13.76 10.01
C TRP A 42 -6.36 12.93 10.94
N ASP A 43 -5.68 11.91 10.40
CA ASP A 43 -4.73 11.10 11.17
C ASP A 43 -3.70 11.98 11.88
N GLN A 44 -3.06 12.85 11.12
CA GLN A 44 -2.05 13.71 11.73
C GLN A 44 -2.66 14.71 12.70
N GLN A 45 -3.85 15.21 12.40
CA GLN A 45 -4.53 16.11 13.34
C GLN A 45 -4.81 15.44 14.68
N LEU A 46 -5.24 14.17 14.65
CA LEU A 46 -5.43 13.41 15.85
C LEU A 46 -4.11 13.15 16.54
N ASN A 47 -3.09 12.81 15.76
CA ASN A 47 -1.77 12.47 16.31
C ASN A 47 -1.19 13.65 17.11
N LEU A 48 -1.29 14.84 16.56
CA LEU A 48 -0.74 16.01 17.24
C LEU A 48 -1.61 16.44 18.41
N ALA A 49 -2.91 16.14 18.35
CA ALA A 49 -3.73 16.36 19.53
C ALA A 49 -3.23 15.49 20.68
N TYR A 50 -2.90 14.23 20.40
CA TYR A 50 -2.39 13.34 21.43
C TYR A 50 -1.01 13.81 21.92
N VAL A 51 -0.14 14.25 21.02
CA VAL A 51 1.19 14.75 21.43
C VAL A 51 1.09 15.98 22.34
N GLY A 52 0.23 16.94 21.98
CA GLY A 52 0.05 18.18 22.76
C GLY A 52 -0.72 18.01 24.08
N ALA A 53 -1.38 16.87 24.23
CA ALA A 53 -2.19 16.63 25.42
C ALA A 53 -1.37 16.07 26.58
N VAL A 54 -0.10 15.75 26.32
CA VAL A 54 0.77 15.39 27.42
C VAL A 54 0.77 16.56 28.37
N PRO A 55 0.52 16.30 29.65
CA PRO A 55 0.32 17.43 30.56
C PRO A 55 1.58 18.25 30.84
N HIS A 56 1.33 19.50 31.25
CA HIS A 56 2.34 20.44 31.72
C HIS A 56 3.46 20.67 30.69
N ARG A 57 3.03 20.87 29.44
CA ARG A 57 3.93 21.08 28.31
C ARG A 57 5.03 20.00 28.19
N GLY A 58 4.65 18.76 28.49
CA GLY A 58 5.58 17.61 28.49
C GLY A 58 6.24 17.24 27.17
N ILE A 59 5.59 17.63 26.07
CA ILE A 59 6.22 17.64 24.74
C ILE A 59 6.00 19.00 24.11
N LYS A 60 7.09 19.64 23.70
CA LYS A 60 7.04 21.01 23.21
C LYS A 60 7.31 21.08 21.69
N GLN A 61 8.29 20.33 21.21
CA GLN A 61 8.79 20.43 19.87
C GLN A 61 8.46 19.16 19.05
N VAL A 62 8.02 19.36 17.80
CA VAL A 62 7.85 18.29 16.83
C VAL A 62 8.76 18.53 15.63
N ARG A 63 9.91 17.85 15.60
CA ARG A 63 10.89 17.98 14.54
C ARG A 63 10.41 17.28 13.29
N THR A 64 10.03 18.06 12.28
CA THR A 64 9.32 17.58 11.12
C THR A 64 10.13 17.72 9.82
N HIS A 65 10.33 16.62 9.10
CA HIS A 65 11.07 16.62 7.84
C HIS A 65 10.23 17.16 6.69
N TRP A 66 10.91 17.59 5.62
CA TRP A 66 10.26 17.99 4.36
C TRP A 66 9.27 19.15 4.44
N LEU A 67 9.46 20.06 5.41
CA LEU A 67 8.56 21.23 5.53
C LEU A 67 8.55 22.11 4.28
N LEU A 68 9.67 22.17 3.56
CA LEU A 68 9.69 23.05 2.40
C LEU A 68 9.22 22.34 1.12
N GLU A 69 8.64 21.16 1.25
CA GLU A 69 7.81 20.58 0.21
C GLU A 69 6.34 20.99 0.41
N LEU A 70 6.02 21.64 1.51
CA LEU A 70 4.69 22.23 1.71
C LEU A 70 4.56 23.62 1.06
N VAL A 71 5.65 24.09 0.47
CA VAL A 71 5.65 25.36 -0.24
C VAL A 71 5.71 25.03 -1.71
N THR A 72 4.83 25.64 -2.51
CA THR A 72 4.86 25.46 -3.97
C THR A 72 5.30 26.77 -4.64
N THR A 73 5.52 26.72 -5.97
CA THR A 73 5.93 27.90 -6.73
C THR A 73 5.12 28.10 -8.00
N ARG A 74 5.15 29.33 -8.47
CA ARG A 74 4.58 29.77 -9.74
C ARG A 74 5.68 30.63 -10.39
N GLY A 75 5.73 30.64 -11.73
CA GLY A 75 6.73 31.38 -12.48
C GLY A 75 8.08 30.70 -12.38
N SER A 76 9.15 31.48 -12.50
CA SER A 76 10.53 30.93 -12.48
C SER A 76 11.60 32.02 -12.21
N THR A 77 12.85 31.57 -12.09
CA THR A 77 14.04 32.44 -11.94
C THR A 77 14.01 33.67 -12.90
N GLY A 78 13.81 33.39 -14.19
CA GLY A 78 13.77 34.43 -15.23
C GLY A 78 12.44 35.12 -15.46
N ARG A 79 11.34 34.41 -15.25
CA ARG A 79 9.96 34.97 -15.42
C ARG A 79 9.51 35.84 -14.25
N GLY A 80 9.99 35.54 -13.04
CA GLY A 80 9.46 36.09 -11.78
C GLY A 80 8.88 34.97 -10.90
N LEU A 81 9.44 34.79 -9.71
CA LEU A 81 9.17 33.64 -8.85
C LEU A 81 8.23 33.94 -7.67
N SER A 82 7.17 33.16 -7.50
CA SER A 82 6.26 33.31 -6.37
C SER A 82 6.11 32.01 -5.57
N TYR A 83 5.91 32.17 -4.27
CA TYR A 83 5.71 31.03 -3.37
C TYR A 83 4.28 30.99 -2.88
N ASN A 84 3.75 29.79 -2.76
CA ASN A 84 2.42 29.56 -2.19
C ASN A 84 2.70 28.84 -0.86
N PHE A 85 2.42 29.53 0.24
CA PHE A 85 2.73 29.03 1.61
C PHE A 85 1.53 28.32 2.28
N THR A 86 0.44 28.15 1.55
CA THR A 86 -0.81 27.69 2.14
C THR A 86 -0.66 26.42 2.97
N HIS A 87 -0.09 25.39 2.40
CA HIS A 87 0.04 24.13 3.13
C HIS A 87 0.95 24.27 4.35
N LEU A 88 2.07 24.96 4.22
CA LEU A 88 2.92 25.21 5.38
C LEU A 88 2.16 25.93 6.49
N ASP A 89 1.35 26.94 6.13
CA ASP A 89 0.52 27.65 7.12
C ASP A 89 -0.36 26.65 7.88
N GLY A 90 -0.96 25.72 7.15
CA GLY A 90 -1.82 24.70 7.71
C GLY A 90 -1.14 23.86 8.79
N TYR A 91 0.06 23.38 8.49
CA TYR A 91 0.76 22.55 9.43
C TYR A 91 1.21 23.36 10.64
N LEU A 92 1.75 24.55 10.40
CA LEU A 92 2.22 25.38 11.51
C LEU A 92 1.07 25.84 12.40
N ASP A 93 -0.07 26.19 11.81
CA ASP A 93 -1.28 26.53 12.58
C ASP A 93 -1.72 25.35 13.45
N LEU A 94 -1.66 24.16 12.85
CA LEU A 94 -2.02 22.93 13.52
C LEU A 94 -1.11 22.66 14.72
N LEU A 95 0.20 22.88 14.56
CA LEU A 95 1.09 22.82 15.70
C LEU A 95 0.73 23.85 16.76
N ARG A 96 0.51 25.09 16.31
CA ARG A 96 0.16 26.19 17.22
C ARG A 96 -1.12 25.86 18.01
N GLU A 97 -2.10 25.28 17.34
CA GLU A 97 -3.37 24.93 17.98
C GLU A 97 -3.20 23.93 19.13
N ASN A 98 -2.14 23.14 19.06
CA ASN A 98 -1.83 22.14 20.06
C ASN A 98 -0.69 22.56 20.98
N GLN A 99 -0.34 23.85 20.98
CA GLN A 99 0.72 24.39 21.86
C GLN A 99 2.05 23.69 21.62
N LEU A 100 2.33 23.39 20.36
CA LEU A 100 3.58 22.78 19.96
C LEU A 100 4.34 23.74 19.05
N LEU A 101 5.65 23.49 18.96
CA LEU A 101 6.55 24.27 18.14
C LEU A 101 7.19 23.34 17.12
N PRO A 102 7.44 23.84 15.90
CA PRO A 102 8.12 22.97 14.94
C PRO A 102 9.61 22.94 15.24
N GLY A 103 10.20 21.77 15.07
CA GLY A 103 11.65 21.70 14.90
C GLY A 103 11.81 21.95 13.41
N PHE A 104 12.16 23.17 13.05
CA PHE A 104 11.96 23.63 11.67
C PHE A 104 13.18 23.37 10.81
N GLU A 105 13.28 22.13 10.33
CA GLU A 105 14.33 21.78 9.39
C GLU A 105 14.06 22.51 8.07
N LEU A 106 15.07 23.17 7.54
CA LEU A 106 14.91 23.94 6.32
C LEU A 106 15.17 23.01 5.15
N MET A 107 14.18 22.18 4.86
CA MET A 107 14.39 20.91 4.16
C MET A 107 13.33 20.72 3.10
N GLY A 108 13.75 20.72 1.84
CA GLY A 108 12.85 20.59 0.71
C GLY A 108 13.26 21.41 -0.48
N SER A 109 12.50 21.28 -1.57
CA SER A 109 12.87 21.85 -2.87
C SER A 109 11.86 22.86 -3.35
N ALA A 110 10.90 23.18 -2.48
CA ALA A 110 9.72 23.98 -2.85
C ALA A 110 9.06 23.46 -4.13
N SER A 111 8.75 22.16 -4.11
CA SER A 111 8.07 21.46 -5.20
C SER A 111 8.86 21.49 -6.51
N GLY A 112 10.14 21.19 -6.42
CA GLY A 112 10.95 21.00 -7.60
C GLY A 112 11.71 22.22 -8.10
N HIS A 113 11.50 23.38 -7.51
CA HIS A 113 12.22 24.57 -7.96
C HIS A 113 13.72 24.47 -7.68
N PHE A 114 14.10 24.11 -6.46
CA PHE A 114 15.52 24.10 -6.11
C PHE A 114 16.13 22.76 -6.51
N THR A 115 17.22 22.82 -7.28
CA THR A 115 17.90 21.64 -7.78
C THR A 115 19.40 21.57 -7.52
N ASP A 116 20.04 22.70 -7.24
CA ASP A 116 21.49 22.75 -7.25
C ASP A 116 22.00 23.93 -6.41
N PHE A 117 22.63 23.62 -5.28
CA PHE A 117 23.11 24.64 -4.39
C PHE A 117 24.52 25.11 -4.69
N GLU A 118 25.06 24.68 -5.83
CA GLU A 118 26.26 25.33 -6.37
C GLU A 118 25.89 26.36 -7.44
N ASP A 119 24.62 26.38 -7.87
CA ASP A 119 24.09 27.42 -8.77
C ASP A 119 23.86 28.71 -7.97
N LYS A 120 24.67 29.72 -8.26
CA LYS A 120 24.66 31.02 -7.60
C LYS A 120 23.23 31.65 -7.50
N GLN A 121 22.43 31.59 -8.55
CA GLN A 121 21.10 32.20 -8.51
C GLN A 121 20.18 31.48 -7.53
N GLN A 122 20.32 30.17 -7.46
CA GLN A 122 19.51 29.36 -6.55
C GLN A 122 19.89 29.64 -5.07
N VAL A 123 21.17 29.87 -4.81
CA VAL A 123 21.60 30.12 -3.44
C VAL A 123 21.01 31.44 -2.97
N PHE A 124 21.02 32.43 -3.83
CA PHE A 124 20.37 33.73 -3.55
C PHE A 124 18.87 33.62 -3.35
N GLU A 125 18.23 32.80 -4.18
CA GLU A 125 16.78 32.59 -4.08
C GLU A 125 16.43 31.92 -2.74
N TRP A 126 17.25 30.95 -2.33
CA TRP A 126 17.08 30.26 -1.05
C TRP A 126 17.14 31.23 0.14
N LYS A 127 18.16 32.09 0.14
CA LYS A 127 18.26 33.10 1.20
C LYS A 127 16.96 33.88 1.31
N ASP A 128 16.45 34.36 0.17
CA ASP A 128 15.23 35.15 0.18
C ASP A 128 13.98 34.35 0.56
N LEU A 129 13.90 33.09 0.13
CA LEU A 129 12.85 32.21 0.60
C LEU A 129 12.89 32.07 2.13
N VAL A 130 14.08 31.81 2.67
CA VAL A 130 14.21 31.63 4.10
C VAL A 130 13.75 32.89 4.86
N SER A 131 14.16 34.06 4.39
CA SER A 131 13.75 35.33 4.97
C SER A 131 12.26 35.58 4.89
N SER A 132 11.66 35.26 3.73
CA SER A 132 10.23 35.43 3.50
C SER A 132 9.43 34.58 4.47
N LEU A 133 9.89 33.36 4.66
CA LEU A 133 9.29 32.37 5.55
C LEU A 133 9.31 32.91 6.96
N ALA A 134 10.49 33.36 7.37
CA ALA A 134 10.69 33.77 8.74
C ALA A 134 9.86 35.00 9.05
N ARG A 135 9.87 35.96 8.13
CA ARG A 135 9.08 37.18 8.32
C ARG A 135 7.60 36.86 8.31
N ARG A 136 7.21 35.94 7.45
CA ARG A 136 5.80 35.54 7.38
C ARG A 136 5.33 35.03 8.73
N TYR A 137 6.09 34.14 9.34
CA TYR A 137 5.64 33.51 10.59
C TYR A 137 5.87 34.39 11.81
N ILE A 138 6.86 35.28 11.74
CA ILE A 138 6.97 36.40 12.70
C ILE A 138 5.72 37.27 12.66
N GLY A 139 5.23 37.57 11.47
CA GLY A 139 3.97 38.31 11.37
C GLY A 139 2.78 37.52 11.87
N ARG A 140 2.76 36.21 11.57
CA ARG A 140 1.63 35.40 11.88
C ARG A 140 1.53 35.09 13.38
N TYR A 141 2.67 34.83 14.03
CA TYR A 141 2.67 34.36 15.42
C TYR A 141 3.38 35.30 16.41
N GLY A 142 4.07 36.33 15.94
CA GLY A 142 4.86 37.20 16.82
C GLY A 142 6.31 36.73 16.94
N LEU A 143 7.21 37.68 17.06
CA LEU A 143 8.63 37.37 17.15
C LEU A 143 9.00 36.55 18.39
N ALA A 144 8.34 36.82 19.50
CA ALA A 144 8.59 36.07 20.73
C ALA A 144 8.37 34.58 20.45
N HIS A 145 7.28 34.25 19.78
CA HIS A 145 7.01 32.86 19.49
C HIS A 145 8.04 32.23 18.54
N VAL A 146 8.30 32.88 17.41
CA VAL A 146 9.15 32.28 16.38
C VAL A 146 10.60 32.17 16.86
N SER A 147 11.01 33.05 17.75
CA SER A 147 12.38 33.00 18.26
C SER A 147 12.60 31.84 19.23
N LYS A 148 11.54 31.15 19.65
CA LYS A 148 11.71 29.90 20.39
C LYS A 148 12.05 28.70 19.48
N TRP A 149 11.83 28.84 18.18
CA TRP A 149 11.95 27.71 17.26
C TRP A 149 13.38 27.31 17.00
N ASN A 150 13.65 26.00 16.99
CA ASN A 150 14.94 25.49 16.54
C ASN A 150 14.94 25.33 15.03
N PHE A 151 15.36 26.37 14.30
CA PHE A 151 15.59 26.19 12.88
C PHE A 151 16.84 25.30 12.73
N GLU A 152 16.87 24.50 11.68
CA GLU A 152 17.91 23.50 11.55
C GLU A 152 18.17 23.20 10.10
N THR A 153 19.36 22.69 9.84
CA THR A 153 19.69 22.21 8.50
C THR A 153 18.82 21.03 8.10
N TRP A 154 18.81 20.81 6.79
CA TRP A 154 18.37 19.59 6.14
C TRP A 154 18.82 18.37 6.93
N ASN A 155 17.92 17.41 7.10
CA ASN A 155 18.21 16.21 7.87
C ASN A 155 19.28 15.30 7.29
N GLU A 156 20.16 14.81 8.16
CA GLU A 156 21.16 13.81 7.81
C GLU A 156 21.79 14.05 6.42
N PRO A 157 22.55 15.17 6.29
CA PRO A 157 23.21 15.50 5.02
C PRO A 157 24.22 14.47 4.52
N ASP A 158 24.87 13.74 5.41
CA ASP A 158 25.79 12.68 4.98
C ASP A 158 25.09 11.38 4.62
N HIS A 159 23.77 11.31 4.71
CA HIS A 159 23.03 10.13 4.30
C HIS A 159 22.35 10.29 2.93
N HIS A 160 22.82 11.23 2.10
CA HIS A 160 22.45 11.32 0.68
C HIS A 160 20.94 11.39 0.42
N ASP A 161 20.21 12.07 1.32
CA ASP A 161 18.75 12.05 1.31
C ASP A 161 18.19 13.35 0.74
N PHE A 162 18.44 13.59 -0.55
CA PHE A 162 18.19 14.89 -1.15
C PHE A 162 17.17 14.95 -2.30
N ASP A 163 16.49 13.84 -2.61
CA ASP A 163 15.59 13.76 -3.78
C ASP A 163 16.35 14.15 -5.07
N ASN A 164 15.76 15.01 -5.92
CA ASN A 164 16.42 15.50 -7.13
C ASN A 164 17.14 16.82 -6.87
N VAL A 165 17.84 16.90 -5.74
CA VAL A 165 18.61 18.08 -5.38
C VAL A 165 20.07 17.70 -5.26
N SER A 166 20.89 18.33 -6.06
CA SER A 166 22.32 18.17 -5.97
C SER A 166 22.82 18.98 -4.78
N MET A 167 23.34 18.28 -3.78
CA MET A 167 23.90 18.91 -2.56
C MET A 167 25.29 18.36 -2.31
N THR A 168 26.28 18.93 -2.98
CA THR A 168 27.67 18.56 -2.76
C THR A 168 28.17 19.15 -1.43
N MET A 169 29.41 18.86 -1.08
CA MET A 169 30.04 19.43 0.10
C MET A 169 29.98 20.94 0.04
N GLN A 170 30.40 21.52 -1.08
CA GLN A 170 30.38 22.98 -1.20
C GLN A 170 28.94 23.50 -1.22
N GLY A 171 28.05 22.77 -1.88
CA GLY A 171 26.64 23.15 -1.97
C GLY A 171 25.97 23.23 -0.61
N PHE A 172 26.32 22.29 0.27
CA PHE A 172 25.80 22.28 1.63
C PHE A 172 26.23 23.54 2.40
N LEU A 173 27.46 23.99 2.17
CA LEU A 173 27.95 25.18 2.89
C LEU A 173 27.28 26.44 2.37
N ASN A 174 27.00 26.49 1.07
CA ASN A 174 26.29 27.63 0.48
C ASN A 174 24.87 27.67 1.03
N TYR A 175 24.23 26.51 1.00
CA TYR A 175 22.87 26.30 1.54
C TYR A 175 22.80 26.78 2.99
N TYR A 176 23.79 26.40 3.78
CA TYR A 176 23.87 26.84 5.17
C TYR A 176 23.95 28.33 5.31
N ASP A 177 24.83 28.97 4.53
CA ASP A 177 25.01 30.40 4.61
C ASP A 177 23.73 31.09 4.18
N ALA A 178 23.06 30.57 3.16
CA ALA A 178 21.77 31.10 2.75
C ALA A 178 20.70 30.96 3.88
N CYS A 179 20.69 29.83 4.58
CA CYS A 179 19.79 29.66 5.72
C CYS A 179 20.16 30.68 6.79
N SER A 180 21.46 30.79 7.06
CA SER A 180 21.88 31.65 8.19
C SER A 180 21.59 33.12 7.92
N GLU A 181 21.96 33.59 6.73
CA GLU A 181 21.69 34.98 6.35
C GLU A 181 20.20 35.27 6.17
N GLY A 182 19.45 34.33 5.59
CA GLY A 182 18.01 34.50 5.41
C GLY A 182 17.31 34.77 6.74
N LEU A 183 17.62 33.94 7.72
CA LEU A 183 17.06 34.14 9.04
C LEU A 183 17.54 35.45 9.66
N ARG A 184 18.82 35.76 9.46
CA ARG A 184 19.37 36.96 10.07
C ARG A 184 18.72 38.21 9.47
N ALA A 185 18.51 38.20 8.16
CA ALA A 185 17.83 39.30 7.51
C ALA A 185 16.44 39.57 8.09
N ALA A 186 15.78 38.52 8.59
CA ALA A 186 14.48 38.69 9.24
C ALA A 186 14.66 39.19 10.68
N SER A 187 15.56 38.56 11.42
CA SER A 187 15.81 38.95 12.79
C SER A 187 17.02 38.24 13.38
N PRO A 188 17.86 38.99 14.11
CA PRO A 188 19.02 38.36 14.76
C PRO A 188 18.61 37.43 15.89
N ALA A 189 17.39 37.59 16.39
CA ALA A 189 16.90 36.77 17.49
C ALA A 189 16.65 35.29 17.10
N LEU A 190 16.59 34.98 15.80
CA LEU A 190 16.25 33.63 15.37
C LEU A 190 17.44 32.68 15.45
N ARG A 191 17.16 31.45 15.83
CA ARG A 191 18.19 30.47 16.16
C ARG A 191 18.38 29.42 15.06
N LEU A 192 19.62 29.12 14.68
CA LEU A 192 19.90 28.11 13.67
C LEU A 192 21.04 27.18 14.12
N GLY A 193 20.85 25.87 13.91
CA GLY A 193 21.84 24.85 14.26
C GLY A 193 21.83 23.74 13.23
N GLY A 194 22.71 22.76 13.41
CA GLY A 194 22.88 21.67 12.44
C GLY A 194 24.08 20.86 12.89
N PRO A 195 24.46 19.79 12.18
CA PRO A 195 23.93 19.38 10.90
C PRO A 195 22.84 18.34 11.00
N GLY A 196 22.63 17.78 12.19
CA GLY A 196 21.66 16.71 12.34
C GLY A 196 22.12 15.40 11.70
N ASP A 197 23.30 14.93 12.10
CA ASP A 197 23.86 13.67 11.59
C ASP A 197 24.77 12.99 12.62
N SER A 198 25.39 11.88 12.21
CA SER A 198 26.10 10.99 13.14
C SER A 198 27.42 11.47 13.67
N PHE A 199 28.19 12.23 12.87
CA PHE A 199 29.56 12.57 13.22
C PHE A 199 30.39 11.31 13.46
N HIS A 200 30.36 10.39 12.50
CA HIS A 200 31.28 9.26 12.53
C HIS A 200 32.71 9.75 12.32
N THR A 201 33.69 8.89 12.62
CA THR A 201 35.10 9.28 12.56
C THR A 201 35.54 9.65 11.14
N PRO A 202 36.27 10.78 10.97
CA PRO A 202 36.78 11.12 9.63
C PRO A 202 37.66 9.99 9.08
N PRO A 203 37.57 9.67 7.78
CA PRO A 203 36.90 10.46 6.75
C PRO A 203 35.38 10.34 6.61
N ARG A 204 34.71 9.65 7.53
CA ARG A 204 33.26 9.54 7.47
C ARG A 204 32.59 10.86 7.88
N SER A 205 31.31 11.01 7.51
CA SER A 205 30.51 12.21 7.84
C SER A 205 31.15 13.54 7.38
N PRO A 206 31.62 13.60 6.12
CA PRO A 206 32.35 14.79 5.65
C PRO A 206 31.54 16.10 5.73
N LEU A 207 30.26 16.06 5.38
CA LEU A 207 29.42 17.25 5.45
C LEU A 207 29.14 17.70 6.89
N SER A 208 29.05 16.77 7.83
CA SER A 208 28.88 17.16 9.23
C SER A 208 30.11 17.89 9.80
N TRP A 209 31.28 17.28 9.68
CA TRP A 209 32.53 17.90 10.14
C TRP A 209 32.86 19.15 9.32
N GLY A 210 32.62 19.08 8.01
CA GLY A 210 32.76 20.22 7.11
C GLY A 210 31.96 21.45 7.53
N LEU A 211 30.76 21.24 8.04
CA LEU A 211 29.92 22.35 8.43
C LEU A 211 30.50 23.06 9.64
N LEU A 212 30.94 22.27 10.61
CA LEU A 212 31.59 22.80 11.79
C LEU A 212 32.84 23.60 11.41
N ARG A 213 33.62 23.09 10.46
CA ARG A 213 34.86 23.75 10.08
C ARG A 213 34.56 25.05 9.38
N HIS A 214 33.61 25.01 8.46
CA HIS A 214 33.10 26.20 7.78
C HIS A 214 32.65 27.29 8.75
N CYS A 215 31.78 26.93 9.70
CA CYS A 215 31.28 27.90 10.69
C CYS A 215 32.36 28.42 11.65
N HIS A 216 33.35 27.58 11.95
CA HIS A 216 34.45 27.95 12.84
C HIS A 216 35.46 28.84 12.11
N ASP A 217 35.86 28.44 10.89
CA ASP A 217 36.97 29.10 10.19
C ASP A 217 36.74 29.52 8.74
N GLY A 218 35.77 28.93 8.05
CA GLY A 218 35.53 29.21 6.63
C GLY A 218 34.91 30.58 6.37
N THR A 219 34.57 30.86 5.11
CA THR A 219 34.08 32.21 4.71
C THR A 219 32.62 32.20 4.27
N ASN A 220 31.86 33.15 4.77
CA ASN A 220 30.45 33.35 4.46
C ASN A 220 30.25 33.66 2.96
N PHE A 221 29.48 32.82 2.28
CA PHE A 221 29.13 33.00 0.86
C PHE A 221 28.66 34.42 0.49
N PHE A 222 27.90 35.06 1.38
CA PHE A 222 27.29 36.37 1.11
C PHE A 222 28.11 37.57 1.61
N THR A 223 28.77 37.45 2.77
CA THR A 223 29.47 38.59 3.34
C THR A 223 31.00 38.50 3.23
N GLY A 224 31.54 37.37 2.75
CA GLY A 224 33.00 37.16 2.68
C GLY A 224 33.71 37.07 4.03
N GLU A 225 32.95 37.20 5.10
CA GLU A 225 33.42 37.26 6.49
C GLU A 225 33.86 35.88 7.01
N ALA A 226 34.93 35.84 7.77
CA ALA A 226 35.43 34.57 8.32
C ALA A 226 34.60 34.17 9.55
N GLY A 227 34.13 32.93 9.54
CA GLY A 227 33.24 32.42 10.59
C GLY A 227 31.77 32.70 10.30
N VAL A 228 30.92 31.75 10.66
CA VAL A 228 29.48 31.86 10.45
C VAL A 228 28.73 31.34 11.66
N ARG A 229 27.65 32.04 12.00
CA ARG A 229 26.81 31.71 13.14
C ARG A 229 26.49 30.21 13.17
N LEU A 230 26.52 29.63 14.37
CA LEU A 230 26.11 28.24 14.58
C LEU A 230 25.64 28.15 16.01
N ASP A 231 24.33 28.22 16.24
CA ASP A 231 23.81 28.42 17.58
C ASP A 231 23.71 27.16 18.39
N TYR A 232 23.61 26.03 17.70
CA TYR A 232 23.68 24.73 18.37
C TYR A 232 24.20 23.69 17.38
N ILE A 233 24.73 22.60 17.92
CA ILE A 233 25.22 21.48 17.11
C ILE A 233 24.29 20.28 17.37
N SER A 234 23.69 19.75 16.32
CA SER A 234 22.75 18.66 16.45
C SER A 234 23.37 17.39 15.89
N LEU A 235 23.34 16.34 16.69
CA LEU A 235 23.82 15.03 16.23
C LEU A 235 22.70 13.99 16.34
N HIS A 236 22.91 12.85 15.68
CA HIS A 236 22.04 11.68 15.79
C HIS A 236 22.87 10.51 16.26
N ARG A 237 22.51 9.93 17.40
CA ARG A 237 23.13 8.71 17.88
C ARG A 237 22.11 7.87 18.61
N LYS A 238 22.00 6.63 18.15
CA LYS A 238 21.00 5.66 18.58
C LYS A 238 21.70 4.51 19.30
N GLY A 239 20.93 3.69 20.00
CA GLY A 239 21.50 2.78 20.98
C GLY A 239 21.86 1.37 20.51
N ALA A 240 21.37 0.96 19.35
CA ALA A 240 21.41 -0.45 18.96
C ALA A 240 20.92 -1.32 20.13
N ARG A 241 19.83 -0.90 20.76
CA ARG A 241 19.19 -1.58 21.91
C ARG A 241 19.84 -1.37 23.29
N SER A 242 20.99 -0.69 23.35
CA SER A 242 21.59 -0.31 24.63
C SER A 242 21.21 1.14 24.96
N SER A 243 20.84 1.41 26.21
CA SER A 243 20.50 2.76 26.61
C SER A 243 21.77 3.57 26.85
N ILE A 244 22.68 3.04 27.67
CA ILE A 244 23.88 3.76 28.06
C ILE A 244 24.80 4.04 26.85
N SER A 245 24.68 3.21 25.81
CA SER A 245 25.48 3.39 24.61
C SER A 245 25.27 4.75 23.93
N ILE A 246 24.06 5.28 24.04
CA ILE A 246 23.72 6.57 23.46
C ILE A 246 24.62 7.64 24.07
N LEU A 247 24.63 7.71 25.40
CA LEU A 247 25.47 8.64 26.14
C LEU A 247 26.95 8.45 25.86
N GLU A 248 27.42 7.21 25.84
CA GLU A 248 28.82 6.90 25.58
C GLU A 248 29.27 7.46 24.22
N GLN A 249 28.42 7.29 23.20
CA GLN A 249 28.71 7.82 21.85
C GLN A 249 28.70 9.36 21.84
N GLU A 250 27.70 9.93 22.51
CA GLU A 250 27.59 11.38 22.61
C GLU A 250 28.84 12.01 23.22
N LYS A 251 29.39 11.37 24.24
CA LYS A 251 30.59 11.89 24.93
C LYS A 251 31.82 11.89 24.02
N VAL A 252 31.96 10.85 23.21
CA VAL A 252 33.08 10.79 22.26
C VAL A 252 32.98 11.96 21.29
N VAL A 253 31.81 12.13 20.69
CA VAL A 253 31.63 13.18 19.68
C VAL A 253 31.80 14.56 20.32
N ALA A 254 31.21 14.76 21.50
CA ALA A 254 31.28 16.04 22.18
C ALA A 254 32.71 16.42 22.54
N GLN A 255 33.50 15.44 22.96
CA GLN A 255 34.91 15.66 23.26
C GLN A 255 35.69 16.00 22.00
N GLN A 256 35.42 15.33 20.88
CA GLN A 256 36.08 15.65 19.62
C GLN A 256 35.79 17.09 19.18
N ILE A 257 34.55 17.53 19.35
CA ILE A 257 34.17 18.91 19.06
C ILE A 257 34.90 19.91 19.96
N ARG A 258 34.98 19.61 21.26
CA ARG A 258 35.59 20.52 22.24
C ARG A 258 37.06 20.84 21.89
N GLN A 259 37.83 19.80 21.56
CA GLN A 259 39.25 19.96 21.24
C GLN A 259 39.52 20.54 19.87
N LEU A 260 38.73 20.14 18.87
CA LEU A 260 38.97 20.53 17.48
C LEU A 260 38.41 21.90 17.16
N PHE A 261 37.38 22.31 17.88
CA PHE A 261 36.69 23.57 17.61
C PHE A 261 36.51 24.38 18.91
N PRO A 262 37.58 25.02 19.40
CA PRO A 262 37.51 25.71 20.69
C PRO A 262 36.44 26.81 20.80
N LYS A 263 36.05 27.43 19.69
CA LYS A 263 34.97 28.43 19.74
C LYS A 263 33.61 27.85 20.07
N PHE A 264 33.47 26.52 19.93
CA PHE A 264 32.24 25.82 20.24
C PHE A 264 32.24 25.09 21.60
N ALA A 265 33.14 25.46 22.50
CA ALA A 265 33.24 24.81 23.80
C ALA A 265 31.95 24.86 24.62
N ASP A 266 31.23 25.98 24.46
CA ASP A 266 29.98 26.25 25.15
C ASP A 266 28.78 26.11 24.22
N THR A 267 28.99 25.68 22.98
CA THR A 267 27.90 25.60 22.03
C THR A 267 26.98 24.41 22.38
N PRO A 268 25.69 24.70 22.62
CA PRO A 268 24.78 23.66 23.06
C PRO A 268 24.74 22.49 22.07
N ILE A 269 24.70 21.27 22.60
CA ILE A 269 24.60 20.07 21.79
C ILE A 269 23.23 19.43 21.95
N TYR A 270 22.63 19.06 20.82
CA TYR A 270 21.37 18.34 20.77
C TYR A 270 21.62 16.95 20.21
N ASN A 271 20.97 15.94 20.77
CA ASN A 271 20.77 14.67 20.07
C ASN A 271 19.32 14.60 19.70
N ASP A 272 18.98 15.00 18.49
CA ASP A 272 17.57 15.07 18.14
C ASP A 272 17.06 13.85 17.36
N GLU A 273 17.82 12.75 17.46
CA GLU A 273 17.31 11.40 17.19
C GLU A 273 17.97 10.38 18.12
N ALA A 274 17.57 10.40 19.39
CA ALA A 274 18.24 9.65 20.45
C ALA A 274 17.56 8.32 20.76
N ASP A 275 17.21 7.58 19.72
CA ASP A 275 16.34 6.42 19.85
C ASP A 275 17.11 5.17 20.26
N PRO A 276 16.47 4.26 21.01
CA PRO A 276 17.04 2.95 21.32
C PRO A 276 17.53 2.17 20.10
N LEU A 277 16.79 2.24 18.99
CA LEU A 277 17.11 1.45 17.82
C LEU A 277 16.72 2.13 16.51
N VAL A 278 17.66 2.24 15.59
CA VAL A 278 17.40 2.76 14.26
C VAL A 278 16.34 1.95 13.49
N GLY A 279 15.50 2.64 12.74
CA GLY A 279 14.46 2.03 11.91
C GLY A 279 13.10 1.99 12.58
N TRP A 280 12.37 3.10 12.48
CA TRP A 280 11.14 3.28 13.25
C TRP A 280 10.07 2.24 12.92
N SER A 281 10.05 1.79 11.66
CA SER A 281 8.95 0.98 11.15
C SER A 281 9.17 -0.51 11.36
N LEU A 282 10.38 -0.87 11.76
CA LEU A 282 10.71 -2.25 12.08
C LEU A 282 9.92 -2.70 13.31
N PRO A 283 9.04 -3.71 13.16
CA PRO A 283 8.26 -4.13 14.34
C PRO A 283 9.13 -4.72 15.42
N GLN A 284 8.98 -4.23 16.65
CA GLN A 284 9.66 -4.79 17.82
C GLN A 284 8.63 -4.88 18.93
N PRO A 285 8.48 -6.07 19.57
CA PRO A 285 7.47 -6.16 20.62
C PRO A 285 7.71 -5.20 21.79
N TRP A 286 8.96 -4.90 22.13
CA TRP A 286 9.26 -3.98 23.22
C TRP A 286 8.78 -2.55 22.96
N ARG A 287 8.69 -2.16 21.70
CA ARG A 287 8.14 -0.85 21.31
C ARG A 287 6.66 -0.66 21.61
N ALA A 288 5.96 -1.76 21.82
CA ALA A 288 4.53 -1.73 22.01
C ALA A 288 4.07 -1.26 23.39
N ASP A 289 4.93 -1.40 24.40
CA ASP A 289 4.42 -1.34 25.77
C ASP A 289 5.37 -0.61 26.72
N VAL A 290 5.43 -1.03 27.98
CA VAL A 290 6.17 -0.30 28.99
C VAL A 290 7.66 -0.59 28.89
N THR A 291 8.04 -1.64 28.16
CA THR A 291 9.46 -1.93 28.00
C THR A 291 10.16 -0.71 27.39
N TYR A 292 9.59 -0.20 26.31
CA TYR A 292 10.08 1.01 25.62
C TYR A 292 9.91 2.28 26.46
N ALA A 293 8.78 2.42 27.11
CA ALA A 293 8.53 3.59 27.95
C ALA A 293 9.54 3.68 29.08
N ALA A 294 9.85 2.55 29.71
CA ALA A 294 10.77 2.57 30.86
C ALA A 294 12.18 2.82 30.35
N MET A 295 12.53 2.30 29.19
CA MET A 295 13.84 2.53 28.62
C MET A 295 14.07 4.00 28.29
N VAL A 296 13.02 4.67 27.80
CA VAL A 296 13.09 6.10 27.46
C VAL A 296 13.38 6.92 28.71
N VAL A 297 12.75 6.54 29.82
CA VAL A 297 12.96 7.20 31.12
C VAL A 297 14.38 6.97 31.62
N LYS A 298 14.83 5.73 31.52
CA LYS A 298 16.20 5.36 31.89
C LYS A 298 17.26 6.13 31.10
N VAL A 299 17.03 6.31 29.79
CA VAL A 299 17.97 7.05 28.95
C VAL A 299 18.08 8.48 29.48
N ILE A 300 16.93 9.07 29.75
CA ILE A 300 16.85 10.43 30.27
C ILE A 300 17.53 10.55 31.65
N ALA A 301 17.24 9.62 32.54
CA ALA A 301 17.90 9.56 33.85
C ALA A 301 19.41 9.53 33.71
N GLN A 302 19.89 8.65 32.84
CA GLN A 302 21.32 8.52 32.59
C GLN A 302 21.91 9.85 32.15
N HIS A 303 21.21 10.55 31.29
CA HIS A 303 21.68 11.84 30.82
C HIS A 303 21.72 12.89 31.91
N GLN A 304 20.68 12.98 32.73
CA GLN A 304 20.67 13.91 33.84
C GLN A 304 21.73 13.56 34.86
N ASN A 305 21.77 12.30 35.28
CA ASN A 305 22.63 11.91 36.38
C ASN A 305 24.09 11.71 36.00
N LEU A 306 24.35 11.20 34.79
CA LEU A 306 25.72 10.85 34.38
C LEU A 306 26.32 11.83 33.40
N LEU A 307 25.60 12.88 33.05
CA LEU A 307 26.16 13.89 32.15
C LEU A 307 25.93 15.31 32.67
N LEU A 308 24.70 15.69 32.98
CA LEU A 308 24.45 17.08 33.34
C LEU A 308 24.73 17.40 34.80
N ALA A 309 24.69 16.39 35.66
CA ALA A 309 24.99 16.55 37.09
C ALA A 309 26.45 16.14 37.37
N ALA A 314 32.09 18.75 32.00
CA ALA A 314 30.67 19.09 31.91
C ALA A 314 30.32 19.59 30.51
N PHE A 315 29.94 18.68 29.61
CA PHE A 315 29.60 19.00 28.19
C PHE A 315 28.26 19.73 28.10
N PRO A 316 28.13 20.64 27.11
CA PRO A 316 26.91 21.48 27.07
C PRO A 316 25.74 20.80 26.33
N TYR A 317 25.17 19.77 26.94
CA TYR A 317 24.06 19.00 26.36
C TYR A 317 22.75 19.66 26.71
N ALA A 318 21.95 20.00 25.71
CA ALA A 318 20.74 20.81 25.90
C ALA A 318 19.42 20.18 25.47
N LEU A 319 19.46 19.22 24.55
CA LEU A 319 18.24 18.65 24.01
C LEU A 319 18.38 17.18 23.61
N LEU A 320 17.36 16.39 23.96
CA LEU A 320 17.26 14.98 23.60
C LEU A 320 15.87 14.72 23.01
N SER A 321 15.81 14.21 21.79
CA SER A 321 14.51 13.98 21.13
C SER A 321 14.37 12.54 20.73
N ASN A 322 13.30 11.90 21.22
CA ASN A 322 12.92 10.58 20.80
C ASN A 322 12.08 10.75 19.55
N ASP A 323 12.56 10.22 18.44
CA ASP A 323 11.95 10.49 17.15
C ASP A 323 10.80 9.52 16.90
N ASN A 324 9.69 9.73 17.61
CA ASN A 324 8.60 8.75 17.65
C ASN A 324 7.19 9.30 17.40
N ALA A 325 7.04 10.31 16.55
CA ALA A 325 5.72 10.87 16.27
C ALA A 325 5.13 10.31 14.97
N PHE A 326 5.75 9.25 14.45
CA PHE A 326 5.27 8.57 13.25
C PHE A 326 3.93 7.93 13.54
N LEU A 327 3.20 7.64 12.47
CA LEU A 327 1.95 6.93 12.54
C LEU A 327 2.18 5.49 12.10
N SER A 328 1.70 4.54 12.89
CA SER A 328 1.95 3.13 12.62
C SER A 328 1.12 2.65 11.46
N TYR A 329 1.53 1.54 10.86
CA TYR A 329 0.82 0.87 9.75
C TYR A 329 0.40 -0.56 10.06
N HIS A 330 -0.68 -1.03 9.46
CA HIS A 330 -1.03 -2.45 9.43
C HIS A 330 0.13 -3.25 8.81
N PRO A 331 0.51 -4.41 9.37
CA PRO A 331 -0.17 -5.06 10.49
C PRO A 331 0.53 -4.89 11.84
N HIS A 332 1.08 -3.72 12.14
CA HIS A 332 1.84 -3.49 13.36
C HIS A 332 1.43 -2.22 14.09
N PRO A 333 0.17 -2.14 14.49
CA PRO A 333 -0.29 -0.89 15.08
C PRO A 333 0.49 -0.49 16.34
N PHE A 334 0.95 -1.47 17.10
CA PHE A 334 1.63 -1.17 18.37
C PHE A 334 3.15 -1.32 18.30
N ALA A 335 3.65 -2.17 17.42
CA ALA A 335 5.02 -2.60 17.50
C ALA A 335 6.04 -1.66 16.78
N GLN A 336 5.59 -0.52 16.27
CA GLN A 336 6.50 0.44 15.63
C GLN A 336 6.90 1.55 16.62
N ARG A 337 7.97 2.28 16.31
CA ARG A 337 8.43 3.35 17.19
C ARG A 337 7.54 4.60 17.09
N THR A 338 6.42 4.56 17.80
CA THR A 338 5.42 5.58 17.73
C THR A 338 4.84 5.86 19.10
N LEU A 339 4.38 7.08 19.33
CA LEU A 339 3.73 7.47 20.58
C LEU A 339 2.31 6.93 20.67
N THR A 340 1.64 6.88 19.52
CA THR A 340 0.30 6.37 19.42
C THR A 340 0.30 5.10 18.59
N ALA A 341 -0.77 4.34 18.74
CA ALA A 341 -1.04 3.17 17.94
C ALA A 341 -2.23 3.50 17.07
N ARG A 342 -2.02 3.52 15.75
CA ARG A 342 -3.08 3.88 14.82
C ARG A 342 -3.92 2.66 14.38
N PHE A 343 -5.24 2.82 14.42
CA PHE A 343 -6.18 1.87 13.82
C PHE A 343 -7.00 2.56 12.75
N GLN A 344 -6.74 2.15 11.51
CA GLN A 344 -7.53 2.58 10.37
C GLN A 344 -8.75 1.67 10.29
N VAL A 345 -9.89 2.17 10.75
CA VAL A 345 -11.06 1.33 10.89
C VAL A 345 -11.85 1.48 9.60
N ASN A 346 -11.54 0.63 8.63
CA ASN A 346 -12.05 0.83 7.28
C ASN A 346 -13.52 0.41 7.08
N ASN A 347 -14.09 -0.35 8.00
CA ASN A 347 -15.39 -0.99 7.76
C ASN A 347 -16.60 -0.23 8.29
N THR A 348 -16.41 0.98 8.77
CA THR A 348 -17.52 1.89 9.00
C THR A 348 -17.81 2.67 7.72
N ARG A 349 -18.96 3.33 7.66
CA ARG A 349 -19.32 4.25 6.56
C ARG A 349 -19.53 5.65 7.14
N PRO A 350 -18.60 6.59 6.94
CA PRO A 350 -17.34 6.37 6.21
C PRO A 350 -16.25 5.74 7.09
N PRO A 351 -15.18 5.26 6.45
CA PRO A 351 -13.99 4.81 7.21
C PRO A 351 -13.58 5.86 8.22
N HIS A 352 -12.97 5.45 9.32
CA HIS A 352 -12.46 6.39 10.29
C HIS A 352 -11.16 5.94 10.91
N VAL A 353 -10.58 6.80 11.73
CA VAL A 353 -9.32 6.48 12.39
C VAL A 353 -9.49 6.61 13.90
N GLN A 354 -8.80 5.73 14.62
CA GLN A 354 -8.73 5.79 16.06
C GLN A 354 -7.27 5.68 16.41
N LEU A 355 -6.85 6.38 17.44
CA LEU A 355 -5.49 6.23 17.99
C LEU A 355 -5.57 5.82 19.45
N LEU A 356 -4.66 4.94 19.87
CA LEU A 356 -4.47 4.66 21.27
C LEU A 356 -3.17 5.23 21.78
N ARG A 357 -3.23 5.72 23.01
CA ARG A 357 -2.07 6.25 23.70
C ARG A 357 -1.22 5.07 24.16
N LYS A 358 0.03 5.01 23.71
CA LYS A 358 0.89 3.92 24.13
C LYS A 358 1.64 4.31 25.38
N PRO A 359 2.21 3.32 26.08
CA PRO A 359 2.86 3.65 27.34
C PRO A 359 3.99 4.68 27.25
N VAL A 360 4.72 4.67 26.15
CA VAL A 360 5.80 5.63 25.98
C VAL A 360 5.22 7.05 26.08
N LEU A 361 4.09 7.30 25.43
CA LEU A 361 3.43 8.58 25.50
C LEU A 361 2.98 8.93 26.93
N THR A 362 2.38 7.94 27.58
CA THR A 362 1.94 8.08 28.96
C THR A 362 3.12 8.42 29.90
N ALA A 363 4.25 7.75 29.71
CA ALA A 363 5.47 8.05 30.45
C ALA A 363 5.95 9.49 30.31
N MET A 364 5.73 10.10 29.15
CA MET A 364 6.13 11.48 28.97
C MET A 364 5.35 12.40 29.93
N GLY A 365 4.12 11.99 30.24
CA GLY A 365 3.27 12.66 31.21
C GLY A 365 3.76 12.51 32.65
N LEU A 366 4.42 11.41 32.95
CA LEU A 366 5.08 11.23 34.24
C LEU A 366 6.36 12.04 34.34
N LEU A 367 7.19 12.03 33.30
CA LEU A 367 8.38 12.88 33.25
C LEU A 367 8.04 14.37 33.42
N ALA A 368 6.87 14.76 32.91
CA ALA A 368 6.43 16.14 32.95
C ALA A 368 6.10 16.62 34.36
N LEU A 369 5.88 15.70 35.29
CA LEU A 369 5.66 16.08 36.69
C LEU A 369 6.95 16.49 37.42
N LEU A 370 8.11 16.18 36.83
CA LEU A 370 9.38 16.66 37.38
C LEU A 370 9.43 18.19 37.34
N ASP A 371 9.94 18.76 38.42
CA ASP A 371 10.00 20.20 38.60
C ASP A 371 11.45 20.68 38.50
N GLU A 372 11.66 21.95 38.85
CA GLU A 372 12.80 22.70 38.39
C GLU A 372 14.10 22.51 39.20
N GLU A 373 14.07 21.71 40.26
CA GLU A 373 15.26 21.45 41.08
C GLU A 373 15.47 19.95 41.30
N GLN A 374 16.69 19.47 41.07
CA GLN A 374 17.00 18.08 41.34
C GLN A 374 17.33 17.86 42.81
N LEU A 375 16.78 16.79 43.39
CA LEU A 375 17.05 16.42 44.76
C LEU A 375 18.13 15.36 44.76
N TRP A 376 18.85 15.29 45.88
CA TRP A 376 19.83 14.23 46.11
C TRP A 376 19.10 12.92 46.21
N ALA A 377 19.64 11.89 45.57
CA ALA A 377 19.04 10.55 45.64
C ALA A 377 20.10 9.49 45.42
N GLU A 378 19.89 8.32 46.01
CA GLU A 378 20.87 7.24 45.90
C GLU A 378 20.19 5.89 45.85
N VAL A 379 20.64 5.08 44.90
CA VAL A 379 20.15 3.73 44.75
C VAL A 379 21.31 2.82 45.15
N SER A 380 20.99 1.79 45.91
CA SER A 380 21.98 0.79 46.33
C SER A 380 21.32 -0.56 46.51
N GLN A 381 22.12 -1.63 46.39
CA GLN A 381 21.67 -2.99 46.67
C GLN A 381 22.75 -3.60 47.55
N ALA A 382 22.34 -4.12 48.71
CA ALA A 382 23.28 -4.76 49.64
C ALA A 382 24.47 -3.87 49.96
N GLY A 383 24.24 -2.56 50.06
CA GLY A 383 25.31 -1.62 50.38
C GLY A 383 26.11 -1.07 49.20
N THR A 384 26.06 -1.69 48.03
CA THR A 384 26.78 -1.15 46.86
C THR A 384 25.95 -0.07 46.18
N VAL A 385 26.57 1.10 45.97
CA VAL A 385 25.91 2.24 45.35
C VAL A 385 25.85 2.01 43.84
N LEU A 386 24.67 2.25 43.25
CA LEU A 386 24.41 1.99 41.83
C LEU A 386 23.94 3.26 41.11
N ASP A 387 24.71 3.70 40.11
CA ASP A 387 24.31 4.82 39.28
C ASP A 387 23.30 4.38 38.22
N SER A 388 22.78 5.35 37.45
CA SER A 388 21.70 5.06 36.52
C SER A 388 22.06 4.08 35.39
N ASN A 389 23.34 3.74 35.26
CA ASN A 389 23.80 2.71 34.31
C ASN A 389 23.50 1.29 34.87
N HIS A 390 22.28 1.09 35.35
CA HIS A 390 21.82 -0.16 35.97
C HIS A 390 20.30 -0.27 35.74
N THR A 391 19.74 -1.45 36.03
CA THR A 391 18.34 -1.73 35.69
C THR A 391 17.33 -0.97 36.53
N VAL A 392 17.74 -0.51 37.70
CA VAL A 392 16.89 0.29 38.57
C VAL A 392 17.57 1.62 38.82
N GLY A 393 16.79 2.70 38.72
CA GLY A 393 17.30 4.05 38.96
C GLY A 393 16.20 5.04 39.29
N VAL A 394 16.59 6.30 39.49
CA VAL A 394 15.66 7.28 40.01
C VAL A 394 15.99 8.69 39.55
N LEU A 395 14.95 9.51 39.51
CA LEU A 395 15.06 10.93 39.26
C LEU A 395 14.11 11.58 40.22
N ALA A 396 14.62 12.50 41.05
CA ALA A 396 13.82 13.15 42.08
C ALA A 396 13.98 14.63 41.93
N SER A 397 12.90 15.34 42.16
CA SER A 397 12.87 16.77 41.96
C SER A 397 12.06 17.42 43.08
N ALA A 398 12.18 18.75 43.15
CA ALA A 398 11.40 19.55 44.05
C ALA A 398 11.02 20.88 43.40
N HIS A 399 9.92 21.45 43.87
CA HIS A 399 9.39 22.72 43.40
C HIS A 399 9.45 23.79 44.51
N ARG A 400 10.05 24.94 44.20
CA ARG A 400 9.94 26.10 45.06
C ARG A 400 8.68 26.88 44.71
N PRO A 401 7.79 27.05 45.69
CA PRO A 401 6.53 27.76 45.42
C PRO A 401 6.71 29.25 45.16
N GLN A 402 5.74 29.88 44.50
CA GLN A 402 5.60 31.36 44.59
C GLN A 402 4.21 31.77 45.06
N GLY A 403 3.21 31.53 44.22
CA GLY A 403 1.88 32.09 44.44
C GLY A 403 1.11 31.41 45.57
N PRO A 404 -0.13 31.88 45.80
CA PRO A 404 -1.10 31.18 46.63
C PRO A 404 -1.84 30.04 45.87
N ALA A 405 -1.68 29.94 44.55
CA ALA A 405 -2.20 28.80 43.77
C ALA A 405 -1.17 27.67 43.63
N ASP A 406 -0.17 27.70 44.50
CA ASP A 406 1.06 26.96 44.33
C ASP A 406 1.56 26.55 45.74
N ALA A 407 2.30 25.46 45.82
CA ALA A 407 2.94 25.08 47.07
C ALA A 407 4.09 24.10 46.78
N TRP A 408 4.81 23.71 47.82
CA TRP A 408 5.95 22.82 47.69
C TRP A 408 5.51 21.48 47.07
N ARG A 409 6.38 20.93 46.21
CA ARG A 409 6.15 19.61 45.63
C ARG A 409 7.47 18.84 45.54
N ALA A 410 7.36 17.52 45.67
CA ALA A 410 8.42 16.61 45.27
C ALA A 410 7.84 15.56 44.33
N ALA A 411 8.60 15.23 43.28
CA ALA A 411 8.26 14.14 42.38
C ALA A 411 9.45 13.18 42.33
N VAL A 412 9.18 11.90 42.56
CA VAL A 412 10.21 10.86 42.56
C VAL A 412 9.81 9.83 41.53
N LEU A 413 10.57 9.78 40.44
CA LEU A 413 10.31 8.86 39.35
C LEU A 413 11.33 7.73 39.38
N ILE A 414 10.85 6.52 39.67
CA ILE A 414 11.71 5.36 39.73
C ILE A 414 11.45 4.46 38.52
N TYR A 415 12.51 3.93 37.94
CA TYR A 415 12.37 3.01 36.81
C TYR A 415 12.98 1.68 37.10
N ALA A 416 12.39 0.66 36.48
CA ALA A 416 12.98 -0.66 36.42
C ALA A 416 12.97 -1.05 34.96
N SER A 417 14.15 -1.16 34.35
CA SER A 417 14.25 -1.38 32.91
C SER A 417 15.53 -2.10 32.56
N ASP A 418 15.40 -3.18 31.79
CA ASP A 418 16.57 -3.87 31.24
C ASP A 418 16.64 -3.59 29.73
N ASP A 419 16.59 -2.30 29.40
CA ASP A 419 16.59 -1.79 28.02
C ASP A 419 15.45 -2.42 27.22
N THR A 420 15.76 -3.11 26.12
CA THR A 420 14.74 -3.73 25.27
C THR A 420 14.25 -5.09 25.79
N ARG A 421 14.85 -5.59 26.87
CA ARG A 421 14.49 -6.89 27.43
C ARG A 421 13.47 -6.74 28.58
N ALA A 422 12.34 -7.45 28.44
CA ALA A 422 11.34 -7.57 29.49
C ALA A 422 11.50 -8.91 30.21
N HIS A 423 11.16 -8.95 31.49
CA HIS A 423 11.30 -10.14 32.33
C HIS A 423 10.00 -10.35 33.07
N PRO A 424 9.02 -10.99 32.42
CA PRO A 424 7.69 -11.14 32.99
C PRO A 424 7.63 -11.89 34.31
N ASN A 425 8.58 -12.78 34.56
CA ASN A 425 8.56 -13.58 35.78
C ASN A 425 9.18 -12.87 36.97
N ARG A 426 9.97 -11.81 36.75
CA ARG A 426 10.73 -11.20 37.85
C ARG A 426 9.94 -10.11 38.60
N SER A 427 10.25 -10.01 39.89
CA SER A 427 9.71 -8.98 40.75
C SER A 427 10.90 -8.35 41.42
N VAL A 428 10.92 -7.02 41.48
CA VAL A 428 12.05 -6.31 42.06
C VAL A 428 11.57 -5.60 43.30
N ALA A 429 12.11 -6.00 44.44
CA ALA A 429 11.75 -5.42 45.71
C ALA A 429 12.51 -4.11 45.86
N VAL A 430 11.76 -3.04 46.14
CA VAL A 430 12.34 -1.72 46.31
C VAL A 430 11.86 -1.13 47.63
N THR A 431 12.80 -0.57 48.39
CA THR A 431 12.48 0.24 49.56
C THR A 431 12.85 1.71 49.29
N LEU A 432 11.83 2.56 49.27
CA LEU A 432 12.00 3.98 49.05
C LEU A 432 11.96 4.64 50.39
N ARG A 433 13.09 5.18 50.82
CA ARG A 433 13.14 5.99 52.03
CA ARG A 433 13.15 6.00 52.03
C ARG A 433 13.26 7.46 51.63
N LEU A 434 12.15 8.20 51.74
CA LEU A 434 12.15 9.65 51.50
C LEU A 434 12.23 10.38 52.84
N ARG A 435 13.25 11.20 53.00
CA ARG A 435 13.45 11.97 54.24
C ARG A 435 13.64 13.45 53.85
N GLY A 436 13.54 14.33 54.82
CA GLY A 436 13.83 15.76 54.63
C GLY A 436 12.69 16.61 54.10
N VAL A 437 11.46 16.09 54.13
CA VAL A 437 10.32 16.82 53.59
C VAL A 437 10.04 18.06 54.43
N PRO A 438 10.13 19.26 53.85
CA PRO A 438 9.80 20.44 54.67
C PRO A 438 8.34 20.43 55.15
N PRO A 439 8.09 21.00 56.32
CA PRO A 439 6.73 21.10 56.82
C PRO A 439 5.89 21.99 55.93
N GLY A 440 4.60 21.69 55.81
CA GLY A 440 3.70 22.47 54.97
C GLY A 440 2.27 22.05 55.20
N PRO A 441 1.30 22.89 54.79
CA PRO A 441 -0.12 22.54 54.96
C PRO A 441 -0.56 21.30 54.15
N GLY A 442 -1.39 20.45 54.76
CA GLY A 442 -2.03 19.32 54.09
C GLY A 442 -1.15 18.44 53.19
N LEU A 443 0.02 18.07 53.67
CA LEU A 443 0.93 17.23 52.91
C LEU A 443 0.35 15.86 52.57
N VAL A 444 0.20 15.58 51.27
CA VAL A 444 -0.27 14.26 50.81
C VAL A 444 0.67 13.71 49.76
N TYR A 445 0.55 12.41 49.51
CA TYR A 445 1.30 11.77 48.45
C TYR A 445 0.41 10.89 47.60
N VAL A 446 0.75 10.82 46.31
CA VAL A 446 0.05 10.02 45.34
C VAL A 446 1.05 9.20 44.53
N THR A 447 0.74 7.91 44.34
CA THR A 447 1.52 7.03 43.50
C THR A 447 0.83 6.84 42.13
N ARG A 448 1.66 6.74 41.09
CA ARG A 448 1.22 6.32 39.78
C ARG A 448 2.18 5.26 39.27
N TYR A 449 1.63 4.15 38.78
CA TYR A 449 2.40 2.95 38.48
C TYR A 449 2.06 2.44 37.07
N LEU A 450 3.10 2.08 36.31
CA LEU A 450 2.94 1.46 34.99
C LEU A 450 3.69 0.16 34.90
N ASP A 451 3.01 -0.89 34.43
CA ASP A 451 3.69 -2.10 33.94
C ASP A 451 2.88 -2.81 32.85
N ASN A 452 3.47 -3.84 32.26
CA ASN A 452 2.85 -4.53 31.11
C ASN A 452 1.62 -5.34 31.46
N GLY A 453 1.49 -5.72 32.73
CA GLY A 453 0.34 -6.45 33.20
C GLY A 453 -0.87 -5.55 33.31
N LEU A 454 -0.69 -4.35 33.87
CA LEU A 454 -1.82 -3.49 34.21
C LEU A 454 -2.12 -2.38 33.20
N CYS A 455 -1.09 -1.88 32.50
CA CYS A 455 -1.26 -0.68 31.67
C CYS A 455 -0.65 -0.85 30.27
N SER A 456 -1.09 -1.90 29.57
CA SER A 456 -0.64 -2.14 28.20
C SER A 456 -1.79 -2.34 27.24
N PRO A 457 -2.21 -1.26 26.55
CA PRO A 457 -3.23 -1.43 25.52
C PRO A 457 -2.86 -2.51 24.52
N ASP A 458 -1.58 -2.65 24.17
CA ASP A 458 -1.11 -3.76 23.32
C ASP A 458 -1.51 -5.11 23.87
N GLY A 459 -1.30 -5.30 25.18
CA GLY A 459 -1.64 -6.55 25.84
C GLY A 459 -3.12 -6.81 25.81
N GLU A 460 -3.93 -5.78 26.02
CA GLU A 460 -5.38 -5.93 25.87
C GLU A 460 -5.77 -6.30 24.45
N TRP A 461 -5.09 -5.71 23.47
CA TRP A 461 -5.36 -5.99 22.07
C TRP A 461 -5.10 -7.48 21.80
N ARG A 462 -3.98 -8.00 22.29
CA ARG A 462 -3.61 -9.40 22.09
C ARG A 462 -4.53 -10.37 22.84
N ARG A 463 -4.87 -10.04 24.08
CA ARG A 463 -5.89 -10.77 24.81
C ARG A 463 -7.22 -10.86 24.02
N LEU A 464 -7.58 -9.80 23.30
CA LEU A 464 -8.82 -9.80 22.49
C LEU A 464 -8.69 -10.53 21.15
N GLY A 465 -7.48 -10.98 20.81
CA GLY A 465 -7.25 -11.73 19.60
C GLY A 465 -6.77 -10.89 18.43
N ARG A 466 -6.18 -9.72 18.70
CA ARG A 466 -5.58 -8.88 17.67
C ARG A 466 -6.56 -8.46 16.57
N PRO A 467 -7.75 -7.99 16.95
CA PRO A 467 -8.69 -7.60 15.92
C PRO A 467 -8.10 -6.49 15.03
N VAL A 468 -8.19 -6.72 13.72
CA VAL A 468 -7.69 -5.80 12.72
C VAL A 468 -8.56 -4.55 12.66
N PHE A 469 -9.87 -4.73 12.71
CA PHE A 469 -10.81 -3.60 12.86
C PHE A 469 -11.60 -3.81 14.14
N PRO A 470 -11.03 -3.39 15.30
CA PRO A 470 -11.70 -3.52 16.57
C PRO A 470 -13.08 -2.89 16.59
N THR A 471 -13.99 -3.50 17.33
CA THR A 471 -15.30 -2.91 17.60
C THR A 471 -15.17 -1.78 18.62
N ALA A 472 -16.18 -0.94 18.67
CA ALA A 472 -16.23 0.11 19.67
C ALA A 472 -15.92 -0.43 21.08
N GLU A 473 -16.53 -1.56 21.44
CA GLU A 473 -16.36 -2.17 22.75
C GLU A 473 -14.91 -2.62 22.97
N GLN A 474 -14.31 -3.25 21.96
CA GLN A 474 -12.89 -3.62 22.06
C GLN A 474 -11.99 -2.41 22.27
N PHE A 475 -12.30 -1.30 21.61
CA PHE A 475 -11.56 -0.05 21.81
C PHE A 475 -11.68 0.46 23.26
N ARG A 476 -12.86 0.36 23.86
CA ARG A 476 -13.03 0.79 25.25
C ARG A 476 -12.18 -0.05 26.20
N ARG A 477 -12.19 -1.35 25.93
CA ARG A 477 -11.40 -2.29 26.71
CA ARG A 477 -11.41 -2.31 26.71
C ARG A 477 -9.94 -1.94 26.58
N MET A 478 -9.47 -1.68 25.38
CA MET A 478 -8.05 -1.32 25.15
C MET A 478 -7.64 0.01 25.83
N ARG A 479 -8.52 1.01 25.78
CA ARG A 479 -8.21 2.34 26.32
C ARG A 479 -8.20 2.33 27.85
N ALA A 480 -8.86 1.34 28.45
CA ALA A 480 -8.90 1.23 29.89
C ALA A 480 -7.52 0.92 30.47
N ALA A 481 -6.58 0.54 29.62
CA ALA A 481 -5.20 0.29 30.06
C ALA A 481 -4.22 1.43 29.75
N GLU A 482 -4.71 2.56 29.26
CA GLU A 482 -3.81 3.69 28.88
C GLU A 482 -3.14 4.36 30.09
N ASP A 483 -3.94 4.68 31.09
CA ASP A 483 -3.46 5.44 32.26
C ASP A 483 -2.72 4.59 33.26
N PRO A 484 -1.85 5.21 34.05
CA PRO A 484 -1.20 4.47 35.14
C PRO A 484 -2.19 4.13 36.22
N VAL A 485 -1.87 3.11 37.00
CA VAL A 485 -2.63 2.78 38.19
C VAL A 485 -2.31 3.82 39.27
N ALA A 486 -3.33 4.54 39.70
CA ALA A 486 -3.14 5.59 40.70
C ALA A 486 -3.80 5.23 42.04
N ALA A 487 -3.04 5.38 43.11
CA ALA A 487 -3.61 5.31 44.46
C ALA A 487 -4.04 6.73 44.88
N ALA A 488 -5.22 6.83 45.48
CA ALA A 488 -5.75 8.10 45.92
C ALA A 488 -4.83 8.77 46.95
N PRO A 489 -4.96 10.10 47.13
CA PRO A 489 -4.07 10.84 48.04
C PRO A 489 -4.15 10.36 49.49
N ARG A 490 -3.00 10.08 50.07
CA ARG A 490 -2.89 9.69 51.49
C ARG A 490 -2.11 10.79 52.23
N PRO A 491 -2.54 11.15 53.45
CA PRO A 491 -1.74 12.06 54.25
C PRO A 491 -0.36 11.49 54.52
N LEU A 492 0.63 12.36 54.53
CA LEU A 492 2.00 11.97 54.85
C LEU A 492 2.09 11.69 56.35
N PRO A 493 2.94 10.74 56.77
CA PRO A 493 3.13 10.60 58.23
C PRO A 493 3.70 11.87 58.89
N ALA A 494 3.59 11.98 60.21
CA ALA A 494 4.20 13.13 60.90
C ALA A 494 5.73 12.97 60.90
N GLY A 495 6.44 14.10 60.97
CA GLY A 495 7.90 14.07 60.99
C GLY A 495 8.61 14.26 59.65
N GLY A 496 7.87 14.22 58.54
CA GLY A 496 8.48 14.53 57.23
C GLY A 496 9.31 13.41 56.62
N ARG A 497 8.92 12.17 56.93
CA ARG A 497 9.50 10.99 56.31
C ARG A 497 8.42 10.16 55.63
N LEU A 498 8.83 9.40 54.62
CA LEU A 498 7.91 8.50 53.95
C LEU A 498 8.70 7.29 53.46
N THR A 499 8.26 6.11 53.88
CA THR A 499 8.93 4.88 53.51
C THR A 499 7.91 3.97 52.86
N LEU A 500 8.21 3.48 51.66
CA LEU A 500 7.29 2.62 50.91
C LEU A 500 8.06 1.43 50.40
N ARG A 501 7.39 0.30 50.28
CA ARG A 501 8.03 -0.93 49.86
C ARG A 501 7.24 -1.52 48.71
N PRO A 502 7.29 -0.86 47.54
CA PRO A 502 6.61 -1.40 46.35
C PRO A 502 7.37 -2.58 45.76
N ALA A 503 6.63 -3.51 45.15
CA ALA A 503 7.21 -4.55 44.29
C ALA A 503 7.04 -4.08 42.86
N LEU A 504 8.17 -3.82 42.20
CA LEU A 504 8.15 -3.33 40.84
C LEU A 504 8.34 -4.49 39.88
N ARG A 505 7.63 -4.44 38.77
CA ARG A 505 7.85 -5.39 37.69
C ARG A 505 8.99 -4.89 36.79
N LEU A 506 9.42 -5.73 35.87
CA LEU A 506 10.54 -5.42 34.99
C LEU A 506 10.11 -5.67 33.54
N PRO A 507 9.60 -4.66 32.85
CA PRO A 507 9.76 -3.24 33.17
C PRO A 507 8.65 -2.64 34.03
N SER A 508 8.97 -1.52 34.67
CA SER A 508 7.96 -0.71 35.34
C SER A 508 8.44 0.74 35.58
N LEU A 509 7.45 1.60 35.83
CA LEU A 509 7.68 2.98 36.23
C LEU A 509 6.80 3.25 37.43
N LEU A 510 7.34 3.95 38.41
CA LEU A 510 6.57 4.39 39.57
C LEU A 510 6.87 5.85 39.85
N LEU A 511 5.85 6.68 39.84
CA LEU A 511 6.02 8.07 40.26
C LEU A 511 5.36 8.29 41.62
N VAL A 512 6.15 8.69 42.60
CA VAL A 512 5.63 9.13 43.89
C VAL A 512 5.61 10.67 43.92
N HIS A 513 4.42 11.23 44.09
CA HIS A 513 4.21 12.67 44.08
C HIS A 513 3.83 13.13 45.49
N VAL A 514 4.65 13.97 46.11
CA VAL A 514 4.37 14.50 47.44
C VAL A 514 4.10 15.97 47.30
N CYS A 515 2.91 16.40 47.68
CA CYS A 515 2.46 17.77 47.48
C CYS A 515 1.96 18.40 48.77
N ALA A 516 2.35 19.65 48.98
CA ALA A 516 1.73 20.48 50.00
C ALA A 516 0.51 21.11 49.36
N ARG A 517 -0.46 21.48 50.20
CA ARG A 517 -1.74 22.06 49.76
C ARG A 517 -1.65 23.56 49.47
N PRO A 518 -1.88 23.97 48.21
CA PRO A 518 -1.94 25.41 47.95
C PRO A 518 -3.12 26.10 48.61
N GLU A 519 -2.98 27.39 48.91
CA GLU A 519 -4.04 28.17 49.54
C GLU A 519 -5.30 28.15 48.68
N LYS A 520 -5.16 28.40 47.39
CA LYS A 520 -6.29 28.45 46.48
C LYS A 520 -6.45 27.21 45.61
N PRO A 521 -7.69 26.95 45.15
CA PRO A 521 -7.92 25.81 44.29
C PRO A 521 -7.36 26.00 42.87
N PRO A 522 -7.41 24.97 42.05
CA PRO A 522 -6.94 25.07 40.68
C PRO A 522 -7.64 26.13 39.83
N GLY A 523 -6.93 26.57 38.80
CA GLY A 523 -7.47 27.43 37.77
C GLY A 523 -8.33 26.71 36.77
N GLN A 524 -8.77 27.48 35.77
CA GLN A 524 -9.79 27.08 34.81
C GLN A 524 -9.19 26.33 33.64
N VAL A 525 -9.80 25.21 33.26
CA VAL A 525 -9.48 24.55 32.00
C VAL A 525 -9.85 25.47 30.84
N THR A 526 -8.95 25.59 29.88
CA THR A 526 -9.19 26.41 28.71
C THR A 526 -9.09 25.64 27.40
N ARG A 527 -9.52 26.28 26.31
CA ARG A 527 -9.36 25.76 24.95
C ARG A 527 -10.01 24.41 24.73
N LEU A 528 -11.17 24.19 25.32
CA LEU A 528 -11.82 22.92 25.13
C LEU A 528 -12.33 22.83 23.70
N ARG A 529 -12.05 21.70 23.03
CA ARG A 529 -12.66 21.43 21.72
C ARG A 529 -13.12 19.97 21.61
N ALA A 530 -14.16 19.78 20.80
CA ALA A 530 -14.76 18.47 20.54
C ALA A 530 -14.50 18.06 19.09
N LEU A 531 -13.81 16.94 18.87
CA LEU A 531 -13.43 16.51 17.52
C LEU A 531 -14.12 15.21 17.15
N PRO A 532 -14.83 15.18 16.01
CA PRO A 532 -15.55 13.93 15.61
C PRO A 532 -14.63 12.77 15.29
N LEU A 533 -15.02 11.56 15.69
CA LEU A 533 -14.29 10.36 15.29
C LEU A 533 -15.09 9.50 14.33
N THR A 534 -16.34 9.25 14.69
CA THR A 534 -17.24 8.40 13.91
C THR A 534 -18.61 8.52 14.57
N GLN A 535 -19.67 8.01 13.95
CA GLN A 535 -20.97 8.08 14.63
C GLN A 535 -20.84 7.51 16.07
N GLY A 536 -21.26 8.30 17.07
CA GLY A 536 -21.29 7.85 18.46
C GLY A 536 -20.02 8.07 19.28
N GLN A 537 -19.03 8.75 18.69
CA GLN A 537 -17.73 8.92 19.30
C GLN A 537 -17.13 10.28 18.96
N LEU A 538 -16.49 10.90 19.96
CA LEU A 538 -15.70 12.10 19.73
C LEU A 538 -14.49 12.14 20.66
N VAL A 539 -13.52 12.99 20.33
CA VAL A 539 -12.40 13.31 21.22
C VAL A 539 -12.65 14.65 21.85
N LEU A 540 -12.44 14.75 23.16
CA LEU A 540 -12.34 16.03 23.84
C LEU A 540 -10.89 16.31 24.16
N VAL A 541 -10.47 17.54 23.89
CA VAL A 541 -9.08 17.95 24.16
C VAL A 541 -9.08 19.38 24.68
N TRP A 542 -8.13 19.67 25.58
CA TRP A 542 -8.08 20.97 26.27
C TRP A 542 -6.67 21.31 26.69
N SER A 543 -6.50 22.52 27.22
CA SER A 543 -5.22 23.01 27.69
C SER A 543 -5.23 23.13 29.19
N ASP A 544 -4.09 22.83 29.81
CA ASP A 544 -3.92 23.04 31.25
C ASP A 544 -3.10 24.31 31.53
N GLU A 545 -2.95 25.17 30.53
CA GLU A 545 -2.13 26.39 30.65
C GLU A 545 -2.43 27.23 31.91
N HIS A 546 -3.71 27.41 32.27
CA HIS A 546 -4.07 28.27 33.43
C HIS A 546 -4.55 27.49 34.65
N VAL A 547 -4.20 26.21 34.71
CA VAL A 547 -4.62 25.37 35.82
C VAL A 547 -3.79 25.65 37.08
N GLY A 548 -2.53 26.00 36.91
CA GLY A 548 -1.69 26.33 38.02
C GLY A 548 -0.94 25.07 38.40
N SER A 549 -1.37 24.45 39.47
CA SER A 549 -0.59 23.40 40.16
C SER A 549 -0.57 22.09 39.37
N LYS A 550 0.46 21.28 39.63
CA LYS A 550 0.57 19.93 39.06
C LYS A 550 -0.05 18.87 39.96
N CYS A 551 -0.60 19.29 41.10
CA CYS A 551 -1.14 18.36 42.10
C CYS A 551 -2.58 18.09 41.76
N LEU A 552 -2.77 17.38 40.64
CA LEU A 552 -4.07 17.11 40.06
C LEU A 552 -4.36 15.62 40.05
N TRP A 553 -5.56 15.28 40.49
CA TRP A 553 -6.03 13.91 40.51
C TRP A 553 -6.62 13.50 39.14
N THR A 554 -7.55 14.30 38.63
CA THR A 554 -8.18 14.01 37.37
C THR A 554 -8.82 15.27 36.80
N TYR A 555 -9.36 15.16 35.59
CA TYR A 555 -10.21 16.20 35.03
C TYR A 555 -11.62 15.64 34.99
N GLU A 556 -12.56 16.34 35.62
CA GLU A 556 -13.96 15.91 35.62
C GLU A 556 -14.60 16.42 34.34
N ILE A 557 -15.11 15.52 33.52
CA ILE A 557 -15.85 15.86 32.32
C ILE A 557 -17.34 15.74 32.58
N GLN A 558 -18.09 16.73 32.13
CA GLN A 558 -19.54 16.69 32.26
C GLN A 558 -20.21 16.90 30.91
N PHE A 559 -21.36 16.26 30.76
CA PHE A 559 -22.11 16.21 29.52
C PHE A 559 -23.59 16.51 29.80
N SER A 560 -24.20 17.30 28.92
CA SER A 560 -25.58 17.74 29.04
C SER A 560 -26.31 17.63 27.72
N GLN A 561 -27.42 16.88 27.71
CA GLN A 561 -28.33 16.83 26.56
C GLN A 561 -29.75 17.13 27.04
N ALA A 565 -29.58 18.95 32.58
CA ALA A 565 -28.56 19.09 33.62
C ALA A 565 -27.25 18.40 33.23
N TYR A 566 -26.13 19.01 33.58
CA TYR A 566 -24.83 18.40 33.29
C TYR A 566 -24.63 17.17 34.17
N THR A 567 -24.17 16.07 33.57
CA THR A 567 -23.96 14.81 34.27
C THR A 567 -22.49 14.43 34.16
N PRO A 568 -21.87 13.95 35.25
CA PRO A 568 -20.46 13.59 35.15
C PRO A 568 -20.28 12.34 34.29
N VAL A 569 -19.18 12.30 33.54
CA VAL A 569 -18.82 11.13 32.75
C VAL A 569 -17.85 10.31 33.58
N SER A 570 -18.27 9.10 33.93
CA SER A 570 -17.50 8.19 34.74
C SER A 570 -16.32 7.66 33.98
N ARG A 571 -15.13 7.70 34.57
CA ARG A 571 -13.93 7.25 33.88
C ARG A 571 -12.76 7.08 34.83
N LYS A 572 -11.77 6.31 34.41
CA LYS A 572 -10.51 6.21 35.14
C LYS A 572 -9.91 7.60 35.40
N PRO A 573 -9.23 7.77 36.55
CA PRO A 573 -8.54 9.03 36.80
C PRO A 573 -7.42 9.22 35.77
N SER A 574 -7.23 10.47 35.33
CA SER A 574 -6.30 10.76 34.26
C SER A 574 -5.99 12.24 34.27
N THR A 575 -4.72 12.59 34.14
CA THR A 575 -4.34 14.00 33.94
C THR A 575 -3.95 14.31 32.49
N PHE A 576 -4.10 13.33 31.61
CA PHE A 576 -3.95 13.54 30.18
C PHE A 576 -5.01 14.51 29.63
N ASN A 577 -4.57 15.51 28.88
CA ASN A 577 -5.46 16.60 28.49
C ASN A 577 -6.30 16.25 27.25
N LEU A 578 -6.73 15.00 27.18
CA LEU A 578 -7.51 14.48 26.07
C LEU A 578 -8.33 13.24 26.52
N PHE A 579 -9.59 13.13 26.08
CA PHE A 579 -10.42 11.98 26.38
C PHE A 579 -11.27 11.58 25.18
N VAL A 580 -11.26 10.29 24.84
CA VAL A 580 -12.18 9.79 23.82
C VAL A 580 -13.48 9.38 24.51
N PHE A 581 -14.58 9.99 24.09
CA PHE A 581 -15.91 9.74 24.63
C PHE A 581 -16.68 8.84 23.67
N SER A 582 -16.86 7.59 24.09
CA SER A 582 -17.50 6.56 23.28
C SER A 582 -18.57 5.88 24.16
N PRO A 583 -19.67 6.60 24.45
CA PRO A 583 -20.69 6.04 25.33
C PRO A 583 -21.36 4.82 24.69
N ASP A 584 -21.81 3.88 25.53
CA ASP A 584 -22.46 2.65 25.06
C ASP A 584 -23.73 2.94 24.22
N THR A 585 -24.42 4.04 24.55
CA THR A 585 -25.65 4.42 23.86
C THR A 585 -25.45 5.12 22.50
N GLY A 586 -24.22 5.59 22.22
CA GLY A 586 -23.97 6.47 21.07
C GLY A 586 -24.43 7.92 21.21
N ALA A 587 -24.91 8.30 22.40
CA ALA A 587 -25.47 9.66 22.62
C ALA A 587 -24.37 10.67 22.94
N VAL A 588 -23.97 11.45 21.94
CA VAL A 588 -22.89 12.42 22.08
C VAL A 588 -23.26 13.86 21.78
N SER A 589 -24.47 14.11 21.31
CA SER A 589 -24.91 15.46 20.95
C SER A 589 -25.40 16.21 22.19
N GLY A 590 -24.89 17.42 22.38
CA GLY A 590 -25.18 18.21 23.59
C GLY A 590 -24.03 19.17 23.90
N SER A 591 -23.79 19.46 25.19
CA SER A 591 -22.69 20.35 25.61
C SER A 591 -21.75 19.69 26.61
N TYR A 592 -20.47 20.07 26.53
CA TYR A 592 -19.45 19.49 27.38
C TYR A 592 -18.73 20.57 28.14
N ARG A 593 -18.31 20.23 29.35
CA ARG A 593 -17.46 21.12 30.11
C ARG A 593 -16.51 20.30 30.96
N VAL A 594 -15.36 20.90 31.25
CA VAL A 594 -14.29 20.21 31.95
C VAL A 594 -13.64 21.09 33.03
N ARG A 595 -13.31 20.48 34.17
CA ARG A 595 -12.56 21.19 35.21
C ARG A 595 -11.51 20.30 35.87
N ALA A 596 -10.50 20.95 36.44
CA ALA A 596 -9.49 20.23 37.20
C ALA A 596 -10.01 19.87 38.59
N LEU A 597 -9.63 18.69 39.07
N LEU A 597 -9.63 18.69 39.07
CA LEU A 597 -9.89 18.27 40.45
CA LEU A 597 -9.88 18.28 40.45
C LEU A 597 -8.52 17.97 41.08
C LEU A 597 -8.52 17.98 41.08
N ASP A 598 -8.18 18.68 42.16
CA ASP A 598 -6.88 18.52 42.81
C ASP A 598 -6.85 17.41 43.87
N TYR A 599 -5.69 17.20 44.49
CA TYR A 599 -5.53 16.13 45.48
C TYR A 599 -6.30 16.30 46.79
N TRP A 600 -6.95 17.43 46.98
CA TRP A 600 -7.75 17.69 48.19
C TRP A 600 -9.22 17.82 47.82
N ALA A 601 -9.59 17.19 46.70
CA ALA A 601 -10.97 17.19 46.19
C ALA A 601 -11.58 18.60 45.94
N ARG A 602 -10.74 19.61 45.69
CA ARG A 602 -11.23 20.94 45.35
C ARG A 602 -11.29 21.04 43.84
N PRO A 603 -12.44 21.50 43.30
CA PRO A 603 -12.54 21.73 41.88
C PRO A 603 -12.07 23.12 41.49
N GLY A 604 -11.52 23.24 40.29
CA GLY A 604 -11.31 24.54 39.68
C GLY A 604 -12.58 24.91 38.91
N PRO A 605 -12.62 26.11 38.36
CA PRO A 605 -13.83 26.49 37.60
C PRO A 605 -13.94 25.77 36.26
N PHE A 606 -15.16 25.48 35.85
CA PHE A 606 -15.39 24.86 34.56
C PHE A 606 -14.85 25.69 33.38
N SER A 607 -14.40 24.98 32.37
CA SER A 607 -14.18 25.56 31.05
C SER A 607 -15.49 26.18 30.56
N ASP A 608 -15.39 27.08 29.58
CA ASP A 608 -16.57 27.47 28.84
C ASP A 608 -17.17 26.18 28.30
N PRO A 609 -18.51 26.12 28.20
CA PRO A 609 -19.13 24.94 27.59
C PRO A 609 -18.79 24.83 26.11
N VAL A 610 -18.75 23.62 25.59
CA VAL A 610 -18.55 23.40 24.16
C VAL A 610 -19.69 22.54 23.61
N PRO A 611 -20.49 23.10 22.68
CA PRO A 611 -21.56 22.32 22.06
C PRO A 611 -21.05 21.38 20.99
N TYR A 612 -21.82 20.32 20.75
CA TYR A 612 -21.51 19.33 19.73
C TYR A 612 -22.82 18.78 19.23
N LEU A 613 -23.02 18.91 17.91
CA LEU A 613 -24.19 18.33 17.24
C LEU A 613 -23.68 17.40 16.15
N GLU A 614 -23.91 16.11 16.33
CA GLU A 614 -23.52 15.13 15.33
C GLU A 614 -24.39 15.25 14.07
N VAL A 615 -23.77 15.14 12.88
CA VAL A 615 -24.54 15.13 11.62
C VAL A 615 -24.64 13.71 11.05
N PRO A 616 -25.88 13.16 10.90
CA PRO A 616 -26.02 11.79 10.38
C PRO A 616 -25.97 11.71 8.85
N GLU B 1 3.46 18.54 -32.93
CA GLU B 1 2.75 17.24 -33.11
C GLU B 1 1.51 17.42 -34.00
N ALA B 2 1.66 17.10 -35.29
CA ALA B 2 0.50 16.97 -36.18
C ALA B 2 -0.32 15.74 -35.75
N PRO B 3 -1.66 15.81 -35.92
CA PRO B 3 -2.51 14.73 -35.43
C PRO B 3 -2.30 13.42 -36.19
N HIS B 4 -2.59 12.30 -35.57
CA HIS B 4 -2.57 11.02 -36.28
C HIS B 4 -3.88 10.90 -37.02
N LEU B 5 -3.81 10.51 -38.28
CA LEU B 5 -4.98 10.33 -39.11
C LEU B 5 -5.21 8.84 -39.25
N VAL B 6 -6.42 8.39 -38.94
CA VAL B 6 -6.76 6.99 -39.03
C VAL B 6 -7.93 6.85 -39.98
N GLN B 7 -7.66 6.34 -41.18
CA GLN B 7 -8.69 6.17 -42.21
C GLN B 7 -9.06 4.70 -42.30
N VAL B 8 -10.36 4.43 -42.37
CA VAL B 8 -10.89 3.09 -42.50
C VAL B 8 -11.92 3.08 -43.63
N ASP B 9 -11.83 2.08 -44.51
CA ASP B 9 -12.72 1.93 -45.65
C ASP B 9 -13.51 0.64 -45.44
N ALA B 10 -14.79 0.81 -45.11
CA ALA B 10 -15.67 -0.30 -44.74
C ALA B 10 -16.30 -0.99 -45.94
N ALA B 11 -15.99 -0.50 -47.14
CA ALA B 11 -16.41 -1.16 -48.37
C ALA B 11 -15.37 -2.19 -48.81
N ARG B 12 -14.10 -1.88 -48.52
CA ARG B 12 -12.97 -2.77 -48.87
C ARG B 12 -12.71 -3.83 -47.79
N ALA B 13 -13.48 -4.92 -47.83
CA ALA B 13 -13.21 -6.11 -47.02
C ALA B 13 -12.11 -6.91 -47.70
N LEU B 14 -10.91 -6.93 -47.12
CA LEU B 14 -9.72 -7.44 -47.83
C LEU B 14 -9.48 -8.95 -47.80
N TRP B 15 -9.62 -9.56 -46.63
CA TRP B 15 -9.32 -11.01 -46.44
C TRP B 15 -9.84 -11.44 -45.09
N PRO B 16 -9.80 -12.75 -44.80
CA PRO B 16 -10.20 -13.21 -43.48
C PRO B 16 -9.40 -12.57 -42.36
N LEU B 17 -10.09 -12.31 -41.25
CA LEU B 17 -9.46 -11.95 -39.98
C LEU B 17 -9.81 -13.05 -39.00
N ARG B 18 -8.80 -13.77 -38.54
CA ARG B 18 -9.01 -14.85 -37.59
C ARG B 18 -8.70 -14.36 -36.22
N ARG B 19 -9.50 -14.77 -35.26
CA ARG B 19 -9.26 -14.44 -33.87
C ARG B 19 -8.26 -15.41 -33.27
N PHE B 20 -7.00 -15.21 -33.66
CA PHE B 20 -5.90 -16.15 -33.38
C PHE B 20 -5.30 -16.05 -31.96
N TRP B 21 -5.79 -15.10 -31.17
CA TRP B 21 -5.19 -14.72 -29.88
C TRP B 21 -6.02 -15.18 -28.67
N ARG B 22 -7.02 -16.02 -28.87
CA ARG B 22 -7.99 -16.31 -27.79
C ARG B 22 -7.53 -17.44 -26.86
N SER B 23 -6.37 -17.24 -26.28
CA SER B 23 -5.72 -18.22 -25.43
C SER B 23 -5.06 -17.53 -24.23
N THR B 24 -5.07 -18.24 -23.11
CA THR B 24 -4.26 -17.87 -21.97
C THR B 24 -3.62 -19.14 -21.45
N GLY B 25 -2.88 -19.02 -20.36
CA GLY B 25 -2.32 -20.20 -19.70
C GLY B 25 -1.73 -19.92 -18.34
N PHE B 26 -1.34 -20.97 -17.63
CA PHE B 26 -0.65 -20.83 -16.34
C PHE B 26 -0.01 -22.13 -15.90
N CYS B 27 0.74 -22.04 -14.82
CA CYS B 27 1.40 -23.18 -14.20
C CYS B 27 0.95 -23.28 -12.75
N PRO B 28 0.48 -24.44 -12.29
CA PRO B 28 0.28 -24.59 -10.84
C PRO B 28 1.62 -24.48 -10.06
N PRO B 29 1.56 -24.00 -8.80
CA PRO B 29 2.77 -23.97 -7.95
C PRO B 29 3.18 -25.38 -7.45
N LEU B 30 4.29 -25.47 -6.74
CA LEU B 30 5.00 -26.78 -6.56
C LEU B 30 4.21 -27.95 -5.92
N TYR B 38 -4.65 -26.89 -5.92
CA TYR B 38 -4.63 -25.49 -6.35
C TYR B 38 -5.59 -25.27 -7.51
N VAL B 39 -5.48 -26.08 -8.55
CA VAL B 39 -6.36 -25.96 -9.73
C VAL B 39 -7.87 -26.16 -9.39
N LEU B 40 -8.19 -26.82 -8.28
CA LEU B 40 -9.58 -26.99 -7.84
C LEU B 40 -10.01 -26.08 -6.66
N SER B 41 -9.15 -25.14 -6.25
CA SER B 41 -9.49 -24.25 -5.14
C SER B 41 -10.56 -23.24 -5.56
N TRP B 42 -11.22 -22.65 -4.57
CA TRP B 42 -12.21 -21.62 -4.85
C TRP B 42 -11.61 -20.47 -5.71
N ASP B 43 -10.36 -20.13 -5.42
CA ASP B 43 -9.62 -19.09 -6.14
C ASP B 43 -9.62 -19.40 -7.64
N GLN B 44 -9.21 -20.61 -7.98
CA GLN B 44 -9.15 -21.00 -9.37
C GLN B 44 -10.53 -21.04 -9.99
N GLN B 45 -11.54 -21.48 -9.22
CA GLN B 45 -12.91 -21.48 -9.74
C GLN B 45 -13.41 -20.11 -10.11
N LEU B 46 -13.10 -19.14 -9.26
CA LEU B 46 -13.43 -17.75 -9.56
C LEU B 46 -12.63 -17.25 -10.74
N ASN B 47 -11.34 -17.58 -10.79
CA ASN B 47 -10.45 -17.13 -11.87
C ASN B 47 -10.97 -17.58 -13.25
N LEU B 48 -11.38 -18.83 -13.36
CA LEU B 48 -11.85 -19.35 -14.63
C LEU B 48 -13.25 -18.86 -14.95
N ALA B 49 -14.02 -18.50 -13.93
CA ALA B 49 -15.29 -17.83 -14.21
C ALA B 49 -15.01 -16.48 -14.90
N TYR B 50 -14.01 -15.76 -14.41
CA TYR B 50 -13.63 -14.48 -15.01
C TYR B 50 -13.11 -14.68 -16.43
N VAL B 51 -12.28 -15.70 -16.64
CA VAL B 51 -11.70 -15.96 -17.96
C VAL B 51 -12.80 -16.32 -19.00
N GLY B 52 -13.74 -17.17 -18.60
CA GLY B 52 -14.85 -17.57 -19.46
C GLY B 52 -15.91 -16.52 -19.73
N ALA B 53 -15.92 -15.46 -18.93
CA ALA B 53 -16.92 -14.41 -19.04
C ALA B 53 -16.53 -13.35 -20.07
N VAL B 54 -15.30 -13.42 -20.58
CA VAL B 54 -14.94 -12.56 -21.69
C VAL B 54 -15.93 -12.85 -22.80
N PRO B 55 -16.56 -11.80 -23.34
CA PRO B 55 -17.67 -12.07 -24.24
C PRO B 55 -17.27 -12.66 -25.59
N HIS B 56 -18.21 -13.36 -26.20
CA HIS B 56 -18.13 -13.93 -27.55
C HIS B 56 -16.93 -14.87 -27.71
N ARG B 57 -16.78 -15.76 -26.74
CA ARG B 57 -15.70 -16.72 -26.69
C ARG B 57 -14.31 -16.08 -26.83
N GLY B 58 -14.14 -14.89 -26.24
CA GLY B 58 -12.93 -14.08 -26.41
C GLY B 58 -11.65 -14.65 -25.83
N ILE B 59 -11.78 -15.55 -24.86
CA ILE B 59 -10.70 -16.46 -24.47
C ILE B 59 -11.25 -17.88 -24.47
N LYS B 60 -10.60 -18.75 -25.21
CA LYS B 60 -11.16 -20.06 -25.51
C LYS B 60 -10.33 -21.19 -24.88
N GLN B 61 -9.02 -21.05 -24.90
CA GLN B 61 -8.10 -22.07 -24.45
C GLN B 61 -7.32 -21.62 -23.18
N VAL B 62 -7.15 -22.53 -22.24
CA VAL B 62 -6.32 -22.33 -21.05
C VAL B 62 -5.21 -23.37 -21.06
N ARG B 63 -4.03 -22.98 -21.51
CA ARG B 63 -2.88 -23.86 -21.58
C ARG B 63 -2.30 -24.06 -20.18
N THR B 64 -2.49 -25.26 -19.66
CA THR B 64 -2.25 -25.59 -18.26
C THR B 64 -1.13 -26.62 -18.09
N HIS B 65 -0.11 -26.27 -17.32
CA HIS B 65 1.03 -27.17 -17.06
C HIS B 65 0.66 -28.26 -16.03
N TRP B 66 1.45 -29.34 -16.04
CA TRP B 66 1.39 -30.40 -15.03
C TRP B 66 0.03 -31.13 -14.89
N LEU B 67 -0.75 -31.20 -15.97
CA LEU B 67 -2.04 -31.87 -15.95
C LEU B 67 -1.93 -33.36 -15.60
N LEU B 68 -0.81 -34.02 -15.94
CA LEU B 68 -0.69 -35.43 -15.61
C LEU B 68 -0.09 -35.67 -14.21
N GLU B 69 0.01 -34.62 -13.41
CA GLU B 69 0.18 -34.79 -11.97
C GLU B 69 -1.20 -34.79 -11.29
N LEU B 70 -2.27 -34.52 -12.03
CA LEU B 70 -3.63 -34.68 -11.52
C LEU B 70 -4.14 -36.13 -11.65
N VAL B 71 -3.30 -37.02 -12.18
CA VAL B 71 -3.64 -38.42 -12.29
C VAL B 71 -2.72 -39.15 -11.34
N THR B 72 -3.27 -40.13 -10.60
CA THR B 72 -2.47 -41.02 -9.74
C THR B 72 -2.51 -42.48 -10.19
N THR B 73 -1.52 -43.28 -9.76
CA THR B 73 -1.53 -44.72 -10.01
C THR B 73 -1.65 -45.53 -8.72
N LEU B 81 -1.74 -52.20 -13.91
CA LEU B 81 -1.59 -50.73 -13.81
C LEU B 81 -2.90 -50.00 -14.08
N SER B 82 -3.40 -49.29 -13.07
CA SER B 82 -4.65 -48.52 -13.23
C SER B 82 -4.47 -47.10 -12.67
N TYR B 83 -5.24 -46.16 -13.20
CA TYR B 83 -5.05 -44.74 -12.94
C TYR B 83 -6.29 -44.17 -12.28
N ASN B 84 -6.11 -43.17 -11.44
CA ASN B 84 -7.22 -42.48 -10.80
C ASN B 84 -7.24 -41.06 -11.42
N PHE B 85 -8.28 -40.80 -12.21
CA PHE B 85 -8.45 -39.57 -12.98
C PHE B 85 -9.29 -38.53 -12.27
N THR B 86 -9.64 -38.75 -11.00
CA THR B 86 -10.63 -37.90 -10.35
C THR B 86 -10.26 -36.43 -10.39
N HIS B 87 -9.03 -36.09 -10.00
CA HIS B 87 -8.64 -34.70 -10.00
C HIS B 87 -8.63 -34.08 -11.40
N LEU B 88 -8.11 -34.81 -12.38
CA LEU B 88 -8.15 -34.34 -13.76
C LEU B 88 -9.59 -34.08 -14.22
N ASP B 89 -10.52 -34.97 -13.89
CA ASP B 89 -11.95 -34.79 -14.22
C ASP B 89 -12.44 -33.46 -13.68
N GLY B 90 -12.06 -33.18 -12.43
CA GLY B 90 -12.47 -31.94 -11.76
C GLY B 90 -12.07 -30.69 -12.52
N TYR B 91 -10.80 -30.62 -12.90
CA TYR B 91 -10.30 -29.46 -13.60
C TYR B 91 -10.92 -29.34 -14.99
N LEU B 92 -11.01 -30.47 -15.72
CA LEU B 92 -11.56 -30.43 -17.06
C LEU B 92 -13.05 -30.07 -17.05
N ASP B 93 -13.80 -30.60 -16.07
CA ASP B 93 -15.21 -30.23 -15.90
C ASP B 93 -15.35 -28.73 -15.63
N LEU B 94 -14.45 -28.23 -14.80
CA LEU B 94 -14.40 -26.82 -14.47
C LEU B 94 -14.16 -25.97 -15.70
N LEU B 95 -13.22 -26.38 -16.55
CA LEU B 95 -13.03 -25.71 -17.84
C LEU B 95 -14.31 -25.78 -18.69
N ARG B 96 -14.88 -26.97 -18.78
CA ARG B 96 -16.09 -27.19 -19.56
C ARG B 96 -17.24 -26.31 -19.08
N GLU B 97 -17.39 -26.20 -17.77
CA GLU B 97 -18.47 -25.40 -17.19
C GLU B 97 -18.36 -23.91 -17.58
N ASN B 98 -17.14 -23.46 -17.86
CA ASN B 98 -16.89 -22.08 -18.25
C ASN B 98 -16.66 -21.90 -19.76
N GLN B 99 -17.00 -22.92 -20.56
CA GLN B 99 -16.88 -22.84 -22.01
C GLN B 99 -15.44 -22.61 -22.44
N LEU B 100 -14.52 -23.26 -21.73
CA LEU B 100 -13.11 -23.21 -22.06
C LEU B 100 -12.62 -24.60 -22.42
N LEU B 101 -11.49 -24.63 -23.13
CA LEU B 101 -10.83 -25.85 -23.55
C LEU B 101 -9.43 -25.87 -22.93
N PRO B 102 -8.92 -27.05 -22.58
CA PRO B 102 -7.56 -27.08 -22.10
C PRO B 102 -6.60 -27.02 -23.27
N GLY B 103 -5.50 -26.32 -23.09
CA GLY B 103 -4.32 -26.49 -23.90
C GLY B 103 -3.64 -27.62 -23.19
N PHE B 104 -3.82 -28.83 -23.71
CA PHE B 104 -3.56 -30.04 -22.96
C PHE B 104 -2.14 -30.50 -23.17
N GLU B 105 -1.23 -29.92 -22.40
CA GLU B 105 0.14 -30.39 -22.42
C GLU B 105 0.20 -31.75 -21.76
N LEU B 106 0.85 -32.71 -22.41
CA LEU B 106 0.92 -34.07 -21.88
C LEU B 106 2.12 -34.14 -20.98
N MET B 107 1.93 -33.61 -19.78
CA MET B 107 3.02 -33.15 -18.95
C MET B 107 2.82 -33.59 -17.51
N GLY B 108 3.70 -34.45 -17.02
CA GLY B 108 3.63 -34.99 -15.66
C GLY B 108 4.08 -36.43 -15.58
N SER B 109 4.10 -36.97 -14.37
CA SER B 109 4.68 -38.31 -14.11
C SER B 109 3.64 -39.29 -13.61
N ALA B 110 2.37 -38.86 -13.61
CA ALA B 110 1.28 -39.57 -12.96
C ALA B 110 1.63 -39.96 -11.52
N SER B 111 2.07 -38.96 -10.75
CA SER B 111 2.42 -39.08 -9.34
C SER B 111 3.54 -40.07 -9.10
N GLY B 112 4.61 -39.94 -9.88
CA GLY B 112 5.83 -40.69 -9.64
C GLY B 112 5.99 -41.97 -10.41
N HIS B 113 4.98 -42.40 -11.15
CA HIS B 113 5.14 -43.64 -11.91
C HIS B 113 6.18 -43.54 -13.04
N PHE B 114 6.11 -42.49 -13.85
CA PHE B 114 7.01 -42.41 -14.99
C PHE B 114 8.31 -41.76 -14.59
N THR B 115 9.43 -42.42 -14.89
CA THR B 115 10.76 -41.90 -14.55
C THR B 115 11.77 -41.85 -15.72
N ASP B 116 11.55 -42.58 -16.80
CA ASP B 116 12.60 -42.79 -17.79
C ASP B 116 12.00 -43.20 -19.14
N PHE B 117 12.08 -42.30 -20.13
CA PHE B 117 11.47 -42.58 -21.42
C PHE B 117 12.40 -43.29 -22.40
N GLU B 118 13.57 -43.72 -21.92
CA GLU B 118 14.37 -44.70 -22.66
C GLU B 118 14.13 -46.13 -22.16
N ASP B 119 13.39 -46.27 -21.06
CA ASP B 119 12.85 -47.56 -20.64
C ASP B 119 11.65 -47.91 -21.53
N LYS B 120 11.85 -48.94 -22.35
CA LYS B 120 10.87 -49.41 -23.33
C LYS B 120 9.48 -49.71 -22.70
N GLN B 121 9.42 -50.28 -21.51
CA GLN B 121 8.14 -50.58 -20.86
C GLN B 121 7.38 -49.30 -20.53
N GLN B 122 8.11 -48.29 -20.10
CA GLN B 122 7.52 -47.01 -19.75
C GLN B 122 6.97 -46.29 -20.99
N VAL B 123 7.63 -46.44 -22.12
CA VAL B 123 7.18 -45.80 -23.36
C VAL B 123 5.84 -46.41 -23.76
N PHE B 124 5.74 -47.72 -23.68
CA PHE B 124 4.46 -48.43 -23.92
C PHE B 124 3.36 -48.03 -22.93
N GLU B 125 3.72 -47.89 -21.66
CA GLU B 125 2.75 -47.51 -20.63
C GLU B 125 2.22 -46.11 -20.88
N TRP B 126 3.10 -45.21 -21.32
CA TRP B 126 2.71 -43.83 -21.66
C TRP B 126 1.70 -43.80 -22.79
N LYS B 127 1.96 -44.56 -23.85
CA LYS B 127 1.01 -44.67 -24.96
C LYS B 127 -0.36 -45.07 -24.42
N ASP B 128 -0.41 -46.08 -23.57
CA ASP B 128 -1.68 -46.58 -23.05
C ASP B 128 -2.36 -45.57 -22.10
N LEU B 129 -1.56 -44.86 -21.29
CA LEU B 129 -2.11 -43.78 -20.49
C LEU B 129 -2.75 -42.72 -21.38
N VAL B 130 -2.02 -42.31 -22.41
CA VAL B 130 -2.52 -41.27 -23.28
C VAL B 130 -3.84 -41.67 -23.95
N SER B 131 -3.92 -42.88 -24.43
CA SER B 131 -5.11 -43.42 -25.05
C SER B 131 -6.28 -43.45 -24.13
N SER B 132 -6.01 -43.96 -22.95
CA SER B 132 -6.98 -44.08 -21.90
C SER B 132 -7.62 -42.76 -21.53
N LEU B 133 -6.77 -41.77 -21.35
CA LEU B 133 -7.14 -40.41 -21.04
C LEU B 133 -8.04 -39.84 -22.12
N ALA B 134 -7.58 -40.00 -23.34
CA ALA B 134 -8.26 -39.39 -24.44
C ALA B 134 -9.61 -40.03 -24.66
N ARG B 135 -9.66 -41.35 -24.59
CA ARG B 135 -10.94 -42.06 -24.73
C ARG B 135 -11.89 -41.70 -23.60
N ARG B 136 -11.34 -41.55 -22.39
CA ARG B 136 -12.18 -41.16 -21.27
C ARG B 136 -12.88 -39.82 -21.54
N TYR B 137 -12.13 -38.83 -22.01
CA TYR B 137 -12.71 -37.50 -22.20
C TYR B 137 -13.53 -37.38 -23.49
N ILE B 138 -13.20 -38.20 -24.48
CA ILE B 138 -14.09 -38.41 -25.64
C ILE B 138 -15.45 -38.94 -25.16
N GLY B 139 -15.44 -39.91 -24.24
CA GLY B 139 -16.69 -40.40 -23.67
C GLY B 139 -17.41 -39.34 -22.86
N ARG B 140 -16.65 -38.58 -22.08
CA ARG B 140 -17.23 -37.63 -21.17
C ARG B 140 -17.81 -36.41 -21.88
N TYR B 141 -17.11 -35.90 -22.91
CA TYR B 141 -17.52 -34.67 -23.57
C TYR B 141 -17.93 -34.80 -25.04
N GLY B 142 -17.70 -35.95 -25.66
CA GLY B 142 -17.97 -36.11 -27.10
C GLY B 142 -16.74 -35.84 -27.93
N LEU B 143 -16.60 -36.60 -29.02
CA LEU B 143 -15.44 -36.49 -29.87
C LEU B 143 -15.32 -35.12 -30.54
N ALA B 144 -16.46 -34.54 -30.91
CA ALA B 144 -16.46 -33.22 -31.52
C ALA B 144 -15.74 -32.23 -30.60
N HIS B 145 -16.06 -32.26 -29.32
CA HIS B 145 -15.41 -31.37 -28.38
C HIS B 145 -13.92 -31.63 -28.23
N VAL B 146 -13.55 -32.88 -27.96
CA VAL B 146 -12.17 -33.21 -27.63
C VAL B 146 -11.25 -33.00 -28.83
N SER B 147 -11.79 -33.12 -30.04
CA SER B 147 -10.97 -32.95 -31.22
C SER B 147 -10.64 -31.48 -31.50
N LYS B 148 -11.30 -30.55 -30.81
CA LYS B 148 -10.89 -29.15 -30.85
C LYS B 148 -9.69 -28.85 -29.94
N TRP B 149 -9.33 -29.76 -29.04
CA TRP B 149 -8.25 -29.53 -28.09
C TRP B 149 -6.86 -29.53 -28.73
N ASN B 150 -6.02 -28.57 -28.33
CA ASN B 150 -4.62 -28.61 -28.70
C ASN B 150 -3.83 -29.46 -27.72
N PHE B 151 -3.71 -30.75 -28.00
CA PHE B 151 -2.78 -31.56 -27.23
C PHE B 151 -1.36 -31.13 -27.62
N GLU B 152 -0.44 -31.21 -26.67
CA GLU B 152 0.88 -30.67 -26.88
C GLU B 152 1.90 -31.43 -26.07
N THR B 153 3.16 -31.33 -26.48
CA THR B 153 4.22 -31.92 -25.70
C THR B 153 4.38 -31.20 -24.37
N TRP B 154 5.11 -31.86 -23.48
CA TRP B 154 5.68 -31.32 -22.25
C TRP B 154 6.26 -29.94 -22.51
N ASN B 155 5.99 -29.00 -21.61
CA ASN B 155 6.45 -27.61 -21.77
C ASN B 155 7.96 -27.44 -21.75
N GLU B 156 8.44 -26.59 -22.65
CA GLU B 156 9.85 -26.20 -22.70
C GLU B 156 10.82 -27.34 -22.39
N PRO B 157 10.87 -28.36 -23.26
CA PRO B 157 11.75 -29.51 -23.06
C PRO B 157 13.26 -29.18 -23.00
N ASP B 158 13.69 -28.12 -23.67
CA ASP B 158 15.10 -27.73 -23.57
C ASP B 158 15.42 -26.90 -22.33
N HIS B 159 14.42 -26.64 -21.48
CA HIS B 159 14.65 -25.91 -20.21
C HIS B 159 14.69 -26.84 -19.00
N HIS B 160 14.98 -28.14 -19.21
CA HIS B 160 15.34 -29.08 -18.12
C HIS B 160 14.31 -29.17 -16.99
N ASP B 161 13.04 -29.03 -17.32
CA ASP B 161 11.97 -28.85 -16.35
C ASP B 161 11.17 -30.16 -16.20
N PHE B 162 11.84 -31.20 -15.72
CA PHE B 162 11.26 -32.54 -15.76
C PHE B 162 10.98 -33.22 -14.40
N ASP B 163 11.20 -32.54 -13.28
CA ASP B 163 11.12 -33.15 -11.94
C ASP B 163 12.04 -34.39 -11.87
N ASN B 164 11.56 -35.54 -11.39
CA ASN B 164 12.40 -36.75 -11.31
C ASN B 164 12.21 -37.63 -12.55
N VAL B 165 12.12 -37.02 -13.72
CA VAL B 165 11.90 -37.75 -14.96
C VAL B 165 13.06 -37.53 -15.90
N SER B 166 13.74 -38.61 -16.24
CA SER B 166 14.84 -38.56 -17.16
C SER B 166 14.27 -38.45 -18.58
N MET B 167 14.55 -37.33 -19.25
CA MET B 167 14.10 -37.07 -20.62
C MET B 167 15.28 -36.67 -21.49
N THR B 168 16.03 -37.66 -21.96
CA THR B 168 17.12 -37.42 -22.89
C THR B 168 16.57 -37.06 -24.28
N MET B 169 17.47 -36.80 -25.21
CA MET B 169 17.09 -36.52 -26.59
C MET B 169 16.30 -37.69 -27.14
N GLN B 170 16.83 -38.90 -27.01
CA GLN B 170 16.13 -40.06 -27.54
C GLN B 170 14.83 -40.30 -26.76
N GLY B 171 14.85 -40.06 -25.45
CA GLY B 171 13.66 -40.27 -24.64
C GLY B 171 12.52 -39.35 -25.02
N PHE B 172 12.86 -38.11 -25.38
CA PHE B 172 11.87 -37.14 -25.84
C PHE B 172 11.17 -37.63 -27.11
N LEU B 173 11.93 -38.26 -28.00
CA LEU B 173 11.34 -38.75 -29.26
C LEU B 173 10.43 -39.93 -29.03
N ASN B 174 10.80 -40.78 -28.07
CA ASN B 174 9.99 -41.95 -27.73
C ASN B 174 8.69 -41.47 -27.11
N TYR B 175 8.84 -40.55 -26.16
CA TYR B 175 7.72 -39.90 -25.46
C TYR B 175 6.76 -39.31 -26.48
N TYR B 176 7.30 -38.58 -27.45
CA TYR B 176 6.47 -37.98 -28.50
C TYR B 176 5.69 -39.02 -29.30
N ASP B 177 6.37 -40.10 -29.71
CA ASP B 177 5.72 -41.14 -30.49
C ASP B 177 4.64 -41.80 -29.65
N ALA B 178 4.90 -42.01 -28.36
CA ALA B 178 3.87 -42.54 -27.47
C ALA B 178 2.67 -41.58 -27.34
N CYS B 179 2.94 -40.28 -27.27
CA CYS B 179 1.85 -39.29 -27.28
C CYS B 179 1.09 -39.40 -28.58
N SER B 180 1.82 -39.45 -29.70
CA SER B 180 1.16 -39.42 -31.01
C SER B 180 0.32 -40.66 -31.26
N GLU B 181 0.88 -41.83 -31.00
CA GLU B 181 0.15 -43.10 -31.18
C GLU B 181 -0.98 -43.26 -30.15
N GLY B 182 -0.75 -42.85 -28.91
CA GLY B 182 -1.78 -42.93 -27.88
C GLY B 182 -3.01 -42.14 -28.27
N LEU B 183 -2.81 -40.93 -28.76
CA LEU B 183 -3.91 -40.12 -29.23
C LEU B 183 -4.55 -40.76 -30.44
N ARG B 184 -3.74 -41.30 -31.35
CA ARG B 184 -4.30 -41.94 -32.54
C ARG B 184 -5.16 -43.15 -32.16
N ALA B 185 -4.68 -43.92 -31.20
CA ALA B 185 -5.46 -45.05 -30.71
C ALA B 185 -6.84 -44.63 -30.17
N ALA B 186 -6.96 -43.41 -29.67
CA ALA B 186 -8.27 -42.89 -29.23
C ALA B 186 -9.09 -42.43 -30.41
N SER B 187 -8.47 -41.64 -31.27
CA SER B 187 -9.08 -41.19 -32.52
C SER B 187 -8.06 -40.47 -33.41
N PRO B 188 -8.10 -40.75 -34.72
CA PRO B 188 -7.22 -40.04 -35.65
C PRO B 188 -7.56 -38.56 -35.77
N ALA B 189 -8.77 -38.19 -35.38
CA ALA B 189 -9.19 -36.79 -35.42
C ALA B 189 -8.45 -35.87 -34.39
N LEU B 190 -7.77 -36.45 -33.40
CA LEU B 190 -7.17 -35.63 -32.36
C LEU B 190 -5.88 -35.01 -32.80
N ARG B 191 -5.64 -33.78 -32.34
CA ARG B 191 -4.55 -32.93 -32.81
C ARG B 191 -3.39 -32.92 -31.82
N LEU B 192 -2.16 -33.06 -32.31
CA LEU B 192 -0.99 -32.98 -31.46
C LEU B 192 0.09 -32.10 -32.10
N GLY B 193 0.70 -31.23 -31.28
CA GLY B 193 1.80 -30.35 -31.70
C GLY B 193 2.84 -30.20 -30.60
N GLY B 194 3.88 -29.45 -30.88
CA GLY B 194 5.02 -29.29 -29.95
C GLY B 194 6.10 -28.52 -30.69
N PRO B 195 7.25 -28.21 -30.08
CA PRO B 195 7.66 -28.68 -28.77
C PRO B 195 7.35 -27.70 -27.66
N GLY B 196 6.92 -26.51 -28.00
CA GLY B 196 6.69 -25.46 -26.99
C GLY B 196 7.96 -24.93 -26.35
N ASP B 197 8.92 -24.49 -27.20
CA ASP B 197 10.17 -23.95 -26.73
C ASP B 197 10.72 -22.87 -27.66
N SER B 198 11.90 -22.36 -27.36
CA SER B 198 12.45 -21.15 -28.00
C SER B 198 12.97 -21.33 -29.41
N PHE B 199 13.53 -22.49 -29.74
CA PHE B 199 14.22 -22.69 -31.03
C PHE B 199 15.35 -21.68 -31.19
N HIS B 200 16.22 -21.63 -30.20
CA HIS B 200 17.44 -20.84 -30.34
C HIS B 200 18.36 -21.53 -31.35
N THR B 201 19.40 -20.81 -31.79
CA THR B 201 20.33 -21.28 -32.82
C THR B 201 21.08 -22.54 -32.36
N PRO B 202 21.17 -23.57 -33.23
CA PRO B 202 21.98 -24.73 -32.89
C PRO B 202 23.42 -24.35 -32.60
N PRO B 203 24.07 -24.96 -31.60
CA PRO B 203 23.59 -26.17 -30.90
C PRO B 203 22.61 -25.97 -29.76
N ARG B 204 22.06 -24.77 -29.58
CA ARG B 204 21.01 -24.58 -28.57
C ARG B 204 19.68 -25.26 -29.00
N SER B 205 18.82 -25.49 -28.02
CA SER B 205 17.50 -26.08 -28.25
C SER B 205 17.53 -27.44 -28.96
N PRO B 206 18.41 -28.36 -28.53
CA PRO B 206 18.56 -29.64 -29.27
C PRO B 206 17.27 -30.49 -29.34
N LEU B 207 16.52 -30.55 -28.26
CA LEU B 207 15.25 -31.29 -28.26
C LEU B 207 14.18 -30.67 -29.15
N SER B 208 14.16 -29.35 -29.25
CA SER B 208 13.20 -28.70 -30.15
C SER B 208 13.49 -29.01 -31.64
N TRP B 209 14.72 -28.77 -32.07
CA TRP B 209 15.14 -29.05 -33.45
C TRP B 209 15.10 -30.57 -33.72
N GLY B 210 15.56 -31.35 -32.76
CA GLY B 210 15.51 -32.80 -32.84
C GLY B 210 14.11 -33.36 -33.06
N LEU B 211 13.10 -32.73 -32.46
CA LEU B 211 11.73 -33.22 -32.61
C LEU B 211 11.26 -33.04 -34.03
N LEU B 212 11.55 -31.86 -34.57
CA LEU B 212 11.20 -31.56 -35.95
C LEU B 212 11.89 -32.54 -36.89
N ARG B 213 13.16 -32.88 -36.63
CA ARG B 213 13.90 -33.75 -37.50
C ARG B 213 13.30 -35.14 -37.47
N HIS B 214 13.02 -35.61 -36.26
CA HIS B 214 12.35 -36.88 -36.04
C HIS B 214 11.02 -36.98 -36.79
N CYS B 215 10.15 -35.98 -36.62
CA CYS B 215 8.84 -35.98 -37.27
C CYS B 215 8.92 -35.86 -38.80
N HIS B 216 9.95 -35.17 -39.28
CA HIS B 216 10.16 -34.97 -40.71
C HIS B 216 10.74 -36.23 -41.33
N ASP B 217 11.79 -36.79 -40.72
CA ASP B 217 12.56 -37.87 -41.35
C ASP B 217 12.84 -39.11 -40.51
N GLY B 218 12.75 -39.04 -39.18
CA GLY B 218 13.04 -40.17 -38.29
C GLY B 218 11.99 -41.28 -38.36
N THR B 219 12.16 -42.32 -37.54
CA THR B 219 11.25 -43.46 -37.52
C THR B 219 10.41 -43.54 -36.25
N ASN B 220 9.12 -43.81 -36.44
CA ASN B 220 8.16 -44.01 -35.36
C ASN B 220 8.56 -45.21 -34.47
N PHE B 221 8.74 -44.96 -33.18
CA PHE B 221 9.05 -45.98 -32.17
C PHE B 221 8.16 -47.22 -32.24
N PHE B 222 6.88 -47.03 -32.51
CA PHE B 222 5.90 -48.13 -32.51
C PHE B 222 5.65 -48.79 -33.87
N THR B 223 5.68 -48.01 -34.96
CA THR B 223 5.34 -48.56 -36.28
C THR B 223 6.52 -48.74 -37.21
N GLY B 224 7.72 -48.25 -36.83
CA GLY B 224 8.91 -48.28 -37.70
C GLY B 224 8.81 -47.45 -38.98
N GLU B 225 7.71 -46.73 -39.13
CA GLU B 225 7.36 -45.94 -40.29
C GLU B 225 8.14 -44.62 -40.30
N ALA B 226 8.58 -44.19 -41.48
CA ALA B 226 9.39 -42.98 -41.62
C ALA B 226 8.47 -41.74 -41.61
N GLY B 227 8.79 -40.79 -40.74
CA GLY B 227 7.95 -39.62 -40.51
C GLY B 227 6.92 -39.86 -39.43
N VAL B 228 6.61 -38.82 -38.66
CA VAL B 228 5.58 -38.87 -37.64
C VAL B 228 4.74 -37.62 -37.67
N ARG B 229 3.43 -37.80 -37.49
CA ARG B 229 2.46 -36.73 -37.42
C ARG B 229 2.97 -35.59 -36.56
N LEU B 230 2.73 -34.36 -37.02
CA LEU B 230 3.02 -33.16 -36.27
C LEU B 230 2.06 -32.10 -36.79
N ASP B 231 0.98 -31.86 -36.06
CA ASP B 231 -0.11 -31.05 -36.59
C ASP B 231 0.11 -29.58 -36.44
N TYR B 232 0.93 -29.18 -35.47
CA TYR B 232 1.36 -27.78 -35.34
C TYR B 232 2.72 -27.71 -34.66
N ILE B 233 3.43 -26.62 -34.89
CA ILE B 233 4.71 -26.35 -34.26
C ILE B 233 4.51 -25.18 -33.29
N SER B 234 4.83 -25.40 -32.03
CA SER B 234 4.65 -24.38 -31.00
C SER B 234 6.00 -23.88 -30.57
N LEU B 235 6.15 -22.57 -30.59
CA LEU B 235 7.37 -21.94 -30.07
C LEU B 235 7.01 -20.97 -28.92
N HIS B 236 8.04 -20.55 -28.18
CA HIS B 236 7.91 -19.49 -27.14
C HIS B 236 8.89 -18.42 -27.46
N ARG B 237 8.39 -17.19 -27.65
CA ARG B 237 9.24 -16.02 -27.79
C ARG B 237 8.56 -14.82 -27.15
N LYS B 238 9.33 -14.17 -26.26
CA LYS B 238 8.86 -13.06 -25.45
C LYS B 238 9.61 -11.78 -25.86
N GLY B 239 9.12 -10.64 -25.41
CA GLY B 239 9.56 -9.37 -25.98
C GLY B 239 10.75 -8.66 -25.32
N ALA B 240 11.11 -9.07 -24.11
CA ALA B 240 12.00 -8.28 -23.27
C ALA B 240 11.55 -6.79 -23.28
N ARG B 241 10.25 -6.59 -23.12
CA ARG B 241 9.59 -5.26 -23.09
C ARG B 241 9.34 -4.58 -24.44
N SER B 242 9.80 -5.19 -25.53
CA SER B 242 9.50 -4.70 -26.88
C SER B 242 8.38 -5.52 -27.46
N SER B 243 7.41 -4.86 -28.10
CA SER B 243 6.31 -5.59 -28.71
C SER B 243 6.73 -6.18 -30.04
N ILE B 244 7.29 -5.34 -30.90
CA ILE B 244 7.66 -5.76 -32.26
C ILE B 244 8.73 -6.84 -32.25
N SER B 245 9.54 -6.89 -31.19
CA SER B 245 10.59 -7.90 -31.08
C SER B 245 10.05 -9.34 -31.12
N ILE B 246 8.84 -9.53 -30.60
CA ILE B 246 8.21 -10.85 -30.59
C ILE B 246 8.04 -11.36 -32.03
N LEU B 247 7.42 -10.54 -32.87
CA LEU B 247 7.23 -10.85 -34.27
C LEU B 247 8.54 -11.02 -35.03
N GLU B 248 9.51 -10.14 -34.76
CA GLU B 248 10.82 -10.24 -35.41
C GLU B 248 11.49 -11.59 -35.15
N GLN B 249 11.43 -12.05 -33.91
CA GLN B 249 11.99 -13.35 -33.54
C GLN B 249 11.21 -14.52 -34.18
N GLU B 250 9.90 -14.40 -34.17
CA GLU B 250 9.03 -15.42 -34.75
C GLU B 250 9.35 -15.63 -36.24
N LYS B 251 9.60 -14.53 -36.96
CA LYS B 251 9.89 -14.60 -38.40
C LYS B 251 11.19 -15.32 -38.69
N VAL B 252 12.20 -15.09 -37.86
CA VAL B 252 13.48 -15.77 -38.03
C VAL B 252 13.28 -17.27 -37.86
N VAL B 253 12.61 -17.67 -36.78
CA VAL B 253 12.43 -19.09 -36.50
C VAL B 253 11.56 -19.74 -37.59
N ALA B 254 10.48 -19.07 -37.98
CA ALA B 254 9.57 -19.60 -38.98
C ALA B 254 10.26 -19.81 -40.33
N GLN B 255 11.14 -18.88 -40.70
CA GLN B 255 11.92 -18.98 -41.91
C GLN B 255 12.92 -20.13 -41.83
N GLN B 256 13.56 -20.32 -40.69
CA GLN B 256 14.50 -21.44 -40.53
C GLN B 256 13.78 -22.77 -40.66
N ILE B 257 12.57 -22.86 -40.12
CA ILE B 257 11.75 -24.07 -40.25
C ILE B 257 11.35 -24.32 -41.72
N ARG B 258 10.94 -23.28 -42.43
CA ARG B 258 10.49 -23.41 -43.83
C ARG B 258 11.58 -24.03 -44.73
N GLN B 259 12.81 -23.55 -44.62
CA GLN B 259 13.90 -24.01 -45.44
C GLN B 259 14.49 -25.34 -45.04
N LEU B 260 14.54 -25.60 -43.73
CA LEU B 260 15.20 -26.80 -43.20
C LEU B 260 14.25 -28.00 -43.24
N PHE B 261 12.95 -27.73 -43.15
CA PHE B 261 11.94 -28.78 -43.11
C PHE B 261 10.82 -28.49 -44.10
N PRO B 262 11.05 -28.77 -45.39
CA PRO B 262 10.07 -28.39 -46.43
C PRO B 262 8.68 -28.99 -46.25
N LYS B 263 8.58 -30.15 -45.61
CA LYS B 263 7.24 -30.74 -45.35
C LYS B 263 6.39 -29.94 -44.37
N PHE B 264 7.03 -29.05 -43.60
CA PHE B 264 6.35 -28.20 -42.63
C PHE B 264 6.15 -26.75 -43.09
N ALA B 265 6.27 -26.49 -44.38
CA ALA B 265 6.11 -25.11 -44.89
C ALA B 265 4.71 -24.55 -44.60
N ASP B 266 3.72 -25.44 -44.57
CA ASP B 266 2.33 -25.10 -44.29
C ASP B 266 1.88 -25.54 -42.90
N THR B 267 2.81 -26.03 -42.09
CA THR B 267 2.45 -26.47 -40.75
C THR B 267 2.17 -25.28 -39.85
N PRO B 268 0.95 -25.19 -39.29
CA PRO B 268 0.58 -24.04 -38.44
C PRO B 268 1.59 -23.80 -37.33
N ILE B 269 1.94 -22.54 -37.09
CA ILE B 269 2.84 -22.15 -36.03
C ILE B 269 2.08 -21.42 -34.93
N TYR B 270 2.38 -21.79 -33.69
CA TYR B 270 1.82 -21.17 -32.50
C TYR B 270 2.96 -20.53 -31.73
N ASN B 271 2.73 -19.35 -31.19
CA ASN B 271 3.56 -18.84 -30.09
C ASN B 271 2.68 -18.87 -28.85
N ASP B 272 2.79 -19.93 -28.08
CA ASP B 272 1.88 -20.06 -26.94
C ASP B 272 2.46 -19.61 -25.61
N GLU B 273 3.52 -18.79 -25.68
CA GLU B 273 3.93 -17.87 -24.58
C GLU B 273 4.50 -16.58 -25.15
N ALA B 274 3.61 -15.74 -25.66
CA ALA B 274 3.99 -14.55 -26.42
C ALA B 274 3.96 -13.28 -25.55
N ASP B 275 4.56 -13.37 -24.38
CA ASP B 275 4.44 -12.30 -23.39
C ASP B 275 5.44 -11.19 -23.62
N PRO B 276 5.07 -9.94 -23.28
CA PRO B 276 6.01 -8.81 -23.29
C PRO B 276 7.32 -9.06 -22.55
N LEU B 277 7.25 -9.75 -21.42
CA LEU B 277 8.39 -9.94 -20.54
C LEU B 277 8.32 -11.25 -19.76
N VAL B 278 9.38 -12.03 -19.86
CA VAL B 278 9.52 -13.26 -19.07
C VAL B 278 9.50 -12.99 -17.54
N GLY B 279 8.88 -13.90 -16.79
CA GLY B 279 8.79 -13.81 -15.32
C GLY B 279 7.48 -13.23 -14.86
N TRP B 280 6.44 -14.06 -14.79
CA TRP B 280 5.09 -13.58 -14.53
C TRP B 280 4.94 -12.91 -13.18
N SER B 281 5.72 -13.36 -12.19
CA SER B 281 5.51 -12.97 -10.79
C SER B 281 6.28 -11.72 -10.43
N LEU B 282 7.18 -11.31 -11.32
CA LEU B 282 7.96 -10.10 -11.14
C LEU B 282 7.02 -8.90 -11.18
N PRO B 283 6.93 -8.14 -10.07
CA PRO B 283 6.00 -7.00 -10.11
C PRO B 283 6.45 -5.94 -11.09
N GLN B 284 5.53 -5.50 -11.95
CA GLN B 284 5.79 -4.41 -12.89
C GLN B 284 4.57 -3.48 -12.85
N PRO B 285 4.79 -2.17 -12.66
CA PRO B 285 3.60 -1.30 -12.59
C PRO B 285 2.76 -1.31 -13.86
N TRP B 286 3.41 -1.46 -15.03
CA TRP B 286 2.68 -1.48 -16.31
C TRP B 286 1.73 -2.67 -16.42
N ARG B 287 2.04 -3.78 -15.76
CA ARG B 287 1.15 -4.95 -15.72
C ARG B 287 -0.18 -4.71 -15.01
N ALA B 288 -0.25 -3.66 -14.20
CA ALA B 288 -1.42 -3.39 -13.38
C ALA B 288 -2.62 -2.82 -14.12
N ASP B 289 -2.37 -2.15 -15.24
CA ASP B 289 -3.39 -1.28 -15.79
C ASP B 289 -3.47 -1.33 -17.32
N VAL B 290 -3.79 -0.20 -17.95
CA VAL B 290 -4.04 -0.19 -19.37
C VAL B 290 -2.72 -0.20 -20.15
N THR B 291 -1.59 0.09 -19.50
CA THR B 291 -0.31 0.05 -20.21
C THR B 291 -0.12 -1.34 -20.82
N TYR B 292 -0.31 -2.37 -20.01
CA TYR B 292 -0.23 -3.78 -20.42
C TYR B 292 -1.34 -4.16 -21.38
N ALA B 293 -2.57 -3.73 -21.10
CA ALA B 293 -3.69 -4.06 -21.95
C ALA B 293 -3.48 -3.52 -23.37
N ALA B 294 -3.00 -2.29 -23.48
CA ALA B 294 -2.81 -1.68 -24.78
C ALA B 294 -1.65 -2.33 -25.53
N MET B 295 -0.60 -2.72 -24.80
CA MET B 295 0.53 -3.39 -25.40
C MET B 295 0.13 -4.75 -26.01
N VAL B 296 -0.75 -5.47 -25.31
CA VAL B 296 -1.23 -6.79 -25.77
C VAL B 296 -1.99 -6.62 -27.08
N VAL B 297 -2.78 -5.53 -27.18
CA VAL B 297 -3.54 -5.23 -28.39
C VAL B 297 -2.60 -4.87 -29.55
N LYS B 298 -1.61 -4.05 -29.25
CA LYS B 298 -0.59 -3.67 -30.21
C LYS B 298 0.18 -4.87 -30.77
N VAL B 299 0.52 -5.82 -29.90
CA VAL B 299 1.25 -7.02 -30.33
C VAL B 299 0.39 -7.77 -31.34
N ILE B 300 -0.89 -7.94 -31.00
CA ILE B 300 -1.85 -8.60 -31.86
C ILE B 300 -2.03 -7.87 -33.20
N ALA B 301 -2.19 -6.56 -33.17
CA ALA B 301 -2.28 -5.74 -34.37
C ALA B 301 -1.06 -5.96 -35.27
N GLN B 302 0.13 -5.92 -34.67
CA GLN B 302 1.37 -6.12 -35.42
C GLN B 302 1.35 -7.46 -36.13
N HIS B 303 0.88 -8.48 -35.42
CA HIS B 303 0.79 -9.83 -35.99
C HIS B 303 -0.18 -9.90 -37.17
N GLN B 304 -1.37 -9.34 -37.00
CA GLN B 304 -2.35 -9.36 -38.07
C GLN B 304 -1.87 -8.51 -39.25
N ASN B 305 -1.41 -7.29 -38.98
CA ASN B 305 -1.07 -6.36 -40.05
C ASN B 305 0.29 -6.59 -40.71
N LEU B 306 1.29 -7.03 -39.96
CA LEU B 306 2.66 -7.17 -40.48
C LEU B 306 3.05 -8.64 -40.69
N LEU B 307 2.14 -9.56 -40.45
CA LEU B 307 2.43 -10.97 -40.71
C LEU B 307 1.31 -11.68 -41.48
N LEU B 308 0.08 -11.64 -41.01
CA LEU B 308 -1.00 -12.38 -41.65
C LEU B 308 -1.71 -11.71 -42.82
N ALA B 309 -1.65 -10.39 -42.96
CA ALA B 309 -2.45 -9.69 -43.98
C ALA B 309 -2.01 -9.95 -45.43
N PHE B 315 3.85 -16.71 -43.85
CA PHE B 315 4.07 -17.74 -42.84
C PHE B 315 2.75 -18.17 -42.18
N PRO B 316 2.61 -19.48 -41.88
CA PRO B 316 1.33 -20.00 -41.37
C PRO B 316 1.18 -19.85 -39.84
N TYR B 317 1.00 -18.60 -39.39
CA TYR B 317 0.86 -18.29 -37.97
C TYR B 317 -0.61 -18.42 -37.57
N ALA B 318 -0.89 -19.25 -36.56
CA ALA B 318 -2.26 -19.63 -36.22
C ALA B 318 -2.70 -19.33 -34.80
N LEU B 319 -1.76 -19.21 -33.87
CA LEU B 319 -2.11 -18.98 -32.48
C LEU B 319 -1.08 -18.15 -31.70
N LEU B 320 -1.60 -17.22 -30.91
CA LEU B 320 -0.81 -16.40 -29.99
C LEU B 320 -1.45 -16.47 -28.60
N SER B 321 -0.69 -16.89 -27.58
CA SER B 321 -1.23 -16.98 -26.23
C SER B 321 -0.43 -16.13 -25.28
N ASN B 322 -1.12 -15.21 -24.62
CA ASN B 322 -0.58 -14.44 -23.51
C ASN B 322 -0.73 -15.33 -22.25
N ASP B 323 0.39 -15.71 -21.67
CA ASP B 323 0.39 -16.68 -20.58
C ASP B 323 0.10 -15.98 -19.24
N ASN B 324 -1.16 -15.56 -19.05
CA ASN B 324 -1.51 -14.66 -17.94
C ASN B 324 -2.73 -15.07 -17.08
N ALA B 325 -2.93 -16.37 -16.89
CA ALA B 325 -4.06 -16.84 -16.09
C ALA B 325 -3.63 -17.21 -14.67
N PHE B 326 -2.42 -16.83 -14.31
CA PHE B 326 -1.89 -17.01 -12.95
C PHE B 326 -2.73 -16.22 -11.97
N LEU B 327 -2.64 -16.62 -10.69
CA LEU B 327 -3.23 -15.86 -9.60
C LEU B 327 -2.17 -15.03 -8.93
N SER B 328 -2.46 -13.75 -8.72
CA SER B 328 -1.48 -12.87 -8.07
C SER B 328 -1.38 -13.22 -6.58
N TYR B 329 -0.25 -12.85 -5.99
CA TYR B 329 -0.05 -13.03 -4.55
C TYR B 329 0.43 -11.75 -3.85
N HIS B 330 0.21 -11.72 -2.54
CA HIS B 330 0.64 -10.61 -1.69
C HIS B 330 2.17 -10.47 -1.74
N PRO B 331 2.72 -9.26 -1.82
CA PRO B 331 1.98 -7.99 -1.73
C PRO B 331 1.77 -7.31 -3.11
N HIS B 332 1.45 -8.05 -4.16
CA HIS B 332 1.35 -7.49 -5.51
C HIS B 332 0.08 -7.88 -6.25
N PRO B 333 -1.06 -7.51 -5.70
CA PRO B 333 -2.29 -8.01 -6.31
C PRO B 333 -2.46 -7.59 -7.76
N PHE B 334 -2.00 -6.40 -8.12
CA PHE B 334 -2.21 -5.87 -9.46
C PHE B 334 -0.97 -5.96 -10.36
N ALA B 335 0.21 -5.98 -9.77
CA ALA B 335 1.41 -5.76 -10.56
C ALA B 335 2.01 -7.03 -11.22
N GLN B 336 1.34 -8.18 -11.11
CA GLN B 336 1.88 -9.41 -11.71
C GLN B 336 1.20 -9.67 -13.07
N ARG B 337 1.78 -10.56 -13.86
CA ARG B 337 1.22 -10.90 -15.17
C ARG B 337 -0.01 -11.77 -14.94
N THR B 338 -1.16 -11.15 -14.78
CA THR B 338 -2.39 -11.86 -14.52
C THR B 338 -3.57 -11.10 -15.10
N LEU B 339 -4.62 -11.83 -15.45
CA LEU B 339 -5.84 -11.24 -15.97
C LEU B 339 -6.68 -10.65 -14.85
N THR B 340 -6.62 -11.28 -13.68
CA THR B 340 -7.32 -10.82 -12.50
C THR B 340 -6.34 -10.39 -11.43
N ALA B 341 -6.87 -9.61 -10.49
CA ALA B 341 -6.14 -9.20 -9.30
C ALA B 341 -6.80 -9.90 -8.12
N ARG B 342 -6.06 -10.76 -7.45
CA ARG B 342 -6.60 -11.49 -6.30
C ARG B 342 -6.43 -10.77 -4.96
N PHE B 343 -7.51 -10.72 -4.18
CA PHE B 343 -7.48 -10.27 -2.78
C PHE B 343 -7.94 -11.38 -1.85
N GLN B 344 -7.00 -11.92 -1.10
CA GLN B 344 -7.28 -12.82 0.02
C GLN B 344 -7.63 -12.01 1.26
N VAL B 345 -8.92 -11.94 1.54
CA VAL B 345 -9.43 -11.08 2.60
C VAL B 345 -9.46 -11.90 3.89
N ASN B 346 -8.35 -11.85 4.62
CA ASN B 346 -8.17 -12.73 5.76
C ASN B 346 -8.92 -12.35 7.06
N ASN B 347 -9.46 -11.14 7.16
CA ASN B 347 -10.04 -10.71 8.45
C ASN B 347 -11.56 -10.87 8.54
N THR B 348 -12.18 -11.54 7.58
CA THR B 348 -13.58 -11.90 7.71
C THR B 348 -13.70 -13.27 8.38
N ARG B 349 -14.91 -13.66 8.79
CA ARG B 349 -15.18 -14.99 9.38
C ARG B 349 -16.20 -15.72 8.52
N PRO B 350 -15.80 -16.69 7.71
CA PRO B 350 -14.41 -17.10 7.51
C PRO B 350 -13.66 -16.21 6.52
N PRO B 351 -12.33 -16.34 6.48
CA PRO B 351 -11.55 -15.68 5.43
C PRO B 351 -12.16 -15.96 4.05
N HIS B 352 -12.03 -15.02 3.11
CA HIS B 352 -12.59 -15.23 1.78
C HIS B 352 -11.69 -14.63 0.72
N VAL B 353 -12.05 -14.87 -0.55
CA VAL B 353 -11.25 -14.40 -1.67
C VAL B 353 -12.16 -13.65 -2.64
N GLN B 354 -11.61 -12.57 -3.20
CA GLN B 354 -12.29 -11.79 -4.22
C GLN B 354 -11.28 -11.56 -5.32
N LEU B 355 -11.77 -11.44 -6.55
CA LEU B 355 -10.94 -11.07 -7.69
C LEU B 355 -11.49 -9.80 -8.35
N LEU B 356 -10.59 -8.99 -8.88
CA LEU B 356 -11.00 -7.90 -9.76
C LEU B 356 -10.53 -8.14 -11.18
N ARG B 357 -11.35 -7.68 -12.11
CA ARG B 357 -11.04 -7.74 -13.53
C ARG B 357 -10.01 -6.66 -13.85
N LYS B 358 -8.84 -7.03 -14.35
CA LYS B 358 -7.84 -6.02 -14.71
C LYS B 358 -8.05 -5.54 -16.13
N PRO B 359 -7.46 -4.39 -16.49
CA PRO B 359 -7.70 -3.89 -17.86
C PRO B 359 -7.29 -4.86 -18.98
N VAL B 360 -6.23 -5.63 -18.77
CA VAL B 360 -5.84 -6.58 -19.78
C VAL B 360 -7.00 -7.53 -20.09
N LEU B 361 -7.67 -8.01 -19.04
CA LEU B 361 -8.84 -8.87 -19.23
C LEU B 361 -9.97 -8.17 -19.97
N THR B 362 -10.24 -6.94 -19.56
CA THR B 362 -11.27 -6.11 -20.18
C THR B 362 -10.96 -5.91 -21.67
N ALA B 363 -9.70 -5.62 -21.98
CA ALA B 363 -9.27 -5.50 -23.38
C ALA B 363 -9.53 -6.75 -24.22
N MET B 364 -9.45 -7.94 -23.64
CA MET B 364 -9.74 -9.14 -24.39
C MET B 364 -11.21 -9.13 -24.87
N GLY B 365 -12.08 -8.50 -24.07
CA GLY B 365 -13.48 -8.31 -24.44
C GLY B 365 -13.69 -7.31 -25.55
N LEU B 366 -12.79 -6.34 -25.69
CA LEU B 366 -12.79 -5.45 -26.83
C LEU B 366 -12.28 -6.13 -28.10
N LEU B 367 -11.17 -6.85 -27.99
CA LEU B 367 -10.66 -7.66 -29.11
C LEU B 367 -11.69 -8.64 -29.63
N ALA B 368 -12.53 -9.14 -28.71
CA ALA B 368 -13.54 -10.14 -29.04
C ALA B 368 -14.64 -9.60 -29.96
N LEU B 369 -14.79 -8.28 -30.00
CA LEU B 369 -15.78 -7.66 -30.88
C LEU B 369 -15.33 -7.64 -32.35
N LEU B 370 -14.05 -7.88 -32.62
CA LEU B 370 -13.57 -8.01 -34.00
C LEU B 370 -14.22 -9.22 -34.68
N ASP B 371 -14.60 -9.04 -35.93
CA ASP B 371 -15.32 -10.04 -36.72
C ASP B 371 -14.41 -10.62 -37.82
N GLU B 372 -15.01 -11.35 -38.74
CA GLU B 372 -14.29 -12.34 -39.53
C GLU B 372 -13.62 -11.79 -40.81
N GLU B 373 -13.76 -10.50 -41.09
CA GLU B 373 -13.14 -9.89 -42.29
C GLU B 373 -12.40 -8.62 -41.93
N GLN B 374 -11.16 -8.50 -42.38
CA GLN B 374 -10.38 -7.30 -42.10
C GLN B 374 -10.69 -6.22 -43.11
N LEU B 375 -10.84 -5.00 -42.61
CA LEU B 375 -11.07 -3.85 -43.47
C LEU B 375 -9.76 -3.15 -43.74
N TRP B 376 -9.69 -2.49 -44.89
CA TRP B 376 -8.59 -1.60 -45.24
C TRP B 376 -8.53 -0.47 -44.24
N ALA B 377 -7.33 -0.14 -43.79
CA ALA B 377 -7.14 0.96 -42.84
C ALA B 377 -5.74 1.52 -42.96
N GLU B 378 -5.58 2.79 -42.62
CA GLU B 378 -4.29 3.45 -42.75
C GLU B 378 -4.10 4.49 -41.66
N VAL B 379 -2.93 4.45 -41.03
CA VAL B 379 -2.58 5.43 -40.04
C VAL B 379 -1.47 6.26 -40.67
N SER B 380 -1.54 7.57 -40.50
CA SER B 380 -0.50 8.48 -41.00
C SER B 380 -0.43 9.72 -40.11
N GLN B 381 0.69 10.44 -40.16
CA GLN B 381 0.82 11.68 -39.39
C GLN B 381 0.82 12.97 -40.26
N ALA B 382 1.96 13.57 -40.55
CA ALA B 382 1.97 14.74 -41.41
C ALA B 382 2.22 14.20 -42.81
N GLY B 383 1.28 13.37 -43.27
CA GLY B 383 1.41 12.68 -44.56
C GLY B 383 2.22 11.38 -44.57
N THR B 384 2.99 11.09 -43.53
CA THR B 384 3.80 9.88 -43.51
C THR B 384 2.96 8.69 -43.04
N VAL B 385 2.96 7.60 -43.82
CA VAL B 385 2.21 6.38 -43.50
C VAL B 385 2.95 5.61 -42.42
N LEU B 386 2.21 5.16 -41.40
CA LEU B 386 2.76 4.45 -40.23
C LEU B 386 2.12 3.07 -40.07
N ASP B 387 2.93 2.02 -40.14
CA ASP B 387 2.44 0.66 -39.86
C ASP B 387 2.37 0.43 -38.35
N SER B 388 1.85 -0.73 -37.95
CA SER B 388 1.60 -1.01 -36.54
C SER B 388 2.86 -1.05 -35.66
N ASN B 389 4.05 -1.00 -36.28
CA ASN B 389 5.32 -0.87 -35.55
C ASN B 389 5.52 0.59 -35.06
N HIS B 390 4.46 1.18 -34.48
CA HIS B 390 4.47 2.56 -33.99
C HIS B 390 3.52 2.64 -32.79
N THR B 391 3.55 3.76 -32.08
CA THR B 391 2.76 3.93 -30.86
C THR B 391 1.26 4.02 -31.07
N VAL B 392 0.83 4.36 -32.28
CA VAL B 392 -0.60 4.41 -32.60
C VAL B 392 -0.87 3.50 -33.78
N GLY B 393 -1.93 2.70 -33.67
CA GLY B 393 -2.30 1.77 -34.74
C GLY B 393 -3.75 1.37 -34.65
N VAL B 394 -4.18 0.52 -35.58
CA VAL B 394 -5.57 0.18 -35.71
C VAL B 394 -5.78 -1.22 -36.24
N LEU B 395 -6.93 -1.78 -35.90
CA LEU B 395 -7.39 -3.05 -36.43
C LEU B 395 -8.88 -2.85 -36.65
N ALA B 396 -9.33 -3.08 -37.87
CA ALA B 396 -10.71 -2.83 -38.26
C ALA B 396 -11.25 -4.05 -38.93
N SER B 397 -12.51 -4.36 -38.65
CA SER B 397 -13.12 -5.56 -39.17
C SER B 397 -14.55 -5.27 -39.62
N ALA B 398 -15.12 -6.24 -40.34
CA ALA B 398 -16.50 -6.21 -40.75
C ALA B 398 -17.12 -7.61 -40.66
N HIS B 399 -18.44 -7.64 -40.48
CA HIS B 399 -19.20 -8.86 -40.36
C HIS B 399 -20.20 -9.03 -41.52
N ARG B 400 -20.16 -10.18 -42.18
CA ARG B 400 -21.21 -10.55 -43.13
C ARG B 400 -22.32 -11.24 -42.34
N PRO B 401 -23.55 -10.69 -42.42
CA PRO B 401 -24.67 -11.25 -41.65
C PRO B 401 -25.09 -12.64 -42.07
N GLN B 402 -25.69 -13.38 -41.11
CA GLN B 402 -25.85 -14.84 -41.13
C GLN B 402 -27.32 -15.21 -40.95
N GLY B 403 -27.92 -14.78 -39.84
CA GLY B 403 -29.35 -14.95 -39.62
C GLY B 403 -30.12 -13.64 -39.59
N PRO B 404 -31.40 -13.71 -39.19
CA PRO B 404 -32.23 -12.53 -38.95
C PRO B 404 -32.01 -11.88 -37.57
N ALA B 405 -31.27 -12.56 -36.68
CA ALA B 405 -30.86 -12.04 -35.38
C ALA B 405 -29.52 -11.28 -35.44
N ASP B 406 -29.11 -10.94 -36.66
CA ASP B 406 -27.74 -10.58 -36.99
C ASP B 406 -27.79 -9.54 -38.11
N ALA B 407 -26.79 -8.67 -38.18
CA ALA B 407 -26.72 -7.70 -39.27
C ALA B 407 -25.27 -7.25 -39.50
N TRP B 408 -25.05 -6.39 -40.49
CA TRP B 408 -23.71 -5.86 -40.77
C TRP B 408 -23.12 -5.16 -39.54
N ARG B 409 -21.82 -5.38 -39.32
CA ARG B 409 -21.10 -4.69 -38.24
C ARG B 409 -19.71 -4.30 -38.70
N ALA B 410 -19.23 -3.19 -38.16
CA ALA B 410 -17.83 -2.84 -38.20
C ALA B 410 -17.34 -2.60 -36.77
N ALA B 411 -16.16 -3.12 -36.47
CA ALA B 411 -15.46 -2.82 -35.24
C ALA B 411 -14.09 -2.25 -35.57
N VAL B 412 -13.79 -1.08 -35.02
CA VAL B 412 -12.53 -0.40 -35.25
C VAL B 412 -11.84 -0.23 -33.90
N LEU B 413 -10.77 -0.98 -33.68
CA LEU B 413 -10.04 -0.92 -32.43
C LEU B 413 -8.73 -0.16 -32.64
N ILE B 414 -8.64 1.00 -32.00
CA ILE B 414 -7.46 1.83 -32.10
C ILE B 414 -6.68 1.76 -30.80
N TYR B 415 -5.35 1.69 -30.89
CA TYR B 415 -4.50 1.66 -29.69
C TYR B 415 -3.52 2.81 -29.69
N ALA B 416 -3.19 3.25 -28.49
CA ALA B 416 -2.08 4.13 -28.26
C ALA B 416 -1.23 3.49 -27.18
N SER B 417 -0.02 3.08 -27.54
CA SER B 417 0.81 2.29 -26.64
C SER B 417 2.26 2.46 -26.94
N ASP B 418 3.04 2.77 -25.91
CA ASP B 418 4.50 2.81 -26.05
C ASP B 418 5.10 1.61 -25.29
N ASP B 419 4.59 0.43 -25.64
CA ASP B 419 4.95 -0.83 -25.01
C ASP B 419 4.78 -0.77 -23.48
N THR B 420 5.86 -0.98 -22.71
CA THR B 420 5.79 -0.95 -21.25
C THR B 420 5.85 0.45 -20.67
N ARG B 421 6.08 1.47 -21.50
CA ARG B 421 6.17 2.87 -21.04
C ARG B 421 4.82 3.59 -21.13
N ALA B 422 4.40 4.17 -20.01
CA ALA B 422 3.23 5.04 -19.95
C ALA B 422 3.68 6.50 -19.92
N HIS B 423 2.86 7.38 -20.47
CA HIS B 423 3.18 8.81 -20.55
C HIS B 423 1.98 9.60 -20.07
N PRO B 424 1.87 9.77 -18.74
CA PRO B 424 0.67 10.38 -18.16
C PRO B 424 0.43 11.82 -18.59
N ASN B 425 1.48 12.54 -18.96
CA ASN B 425 1.33 13.93 -19.37
C ASN B 425 0.92 14.13 -20.84
N ARG B 426 1.08 13.10 -21.67
CA ARG B 426 0.81 13.25 -23.11
C ARG B 426 -0.63 13.01 -23.50
N SER B 427 -1.07 13.72 -24.51
CA SER B 427 -2.38 13.55 -25.14
C SER B 427 -2.09 13.40 -26.62
N VAL B 428 -2.74 12.45 -27.27
CA VAL B 428 -2.47 12.14 -28.66
C VAL B 428 -3.70 12.46 -29.47
N ALA B 429 -3.55 13.41 -30.37
CA ALA B 429 -4.66 13.85 -31.20
C ALA B 429 -4.85 12.87 -32.33
N VAL B 430 -6.06 12.35 -32.45
CA VAL B 430 -6.38 11.39 -33.48
C VAL B 430 -7.62 11.85 -34.23
N THR B 431 -7.55 11.80 -35.56
CA THR B 431 -8.73 12.00 -36.41
C THR B 431 -9.05 10.67 -37.12
N LEU B 432 -10.21 10.11 -36.79
CA LEU B 432 -10.69 8.90 -37.41
C LEU B 432 -11.66 9.28 -38.51
N ARG B 433 -11.28 9.00 -39.76
CA ARG B 433 -12.18 9.15 -40.89
CA ARG B 433 -12.19 9.15 -40.88
C ARG B 433 -12.65 7.76 -41.32
N LEU B 434 -13.88 7.41 -40.97
CA LEU B 434 -14.48 6.16 -41.43
C LEU B 434 -15.38 6.44 -42.63
N ARG B 435 -15.12 5.76 -43.74
CA ARG B 435 -15.87 5.95 -44.99
C ARG B 435 -16.31 4.55 -45.47
N GLY B 436 -17.29 4.51 -46.36
CA GLY B 436 -17.65 3.27 -47.05
C GLY B 436 -18.63 2.34 -46.36
N VAL B 437 -19.29 2.80 -45.31
CA VAL B 437 -20.23 1.93 -44.59
C VAL B 437 -21.41 1.58 -45.48
N PRO B 438 -21.64 0.29 -45.76
CA PRO B 438 -22.79 -0.03 -46.60
C PRO B 438 -24.11 0.38 -45.97
N PRO B 439 -25.06 0.81 -46.80
CA PRO B 439 -26.29 1.37 -46.25
C PRO B 439 -27.14 0.25 -45.65
N GLY B 440 -27.93 0.56 -44.65
CA GLY B 440 -28.82 -0.45 -44.05
C GLY B 440 -29.67 0.13 -42.94
N PRO B 441 -30.59 -0.66 -42.39
CA PRO B 441 -31.52 -0.18 -41.37
C PRO B 441 -30.85 0.23 -40.05
N GLY B 442 -31.33 1.34 -39.48
CA GLY B 442 -30.94 1.82 -38.16
C GLY B 442 -29.47 1.83 -37.82
N LEU B 443 -28.63 2.31 -38.73
CA LEU B 443 -27.20 2.35 -38.48
C LEU B 443 -26.83 3.24 -37.30
N VAL B 444 -26.20 2.66 -36.28
CA VAL B 444 -25.73 3.42 -35.12
C VAL B 444 -24.28 3.09 -34.83
N TYR B 445 -23.64 3.95 -34.04
CA TYR B 445 -22.29 3.67 -33.57
C TYR B 445 -22.18 3.87 -32.05
N VAL B 446 -21.30 3.07 -31.44
CA VAL B 446 -20.99 3.16 -30.02
C VAL B 446 -19.48 3.16 -29.82
N THR B 447 -19.01 4.07 -28.97
CA THR B 447 -17.61 4.12 -28.57
C THR B 447 -17.41 3.50 -27.18
N ARG B 448 -16.25 2.88 -27.00
CA ARG B 448 -15.82 2.35 -25.72
C ARG B 448 -14.36 2.68 -25.57
N TYR B 449 -14.00 3.28 -24.43
CA TYR B 449 -12.68 3.88 -24.24
C TYR B 449 -12.06 3.42 -22.93
N LEU B 450 -10.76 3.11 -22.95
CA LEU B 450 -10.01 2.73 -21.76
C LEU B 450 -8.77 3.57 -21.62
N ASP B 451 -8.56 4.15 -20.45
CA ASP B 451 -7.23 4.66 -20.06
C ASP B 451 -7.03 4.56 -18.53
N ASN B 452 -5.81 4.89 -18.10
CA ASN B 452 -5.42 4.75 -16.70
C ASN B 452 -6.11 5.71 -15.75
N GLY B 453 -6.58 6.84 -16.28
CA GLY B 453 -7.31 7.81 -15.49
C GLY B 453 -8.71 7.33 -15.18
N LEU B 454 -9.39 6.77 -16.15
CA LEU B 454 -10.81 6.48 -16.01
C LEU B 454 -11.13 5.02 -15.69
N CYS B 455 -10.31 4.08 -16.15
CA CYS B 455 -10.64 2.65 -16.05
C CYS B 455 -9.49 1.81 -15.51
N SER B 456 -8.97 2.18 -14.34
CA SER B 456 -7.92 1.41 -13.70
C SER B 456 -8.28 1.03 -12.26
N PRO B 457 -8.82 -0.17 -12.04
CA PRO B 457 -9.04 -0.64 -10.68
C PRO B 457 -7.80 -0.49 -9.78
N ASP B 458 -6.60 -0.73 -10.31
CA ASP B 458 -5.36 -0.45 -9.59
C ASP B 458 -5.30 1.00 -9.09
N GLY B 459 -5.64 1.93 -9.97
CA GLY B 459 -5.62 3.35 -9.63
C GLY B 459 -6.63 3.68 -8.55
N GLU B 460 -7.83 3.11 -8.63
CA GLU B 460 -8.80 3.26 -7.55
C GLU B 460 -8.30 2.67 -6.23
N TRP B 461 -7.62 1.54 -6.31
CA TRP B 461 -7.07 0.91 -5.15
C TRP B 461 -6.08 1.87 -4.46
N ARG B 462 -5.21 2.48 -5.24
CA ARG B 462 -4.20 3.40 -4.71
C ARG B 462 -4.81 4.72 -4.18
N ARG B 463 -5.79 5.25 -4.91
CA ARG B 463 -6.58 6.37 -4.41
C ARG B 463 -7.19 6.06 -3.02
N LEU B 464 -7.62 4.82 -2.79
CA LEU B 464 -8.19 4.41 -1.50
C LEU B 464 -7.16 4.12 -0.43
N GLY B 465 -5.87 4.17 -0.77
CA GLY B 465 -4.79 3.97 0.19
C GLY B 465 -4.25 2.54 0.23
N ARG B 466 -4.46 1.77 -0.83
CA ARG B 466 -3.91 0.40 -0.95
C ARG B 466 -4.33 -0.52 0.20
N PRO B 467 -5.63 -0.56 0.49
CA PRO B 467 -6.04 -1.45 1.56
C PRO B 467 -5.70 -2.90 1.25
N VAL B 468 -5.02 -3.56 2.19
CA VAL B 468 -4.62 -4.94 2.05
C VAL B 468 -5.83 -5.87 2.11
N PHE B 469 -6.80 -5.59 2.98
CA PHE B 469 -8.05 -6.38 3.06
C PHE B 469 -9.26 -5.49 2.80
N PRO B 470 -9.58 -5.21 1.53
CA PRO B 470 -10.62 -4.21 1.24
C PRO B 470 -11.96 -4.54 1.79
N THR B 471 -12.70 -3.51 2.18
CA THR B 471 -14.09 -3.66 2.60
C THR B 471 -15.01 -3.81 1.42
N ALA B 472 -16.23 -4.25 1.67
CA ALA B 472 -17.27 -4.30 0.65
C ALA B 472 -17.29 -3.03 -0.21
N GLU B 473 -17.31 -1.88 0.46
CA GLU B 473 -17.42 -0.60 -0.20
C GLU B 473 -16.20 -0.29 -1.05
N GLN B 474 -15.02 -0.58 -0.51
CA GLN B 474 -13.80 -0.38 -1.27
C GLN B 474 -13.78 -1.24 -2.55
N PHE B 475 -14.28 -2.48 -2.45
CA PHE B 475 -14.40 -3.34 -3.61
C PHE B 475 -15.36 -2.76 -4.66
N ARG B 476 -16.48 -2.17 -4.23
CA ARG B 476 -17.41 -1.54 -5.19
C ARG B 476 -16.75 -0.39 -5.92
N ARG B 477 -16.02 0.41 -5.16
CA ARG B 477 -15.31 1.56 -5.69
C ARG B 477 -14.31 1.07 -6.74
N MET B 478 -13.54 0.03 -6.39
CA MET B 478 -12.55 -0.51 -7.33
C MET B 478 -13.17 -1.08 -8.61
N ARG B 479 -14.28 -1.78 -8.47
CA ARG B 479 -14.94 -2.43 -9.58
C ARG B 479 -15.57 -1.44 -10.53
N ALA B 480 -15.90 -0.26 -10.03
CA ALA B 480 -16.54 0.76 -10.85
C ALA B 480 -15.63 1.25 -11.97
N ALA B 481 -14.32 0.95 -11.86
CA ALA B 481 -13.35 1.29 -12.90
C ALA B 481 -13.00 0.14 -13.85
N GLU B 482 -13.68 -1.01 -13.76
CA GLU B 482 -13.37 -2.17 -14.60
C GLU B 482 -13.75 -1.92 -16.09
N ASP B 483 -14.98 -1.47 -16.31
CA ASP B 483 -15.53 -1.32 -17.66
C ASP B 483 -15.00 -0.11 -18.42
N PRO B 484 -15.02 -0.18 -19.76
CA PRO B 484 -14.65 0.99 -20.53
C PRO B 484 -15.72 2.06 -20.44
N VAL B 485 -15.33 3.30 -20.64
CA VAL B 485 -16.28 4.41 -20.76
C VAL B 485 -17.02 4.31 -22.09
N ALA B 486 -18.34 4.16 -22.01
CA ALA B 486 -19.15 3.97 -23.20
C ALA B 486 -20.09 5.14 -23.46
N ALA B 487 -20.09 5.63 -24.69
CA ALA B 487 -21.11 6.59 -25.15
C ALA B 487 -22.31 5.82 -25.72
N ALA B 488 -23.50 6.26 -25.38
CA ALA B 488 -24.72 5.59 -25.82
C ALA B 488 -24.82 5.62 -27.35
N PRO B 489 -25.62 4.70 -27.94
CA PRO B 489 -25.73 4.62 -29.41
C PRO B 489 -26.25 5.89 -30.07
N ARG B 490 -25.49 6.42 -31.04
CA ARG B 490 -25.88 7.59 -31.83
C ARG B 490 -26.12 7.17 -33.27
N PRO B 491 -27.14 7.76 -33.95
CA PRO B 491 -27.30 7.43 -35.37
C PRO B 491 -26.09 7.87 -36.18
N LEU B 492 -25.74 7.09 -37.19
CA LEU B 492 -24.60 7.39 -38.05
C LEU B 492 -24.97 8.56 -38.98
N PRO B 493 -23.99 9.44 -39.29
CA PRO B 493 -24.31 10.45 -40.29
C PRO B 493 -24.67 9.88 -41.68
N ALA B 494 -25.27 10.71 -42.53
CA ALA B 494 -25.59 10.31 -43.89
C ALA B 494 -24.32 10.11 -44.71
N GLY B 495 -24.45 9.27 -45.74
CA GLY B 495 -23.36 9.03 -46.68
C GLY B 495 -22.53 7.79 -46.37
N GLY B 496 -22.83 7.14 -45.25
CA GLY B 496 -22.01 6.04 -44.74
C GLY B 496 -20.67 6.48 -44.17
N ARG B 497 -20.62 7.68 -43.60
CA ARG B 497 -19.37 8.28 -43.14
C ARG B 497 -19.42 8.60 -41.65
N LEU B 498 -18.25 8.62 -41.02
CA LEU B 498 -18.15 9.02 -39.62
C LEU B 498 -16.77 9.60 -39.40
N THR B 499 -16.72 10.81 -38.85
CA THR B 499 -15.45 11.42 -38.47
C THR B 499 -15.51 11.74 -36.99
N LEU B 500 -14.49 11.31 -36.24
CA LEU B 500 -14.38 11.61 -34.81
C LEU B 500 -12.98 12.11 -34.54
N ARG B 501 -12.86 13.00 -33.56
CA ARG B 501 -11.59 13.59 -33.22
C ARG B 501 -11.35 13.42 -31.72
N PRO B 502 -11.13 12.16 -31.28
CA PRO B 502 -10.84 11.92 -29.89
C PRO B 502 -9.41 12.35 -29.51
N ALA B 503 -9.23 12.76 -28.27
CA ALA B 503 -7.91 12.90 -27.65
C ALA B 503 -7.64 11.62 -26.87
N LEU B 504 -6.63 10.86 -27.29
CA LEU B 504 -6.32 9.58 -26.67
C LEU B 504 -5.21 9.78 -25.71
N ARG B 505 -5.27 9.08 -24.59
CA ARG B 505 -4.16 9.08 -23.64
C ARG B 505 -3.15 8.00 -24.03
N LEU B 506 -1.99 8.02 -23.38
CA LEU B 506 -0.93 7.11 -23.68
C LEU B 506 -0.49 6.39 -22.40
N PRO B 507 -1.06 5.23 -22.09
CA PRO B 507 -1.77 4.36 -23.02
C PRO B 507 -3.27 4.57 -23.09
N SER B 508 -3.87 4.09 -24.17
CA SER B 508 -5.32 4.00 -24.27
C SER B 508 -5.77 3.03 -25.36
N LEU B 509 -7.04 2.65 -25.29
CA LEU B 509 -7.71 1.82 -26.26
C LEU B 509 -9.06 2.48 -26.56
N LEU B 510 -9.47 2.47 -27.83
CA LEU B 510 -10.75 3.01 -28.24
C LEU B 510 -11.38 2.09 -29.25
N LEU B 511 -12.56 1.56 -28.95
CA LEU B 511 -13.27 0.75 -29.89
C LEU B 511 -14.49 1.50 -30.39
N VAL B 512 -14.55 1.71 -31.71
CA VAL B 512 -15.72 2.26 -32.37
C VAL B 512 -16.50 1.13 -33.02
N HIS B 513 -17.75 0.96 -32.60
CA HIS B 513 -18.59 -0.14 -33.05
C HIS B 513 -19.73 0.44 -33.87
N VAL B 514 -19.80 0.08 -35.15
CA VAL B 514 -20.84 0.57 -36.05
C VAL B 514 -21.69 -0.62 -36.42
N CYS B 515 -22.98 -0.54 -36.08
CA CYS B 515 -23.88 -1.68 -36.25
C CYS B 515 -25.13 -1.31 -37.04
N ALA B 516 -25.51 -2.18 -37.96
CA ALA B 516 -26.82 -2.11 -38.58
C ALA B 516 -27.77 -2.85 -37.67
N ARG B 517 -29.06 -2.49 -37.75
CA ARG B 517 -30.11 -3.07 -36.90
C ARG B 517 -30.63 -4.42 -37.43
N PRO B 518 -30.43 -5.51 -36.66
CA PRO B 518 -31.00 -6.79 -37.09
C PRO B 518 -32.53 -6.81 -37.07
N GLU B 519 -33.11 -7.67 -37.91
CA GLU B 519 -34.56 -7.85 -37.99
C GLU B 519 -35.14 -8.20 -36.62
N LYS B 520 -34.56 -9.20 -35.97
CA LYS B 520 -35.07 -9.69 -34.70
C LYS B 520 -34.21 -9.24 -33.51
N PRO B 521 -34.82 -9.20 -32.31
CA PRO B 521 -34.07 -8.84 -31.12
C PRO B 521 -33.08 -9.96 -30.69
N PRO B 522 -32.26 -9.68 -29.66
CA PRO B 522 -31.32 -10.68 -29.19
C PRO B 522 -31.96 -11.97 -28.68
N GLY B 523 -31.18 -13.05 -28.73
CA GLY B 523 -31.55 -14.33 -28.16
C GLY B 523 -31.37 -14.39 -26.65
N GLN B 524 -31.55 -15.59 -26.10
CA GLN B 524 -31.67 -15.81 -24.66
C GLN B 524 -30.31 -15.99 -24.00
N VAL B 525 -30.08 -15.28 -22.90
CA VAL B 525 -28.94 -15.58 -22.02
C VAL B 525 -29.11 -16.98 -21.44
N THR B 526 -28.05 -17.76 -21.47
CA THR B 526 -28.09 -19.12 -20.93
C THR B 526 -27.04 -19.35 -19.86
N ARG B 527 -27.18 -20.49 -19.18
CA ARG B 527 -26.14 -21.00 -18.26
C ARG B 527 -25.80 -20.06 -17.13
N LEU B 528 -26.85 -19.44 -16.58
CA LEU B 528 -26.66 -18.54 -15.48
C LEU B 528 -26.26 -19.32 -14.23
N ARG B 529 -25.24 -18.85 -13.53
CA ARG B 529 -24.80 -19.43 -12.26
C ARG B 529 -24.54 -18.36 -11.20
N ALA B 530 -24.79 -18.72 -9.94
CA ALA B 530 -24.50 -17.85 -8.81
C ALA B 530 -23.35 -18.45 -7.98
N LEU B 531 -22.27 -17.70 -7.79
CA LEU B 531 -21.13 -18.19 -7.00
C LEU B 531 -20.95 -17.36 -5.73
N PRO B 532 -20.97 -18.00 -4.55
CA PRO B 532 -20.79 -17.23 -3.30
C PRO B 532 -19.39 -16.57 -3.17
N LEU B 533 -19.35 -15.37 -2.62
CA LEU B 533 -18.07 -14.76 -2.28
C LEU B 533 -17.88 -14.68 -0.77
N THR B 534 -18.89 -14.17 -0.07
CA THR B 534 -18.86 -13.96 1.37
C THR B 534 -20.26 -13.48 1.76
N GLN B 535 -20.56 -13.37 3.05
CA GLN B 535 -21.88 -12.86 3.45
C GLN B 535 -22.21 -11.57 2.68
N GLY B 536 -23.36 -11.54 2.01
CA GLY B 536 -23.86 -10.33 1.35
C GLY B 536 -23.35 -10.07 -0.05
N GLN B 537 -22.61 -11.03 -0.62
CA GLN B 537 -21.96 -10.86 -1.92
C GLN B 537 -21.95 -12.18 -2.70
N LEU B 538 -22.25 -12.10 -3.99
CA LEU B 538 -22.08 -13.24 -4.89
C LEU B 538 -21.66 -12.77 -6.27
N VAL B 539 -21.14 -13.69 -7.07
CA VAL B 539 -20.89 -13.46 -8.50
C VAL B 539 -22.01 -14.09 -9.31
N LEU B 540 -22.52 -13.35 -10.29
CA LEU B 540 -23.37 -13.92 -11.34
C LEU B 540 -22.55 -14.03 -12.63
N VAL B 541 -22.64 -15.18 -13.30
CA VAL B 541 -21.91 -15.42 -14.54
C VAL B 541 -22.79 -16.20 -15.52
N TRP B 542 -22.64 -15.93 -16.82
CA TRP B 542 -23.53 -16.51 -17.83
C TRP B 542 -22.86 -16.62 -19.18
N SER B 543 -23.55 -17.28 -20.11
CA SER B 543 -23.07 -17.47 -21.47
C SER B 543 -23.86 -16.62 -22.43
N ASP B 544 -23.18 -16.12 -23.45
CA ASP B 544 -23.85 -15.40 -24.54
C ASP B 544 -23.95 -16.27 -25.81
N GLU B 545 -23.76 -17.58 -25.66
CA GLU B 545 -23.78 -18.52 -26.79
C GLU B 545 -24.99 -18.36 -27.73
N HIS B 546 -26.20 -18.15 -27.20
CA HIS B 546 -27.41 -18.05 -28.04
C HIS B 546 -27.96 -16.64 -28.18
N VAL B 547 -27.16 -15.64 -27.85
CA VAL B 547 -27.57 -14.25 -27.92
C VAL B 547 -27.61 -13.76 -29.38
N GLY B 548 -26.66 -14.24 -30.20
CA GLY B 548 -26.75 -14.06 -31.64
C GLY B 548 -26.24 -12.80 -32.32
N SER B 549 -26.01 -11.71 -31.58
CA SER B 549 -25.40 -10.48 -32.09
C SER B 549 -24.41 -9.92 -31.06
N LYS B 550 -23.42 -9.15 -31.54
CA LYS B 550 -22.46 -8.48 -30.70
C LYS B 550 -22.87 -7.05 -30.40
N CYS B 551 -24.01 -6.61 -30.92
CA CYS B 551 -24.42 -5.20 -30.80
C CYS B 551 -25.22 -5.03 -29.52
N LEU B 552 -24.51 -5.14 -28.39
CA LEU B 552 -25.12 -5.19 -27.07
C LEU B 552 -24.66 -4.00 -26.22
N TRP B 553 -25.63 -3.36 -25.58
CA TRP B 553 -25.36 -2.24 -24.70
C TRP B 553 -25.02 -2.72 -23.27
N THR B 554 -25.88 -3.57 -22.72
CA THR B 554 -25.69 -4.13 -21.40
C THR B 554 -26.46 -5.42 -21.21
N TYR B 555 -26.31 -6.06 -20.06
CA TYR B 555 -27.16 -7.17 -19.65
C TYR B 555 -28.00 -6.68 -18.48
N GLU B 556 -29.31 -6.75 -18.59
CA GLU B 556 -30.20 -6.31 -17.51
C GLU B 556 -30.35 -7.46 -16.51
N ILE B 557 -29.95 -7.22 -15.26
CA ILE B 557 -30.08 -8.21 -14.20
C ILE B 557 -31.29 -7.89 -13.33
N GLN B 558 -32.08 -8.91 -13.00
CA GLN B 558 -33.22 -8.74 -12.11
C GLN B 558 -33.17 -9.72 -10.93
N PHE B 559 -33.69 -9.25 -9.80
CA PHE B 559 -33.63 -9.95 -8.51
C PHE B 559 -35.01 -9.97 -7.85
N SER B 560 -35.37 -11.13 -7.29
CA SER B 560 -36.69 -11.34 -6.69
C SER B 560 -36.53 -12.07 -5.36
N GLN B 561 -37.09 -11.52 -4.29
CA GLN B 561 -37.01 -12.18 -2.97
C GLN B 561 -38.39 -12.44 -2.40
N ASP B 562 -38.45 -13.42 -1.48
CA ASP B 562 -39.71 -13.84 -0.88
C ASP B 562 -40.76 -14.09 -1.97
N GLY B 563 -40.34 -14.70 -3.07
CA GLY B 563 -41.22 -14.95 -4.22
C GLY B 563 -41.99 -13.75 -4.76
N LYS B 564 -41.53 -12.54 -4.46
CA LYS B 564 -42.20 -11.31 -4.92
C LYS B 564 -41.89 -11.05 -6.42
N ALA B 565 -42.11 -9.82 -6.88
CA ALA B 565 -41.82 -9.42 -8.25
C ALA B 565 -40.31 -9.20 -8.48
N TYR B 566 -39.85 -9.50 -9.69
CA TYR B 566 -38.46 -9.22 -10.05
C TYR B 566 -38.24 -7.71 -10.15
N THR B 567 -37.13 -7.25 -9.57
CA THR B 567 -36.76 -5.83 -9.58
C THR B 567 -35.43 -5.68 -10.31
N PRO B 568 -35.31 -4.64 -11.16
CA PRO B 568 -34.03 -4.48 -11.85
C PRO B 568 -32.93 -4.06 -10.89
N VAL B 569 -31.72 -4.57 -11.11
CA VAL B 569 -30.55 -4.15 -10.35
C VAL B 569 -29.88 -3.04 -11.14
N SER B 570 -29.85 -1.84 -10.58
CA SER B 570 -29.26 -0.68 -11.25
C SER B 570 -27.77 -0.81 -11.27
N ARG B 571 -27.17 -0.58 -12.43
CA ARG B 571 -25.73 -0.69 -12.55
C ARG B 571 -25.21 -0.01 -13.80
N LYS B 572 -23.92 0.34 -13.76
CA LYS B 572 -23.19 0.73 -14.96
C LYS B 572 -23.42 -0.25 -16.12
N PRO B 573 -23.53 0.28 -17.35
CA PRO B 573 -23.65 -0.61 -18.49
C PRO B 573 -22.38 -1.44 -18.66
N SER B 574 -22.53 -2.71 -19.03
CA SER B 574 -21.41 -3.64 -19.13
C SER B 574 -21.82 -4.83 -19.97
N THR B 575 -20.94 -5.24 -20.87
CA THR B 575 -21.20 -6.41 -21.70
C THR B 575 -20.32 -7.60 -21.30
N PHE B 576 -19.54 -7.44 -20.23
CA PHE B 576 -18.81 -8.57 -19.67
C PHE B 576 -19.81 -9.57 -19.04
N ASN B 577 -19.62 -10.86 -19.33
CA ASN B 577 -20.62 -11.86 -18.93
C ASN B 577 -20.51 -12.31 -17.46
N LEU B 578 -20.24 -11.34 -16.57
CA LEU B 578 -20.05 -11.58 -15.15
C LEU B 578 -20.34 -10.29 -14.33
N PHE B 579 -21.07 -10.43 -13.24
CA PHE B 579 -21.39 -9.30 -12.37
C PHE B 579 -21.29 -9.69 -10.90
N VAL B 580 -20.57 -8.90 -10.12
CA VAL B 580 -20.54 -9.09 -8.67
C VAL B 580 -21.66 -8.26 -8.05
N PHE B 581 -22.57 -8.95 -7.37
CA PHE B 581 -23.70 -8.34 -6.68
C PHE B 581 -23.41 -8.20 -5.21
N SER B 582 -23.19 -6.96 -4.78
CA SER B 582 -22.83 -6.61 -3.41
C SER B 582 -23.76 -5.44 -2.98
N PRO B 583 -25.05 -5.77 -2.76
CA PRO B 583 -26.01 -4.73 -2.39
C PRO B 583 -25.69 -4.12 -1.02
N ASP B 584 -26.05 -2.85 -0.84
CA ASP B 584 -25.84 -2.15 0.45
C ASP B 584 -26.55 -2.81 1.63
N THR B 585 -27.68 -3.45 1.36
CA THR B 585 -28.46 -4.12 2.39
C THR B 585 -27.95 -5.51 2.81
N GLY B 586 -27.07 -6.12 2.02
CA GLY B 586 -26.65 -7.53 2.21
C GLY B 586 -27.69 -8.57 1.80
N ALA B 587 -28.80 -8.13 1.20
CA ALA B 587 -29.91 -9.02 0.85
C ALA B 587 -29.67 -9.65 -0.52
N VAL B 588 -29.22 -10.91 -0.52
CA VAL B 588 -28.89 -11.62 -1.76
C VAL B 588 -29.66 -12.92 -1.97
N SER B 589 -30.47 -13.32 -1.00
CA SER B 589 -31.22 -14.59 -1.09
C SER B 589 -32.51 -14.39 -1.88
N GLY B 590 -32.74 -15.25 -2.87
CA GLY B 590 -33.86 -15.08 -3.81
C GLY B 590 -33.56 -15.71 -5.16
N SER B 591 -34.12 -15.15 -6.23
CA SER B 591 -33.92 -15.62 -7.60
C SER B 591 -33.39 -14.53 -8.52
N TYR B 592 -32.57 -14.94 -9.48
CA TYR B 592 -31.95 -14.00 -10.41
C TYR B 592 -32.26 -14.39 -11.83
N ARG B 593 -32.38 -13.40 -12.68
CA ARG B 593 -32.49 -13.66 -14.10
C ARG B 593 -31.84 -12.54 -14.88
N VAL B 594 -31.38 -12.88 -16.09
CA VAL B 594 -30.60 -11.95 -16.90
C VAL B 594 -30.99 -12.00 -18.38
N ARG B 595 -31.01 -10.84 -19.04
CA ARG B 595 -31.26 -10.78 -20.48
C ARG B 595 -30.38 -9.74 -21.19
N ALA B 596 -30.16 -9.93 -22.49
CA ALA B 596 -29.39 -8.96 -23.28
C ALA B 596 -30.24 -7.78 -23.64
N LEU B 597 -29.64 -6.59 -23.65
CA LEU B 597 -30.28 -5.37 -24.12
C LEU B 597 -29.41 -4.80 -25.25
N ASP B 598 -29.98 -4.67 -26.45
CA ASP B 598 -29.19 -4.27 -27.64
C ASP B 598 -29.12 -2.74 -27.84
N TYR B 599 -28.41 -2.31 -28.88
CA TYR B 599 -28.23 -0.88 -29.13
C TYR B 599 -29.49 -0.10 -29.52
N TRP B 600 -30.60 -0.78 -29.75
CA TRP B 600 -31.87 -0.15 -30.11
C TRP B 600 -32.89 -0.38 -28.97
N ALA B 601 -32.37 -0.55 -27.76
CA ALA B 601 -33.19 -0.76 -26.56
C ALA B 601 -34.15 -1.97 -26.60
N ARG B 602 -33.88 -2.98 -27.45
CA ARG B 602 -34.72 -4.18 -27.51
C ARG B 602 -34.15 -5.23 -26.59
N PRO B 603 -34.99 -5.82 -25.72
CA PRO B 603 -34.54 -6.92 -24.86
C PRO B 603 -34.65 -8.27 -25.54
N GLY B 604 -33.74 -9.18 -25.21
CA GLY B 604 -33.92 -10.58 -25.52
C GLY B 604 -34.67 -11.26 -24.39
N PRO B 605 -35.01 -12.55 -24.56
CA PRO B 605 -35.72 -13.23 -23.49
C PRO B 605 -34.84 -13.54 -22.27
N PHE B 606 -35.46 -13.51 -21.10
CA PHE B 606 -34.73 -13.83 -19.87
C PHE B 606 -34.18 -15.24 -19.84
N SER B 607 -33.02 -15.36 -19.19
CA SER B 607 -32.50 -16.66 -18.79
C SER B 607 -33.51 -17.38 -17.91
N ASP B 608 -33.36 -18.69 -17.80
CA ASP B 608 -34.05 -19.40 -16.74
C ASP B 608 -33.65 -18.73 -15.43
N PRO B 609 -34.56 -18.70 -14.44
CA PRO B 609 -34.21 -18.14 -13.14
C PRO B 609 -33.17 -19.00 -12.43
N VAL B 610 -32.36 -18.37 -11.59
CA VAL B 610 -31.41 -19.10 -10.76
C VAL B 610 -31.63 -18.75 -9.29
N PRO B 611 -31.95 -19.76 -8.46
CA PRO B 611 -32.16 -19.51 -7.03
C PRO B 611 -30.83 -19.41 -6.28
N TYR B 612 -30.87 -18.69 -5.16
CA TYR B 612 -29.72 -18.54 -4.28
C TYR B 612 -30.21 -18.36 -2.86
N LEU B 613 -29.77 -19.25 -1.98
CA LEU B 613 -30.09 -19.17 -0.55
C LEU B 613 -28.79 -19.15 0.23
N GLU B 614 -28.48 -18.02 0.83
CA GLU B 614 -27.23 -17.87 1.59
C GLU B 614 -27.25 -18.71 2.86
N VAL B 615 -26.12 -19.34 3.19
CA VAL B 615 -26.01 -20.15 4.42
C VAL B 615 -25.23 -19.39 5.52
N PRO B 616 -25.88 -19.14 6.68
CA PRO B 616 -25.16 -18.45 7.77
C PRO B 616 -24.37 -19.43 8.65
C1 NAG C . 28.06 1.16 32.11
C2 NAG C . 29.38 1.84 31.81
C3 NAG C . 30.27 1.01 30.89
C4 NAG C . 30.42 -0.44 31.33
C5 NAG C . 29.04 -0.99 31.72
C6 NAG C . 29.15 -2.35 32.40
C7 NAG C . 29.15 4.28 31.79
C8 NAG C . 28.86 5.50 30.96
N2 NAG C . 29.14 3.12 31.15
O3 NAG C . 31.57 1.61 30.88
O4 NAG C . 30.98 -1.14 30.19
O5 NAG C . 28.36 -0.13 32.64
O6 NAG C . 27.96 -3.09 32.11
O7 NAG C . 29.36 4.38 32.97
C1 NAG C . 32.07 -2.07 30.45
C2 NAG C . 31.90 -3.18 29.40
C3 NAG C . 33.19 -3.78 28.78
C4 NAG C . 34.53 -3.18 29.22
C5 NAG C . 34.41 -2.48 30.57
C6 NAG C . 35.75 -1.87 30.99
C7 NAG C . 30.00 -4.78 29.52
C8 NAG C . 29.50 -6.03 30.18
N2 NAG C . 31.17 -4.30 29.98
O3 NAG C . 33.07 -3.63 27.36
O4 NAG C . 35.55 -4.20 29.24
O5 NAG C . 33.39 -1.50 30.45
O6 NAG C . 35.64 -0.45 31.01
O7 NAG C . 29.38 -4.26 28.59
C1 NAG D . -7.45 0.24 5.72
C2 NAG D . -6.54 -0.91 5.32
C3 NAG D . -5.08 -0.46 5.27
C4 NAG D . -4.88 0.81 4.43
C5 NAG D . -5.92 1.84 4.81
C6 NAG D . -5.83 3.02 3.84
C7 NAG D . -6.80 -3.27 5.89
C8 NAG D . -6.73 -4.28 7.00
N2 NAG D . -6.65 -2.00 6.26
O3 NAG D . -4.28 -1.54 4.76
O4 NAG D . -3.63 1.44 4.71
O5 NAG D . -7.24 1.29 4.80
O6 NAG D . -6.80 4.02 4.17
O7 NAG D . -6.94 -3.65 4.73
C1 NAG D . -2.48 0.97 3.99
C2 NAG D . -1.42 2.06 4.01
C3 NAG D . -0.19 1.59 3.28
C4 NAG D . 0.31 0.31 3.89
C5 NAG D . -0.79 -0.73 3.99
C6 NAG D . -0.32 -1.87 4.87
C7 NAG D . -2.12 4.43 3.99
C8 NAG D . -2.81 5.49 3.20
N2 NAG D . -1.94 3.26 3.37
O3 NAG D . 0.85 2.56 3.37
O4 NAG D . 1.34 -0.21 3.05
O5 NAG D . -1.97 -0.21 4.58
O6 NAG D . -1.23 -2.97 4.63
O7 NAG D . -1.76 4.60 5.14
C1 BMA D . 2.61 -0.07 3.68
C2 BMA D . 3.55 -1.19 3.26
C3 BMA D . 4.95 -0.98 3.81
C4 BMA D . 5.41 0.44 3.49
C5 BMA D . 4.38 1.46 3.97
C6 BMA D . 4.78 2.91 3.73
O2 BMA D . 3.61 -1.23 1.84
O3 BMA D . 5.88 -1.92 3.26
O4 BMA D . 6.65 0.65 4.16
O5 BMA D . 3.13 1.21 3.31
O6 BMA D . 4.64 3.23 2.33
C1 MAN D . 6.36 -2.95 4.16
C2 MAN D . 7.79 -3.29 3.72
C3 MAN D . 7.70 -3.79 2.26
C4 MAN D . 6.52 -4.70 1.91
C5 MAN D . 5.25 -4.47 2.72
C6 MAN D . 4.41 -5.74 2.66
O2 MAN D . 8.57 -4.12 4.63
O3 MAN D . 8.89 -4.49 1.86
O4 MAN D . 6.14 -4.47 0.55
O5 MAN D . 5.52 -4.09 4.08
O6 MAN D . 3.04 -5.37 2.79
C1 MAN D . 5.18 4.53 2.01
C2 MAN D . 5.20 4.56 0.48
C3 MAN D . 6.31 3.66 -0.06
C4 MAN D . 7.65 3.94 0.65
C5 MAN D . 7.51 3.87 2.18
C6 MAN D . 8.81 4.11 2.96
O2 MAN D . 5.37 5.91 0.02
O3 MAN D . 6.31 3.83 -1.50
O4 MAN D . 8.62 2.95 0.31
O5 MAN D . 6.48 4.80 2.54
O6 MAN D . 8.88 5.39 3.62
C1 NAG E . 10.24 -1.53 -36.26
C2 NAG E . 11.06 -2.29 -37.29
C3 NAG E . 12.50 -2.31 -36.80
C4 NAG E . 13.05 -0.92 -36.65
C5 NAG E . 12.13 -0.09 -35.76
C6 NAG E . 12.45 1.39 -35.87
C7 NAG E . 9.65 -4.07 -38.31
C8 NAG E . 9.46 -5.55 -38.30
N2 NAG E . 10.62 -3.66 -37.48
O3 NAG E . 13.32 -3.01 -37.74
O4 NAG E . 14.36 -1.00 -36.05
O5 NAG E . 10.75 -0.21 -36.13
O6 NAG E . 12.20 1.98 -34.58
O7 NAG E . 8.96 -3.34 -39.03
C1 NAG E . 15.42 -0.48 -36.89
C2 NAG E . 16.58 0.10 -36.04
C3 NAG E . 17.93 0.17 -36.78
C4 NAG E . 18.17 -1.06 -37.65
C5 NAG E . 16.98 -1.22 -38.60
C6 NAG E . 17.17 -2.33 -39.63
C7 NAG E . 15.97 1.86 -34.38
C8 NAG E . 15.67 3.33 -34.21
N2 NAG E . 16.26 1.47 -35.63
O3 NAG E . 19.01 0.35 -35.86
O4 NAG E . 19.41 -0.94 -38.37
O5 NAG E . 15.82 -1.50 -37.81
O6 NAG E . 16.35 -2.05 -40.78
O7 NAG E . 15.94 1.10 -33.42
C1 NAG F . -3.93 -14.03 3.80
C2 NAG F . -2.52 -13.53 3.77
C3 NAG F . -1.75 -14.13 2.59
C4 NAG F . -1.80 -15.66 2.65
C5 NAG F . -3.22 -16.14 2.91
C6 NAG F . -3.17 -17.60 3.26
C7 NAG F . -1.80 -11.27 4.35
C8 NAG F . -1.74 -9.86 3.84
N2 NAG F . -2.52 -12.09 3.61
O3 NAG F . -0.38 -13.68 2.60
O4 NAG F . -1.38 -16.23 1.40
O5 NAG F . -3.90 -15.43 3.96
O6 NAG F . -4.49 -18.07 3.09
O7 NAG F . -1.18 -11.62 5.34
C1 NAG F . 0.02 -16.51 1.31
C2 NAG F . 0.17 -17.62 0.27
C3 NAG F . 1.63 -17.90 0.03
C4 NAG F . 2.38 -16.65 -0.35
C5 NAG F . 2.10 -15.50 0.58
C6 NAG F . 2.53 -14.20 -0.06
C7 NAG F . -1.64 -19.29 0.15
C8 NAG F . -2.23 -20.56 0.71
N2 NAG F . -0.46 -18.88 0.65
O3 NAG F . 1.73 -18.81 -1.07
O4 NAG F . 3.75 -16.99 -0.25
O5 NAG F . 0.73 -15.35 0.93
O6 NAG F . 2.64 -13.25 1.00
O7 NAG F . -2.22 -18.66 -0.70
C1 BMA F . 4.51 -16.58 -1.39
C2 BMA F . 5.91 -16.20 -0.92
C3 BMA F . 6.83 -15.90 -2.10
C4 BMA F . 6.72 -16.99 -3.14
C5 BMA F . 5.26 -17.20 -3.54
C6 BMA F . 5.07 -18.27 -4.60
O2 BMA F . 6.48 -17.25 -0.16
O3 BMA F . 8.19 -15.81 -1.63
O4 BMA F . 7.53 -16.62 -4.25
O5 BMA F . 4.52 -17.60 -2.39
O6 BMA F . 5.13 -19.54 -3.93
C1 MAN F . 5.42 -20.64 -4.81
C2 MAN F . 5.71 -21.83 -3.91
C3 MAN F . 7.18 -21.91 -3.45
C4 MAN F . 8.14 -21.58 -4.59
C5 MAN F . 7.77 -20.22 -5.18
C6 MAN F . 8.80 -19.63 -6.16
O2 MAN F . 5.36 -23.04 -4.61
O3 MAN F . 7.43 -23.22 -2.94
O4 MAN F . 9.48 -21.55 -4.11
O5 MAN F . 6.47 -20.38 -5.76
O6 MAN F . 8.80 -20.33 -7.42
C1 MAN F . 8.33 -23.27 -1.80
C2 MAN F . 8.71 -24.73 -1.59
C3 MAN F . 7.41 -25.53 -1.43
C4 MAN F . 6.50 -24.94 -0.35
C5 MAN F . 6.50 -23.41 -0.22
C6 MAN F . 6.15 -23.02 1.21
O2 MAN F . 9.53 -24.86 -0.41
O3 MAN F . 7.73 -26.88 -1.11
O4 MAN F . 5.16 -25.33 -0.62
O5 MAN F . 7.76 -22.80 -0.58
O6 MAN F . 5.51 -21.74 1.21
C1 MAN F . 8.61 -14.47 -1.33
C2 MAN F . 9.84 -14.23 -2.19
C3 MAN F . 11.01 -15.01 -1.61
C4 MAN F . 11.28 -14.66 -0.13
C5 MAN F . 10.14 -13.86 0.53
C6 MAN F . 10.30 -12.35 0.32
O2 MAN F . 10.13 -12.82 -2.35
O3 MAN F . 12.18 -14.83 -2.42
O4 MAN F . 11.48 -15.87 0.62
O5 MAN F . 8.84 -14.32 0.09
O6 MAN F . 10.51 -11.69 1.58
C1 NAG G . -2.23 28.22 -3.11
C2 NAG G . -3.31 28.67 -4.09
C3 NAG G . -4.69 28.29 -3.52
C4 NAG G . -4.78 26.78 -3.36
C5 NAG G . -3.71 26.42 -2.35
C6 NAG G . -3.66 24.94 -2.00
C7 NAG G . -2.78 30.64 -5.46
C8 NAG G . -2.73 32.14 -5.50
N2 NAG G . -3.21 30.11 -4.31
O3 NAG G . -5.74 28.74 -4.38
O4 NAG G . -6.11 26.32 -2.98
O5 NAG G . -2.43 26.82 -2.88
O6 NAG G . -3.16 24.15 -3.09
O7 NAG G . -2.44 29.98 -6.43
C1 H6B H . 15.01 7.16 11.09
C2 H6B H . 14.05 8.27 11.56
C3 H6B H . 14.33 9.62 10.88
C4 H6B H . 15.68 9.68 10.14
C5 H6B H . 16.83 8.87 10.73
C6 H6B H . 16.45 7.54 11.26
N1 H6B H . 17.26 7.64 10.02
O1 H6B H . 13.28 9.90 9.95
O2 H6B H . 16.08 11.05 10.09
O3 H6B H . 14.10 8.41 12.98
C7 H6B H . 14.67 5.85 11.79
O4 H6B H . 13.60 5.38 11.55
O5 H6B H . 15.45 5.32 12.56
C8 H6B H . 18.66 7.14 10.11
C1 GOL I . 20.96 11.34 41.98
O1 GOL I . 21.47 10.04 41.68
C2 GOL I . 22.07 12.30 42.38
O2 GOL I . 21.84 12.80 43.70
C3 GOL I . 22.09 13.47 41.41
O3 GOL I . 23.44 13.91 41.23
C1 GOL J . 0.25 11.21 32.33
O1 GOL J . 0.39 10.76 30.98
C2 GOL J . -0.66 10.26 33.08
O2 GOL J . -0.23 10.18 34.45
C3 GOL J . -2.14 10.69 32.98
O3 GOL J . -2.86 10.39 34.18
C1 GOL K . -21.88 8.85 30.27
O1 GOL K . -22.01 10.02 31.09
C2 GOL K . -23.28 8.41 29.82
O2 GOL K . -23.23 8.07 28.42
C3 GOL K . -23.76 7.21 30.63
O3 GOL K . -25.02 6.73 30.14
C1 GOL L . -5.83 -1.10 10.20
O1 GOL L . -5.63 -0.83 8.81
C2 GOL L . -4.55 -0.86 11.01
O2 GOL L . -4.23 0.54 10.99
C3 GOL L . -4.80 -1.39 12.43
O3 GOL L . -5.10 -2.80 12.44
C1 GOL M . 12.34 21.64 23.32
O1 GOL M . 11.79 22.81 22.71
C2 GOL M . 13.11 22.12 24.53
O2 GOL M . 12.12 22.71 25.39
C3 GOL M . 13.90 20.98 25.20
O3 GOL M . 13.05 19.98 25.78
C1 GOL N . 21.95 -1.72 33.07
O1 GOL N . 20.96 -0.81 32.61
C2 GOL N . 22.35 -2.61 31.92
O2 GOL N . 23.54 -3.25 32.35
C3 GOL N . 21.26 -3.64 31.65
O3 GOL N . 20.13 -3.02 31.04
C1 GOL O . -6.56 19.24 16.40
O1 GOL O . -5.21 18.71 16.47
C2 GOL O . -6.90 20.31 17.48
O2 GOL O . -8.25 20.84 17.43
C3 GOL O . -6.76 19.71 18.87
O3 GOL O . -5.50 20.13 19.36
O1 TLA P . 16.54 23.71 28.75
O11 TLA P . 15.21 23.55 26.99
C1 TLA P . 15.42 23.51 28.23
C2 TLA P . 14.25 23.19 29.14
O2 TLA P . 13.04 23.13 28.38
C3 TLA P . 14.14 24.25 30.24
O3 TLA P . 13.94 25.48 29.55
C4 TLA P . 13.00 23.98 31.21
O4 TLA P . 13.10 23.03 32.05
O41 TLA P . 11.98 24.71 31.16
CL CL Q . 13.62 2.74 19.06
C1 NAG R . -9.41 -41.40 -6.37
C2 NAG R . -10.02 -42.33 -5.32
C3 NAG R . -10.91 -41.59 -4.29
C4 NAG R . -10.26 -40.32 -3.72
C5 NAG R . -9.80 -39.47 -4.90
C6 NAG R . -9.14 -38.17 -4.43
C7 NAG R . -10.38 -44.64 -6.15
C8 NAG R . -11.27 -45.56 -6.93
N2 NAG R . -10.79 -43.37 -6.03
O3 NAG R . -11.21 -42.44 -3.18
O4 NAG R . -11.14 -39.61 -2.83
O5 NAG R . -8.89 -40.24 -5.71
O6 NAG R . -7.71 -38.33 -4.31
O7 NAG R . -9.33 -45.03 -5.67
C1 H6B S . 7.09 -18.36 -17.42
C2 H6B S . 5.62 -18.77 -17.63
C3 H6B S . 5.44 -20.25 -18.00
C4 H6B S . 6.73 -20.96 -18.43
C5 H6B S . 7.81 -20.12 -19.08
C6 H6B S . 7.97 -18.74 -18.58
N1 H6B S . 9.01 -19.75 -18.27
O1 H6B S . 4.88 -20.95 -16.88
O2 H6B S . 6.36 -21.99 -19.35
O3 H6B S . 5.00 -17.93 -18.62
C7 H6B S . 7.22 -16.87 -17.09
O4 H6B S . 7.20 -16.59 -15.93
O5 H6B S . 7.37 -16.05 -17.98
C8 H6B S . 10.35 -19.56 -18.91
C1 GOL T . -3.30 -3.83 -43.48
O1 GOL T . -4.35 -4.58 -44.12
C2 GOL T . -3.90 -2.81 -42.54
O2 GOL T . -2.94 -1.91 -41.99
C3 GOL T . -4.85 -1.96 -43.34
O3 GOL T . -5.88 -2.78 -43.87
C1 GOL U . 7.83 1.55 -29.69
O1 GOL U . 7.08 1.36 -28.47
C2 GOL U . 6.91 2.24 -30.69
O2 GOL U . 6.19 1.27 -31.48
C3 GOL U . 7.70 3.15 -31.63
O3 GOL U . 8.89 2.49 -32.06
O1 TLA V . -1.91 -7.40 -0.83
O11 TLA V . -4.11 -7.17 -0.72
C1 TLA V . -3.10 -7.82 -1.04
C2 TLA V . -3.36 -9.13 -1.77
O2 TLA V . -4.12 -8.78 -2.92
C3 TLA V . -4.26 -10.16 -1.09
O3 TLA V . -4.60 -11.21 -2.01
C4 TLA V . -3.62 -10.94 -0.02
O4 TLA V . -2.78 -11.75 -0.41
O41 TLA V . -4.01 -10.79 1.17
CL CL W . 4.50 -9.65 -19.42
#